data_1FB6
# 
_entry.id   1FB6 
# 
_audit_conform.dict_name       mmcif_pdbx.dic 
_audit_conform.dict_version    5.399 
_audit_conform.dict_location   http://mmcif.pdb.org/dictionaries/ascii/mmcif_pdbx.dic 
# 
loop_
_database_2.database_id 
_database_2.database_code 
_database_2.pdbx_database_accession 
_database_2.pdbx_DOI 
PDB   1FB6         pdb_00001fb6 10.2210/pdb1fb6/pdb 
RCSB  RCSB011451   ?            ?                   
WWPDB D_1000011451 ?            ?                   
# 
loop_
_pdbx_audit_revision_history.ordinal 
_pdbx_audit_revision_history.data_content_type 
_pdbx_audit_revision_history.major_revision 
_pdbx_audit_revision_history.minor_revision 
_pdbx_audit_revision_history.revision_date 
1 'Structure model' 1 0 2000-09-20 
2 'Structure model' 1 1 2008-04-27 
3 'Structure model' 1 2 2011-07-13 
4 'Structure model' 1 3 2024-11-20 
# 
_pdbx_audit_revision_details.ordinal             1 
_pdbx_audit_revision_details.revision_ordinal    1 
_pdbx_audit_revision_details.data_content_type   'Structure model' 
_pdbx_audit_revision_details.provider            repository 
_pdbx_audit_revision_details.type                'Initial release' 
_pdbx_audit_revision_details.description         ? 
_pdbx_audit_revision_details.details             ? 
# 
loop_
_pdbx_audit_revision_group.ordinal 
_pdbx_audit_revision_group.revision_ordinal 
_pdbx_audit_revision_group.data_content_type 
_pdbx_audit_revision_group.group 
1 2 'Structure model' 'Version format compliance' 
2 3 'Structure model' 'Version format compliance' 
3 4 'Structure model' 'Data collection'           
4 4 'Structure model' 'Database references'       
5 4 'Structure model' 'Structure summary'         
# 
loop_
_pdbx_audit_revision_category.ordinal 
_pdbx_audit_revision_category.revision_ordinal 
_pdbx_audit_revision_category.data_content_type 
_pdbx_audit_revision_category.category 
1 4 'Structure model' chem_comp_atom            
2 4 'Structure model' chem_comp_bond            
3 4 'Structure model' database_2                
4 4 'Structure model' pdbx_entry_details        
5 4 'Structure model' pdbx_modification_feature 
# 
loop_
_pdbx_audit_revision_item.ordinal 
_pdbx_audit_revision_item.revision_ordinal 
_pdbx_audit_revision_item.data_content_type 
_pdbx_audit_revision_item.item 
1 4 'Structure model' '_database_2.pdbx_DOI'                
2 4 'Structure model' '_database_2.pdbx_database_accession' 
# 
_pdbx_database_status.status_code                     REL 
_pdbx_database_status.entry_id                        1FB6 
_pdbx_database_status.recvd_initial_deposition_date   2000-07-14 
_pdbx_database_status.deposit_site                    RCSB 
_pdbx_database_status.process_site                    RCSB 
_pdbx_database_status.status_code_sf                  REL 
_pdbx_database_status.SG_entry                        . 
_pdbx_database_status.pdb_format_compatible           Y 
_pdbx_database_status.status_code_mr                  ? 
_pdbx_database_status.status_code_cs                  ? 
_pdbx_database_status.status_code_nmr_data            ? 
_pdbx_database_status.methods_development_category    ? 
# 
loop_
_pdbx_database_related.db_name 
_pdbx_database_related.db_id 
_pdbx_database_related.details 
_pdbx_database_related.content_type 
PDB 1F9M 'thioredoxin f from spinach chloroplast (short form)'   unspecified 
PDB 1FAA 'thioredoxin f from spinach chloroplast (long form)'    unspecified 
PDB 1FB0 'thioredoxin m from spinach chloroplast (reduced form)' unspecified 
# 
loop_
_audit_author.name 
_audit_author.pdbx_ordinal 
'Capitani, G.'         1 
'Markovic-Housley, Z.' 2 
'DelVal, G.'           3 
'Morris, M.'           4 
'Jansonius, J.N.'      5 
'Schurmann, P.'        6 
# 
_citation.id                        primary 
_citation.title                     'Crystal structures of two functionally different thioredoxins in spinach chloroplasts.' 
_citation.journal_abbrev            J.Mol.Biol. 
_citation.journal_volume            302 
_citation.page_first                135 
_citation.page_last                 154 
_citation.year                      2000 
_citation.journal_id_ASTM           JMOBAK 
_citation.country                   UK 
_citation.journal_id_ISSN           0022-2836 
_citation.journal_id_CSD            0070 
_citation.book_publisher            ? 
_citation.pdbx_database_id_PubMed   10964566 
_citation.pdbx_database_id_DOI      10.1006/jmbi.2000.4006 
# 
loop_
_citation_author.citation_id 
_citation_author.name 
_citation_author.ordinal 
_citation_author.identifier_ORCID 
primary 'Capitani, G.'         1 ? 
primary 'Markovic-Housley, Z.' 2 ? 
primary 'DelVal, G.'           3 ? 
primary 'Morris, M.'           4 ? 
primary 'Jansonius, J.N.'      5 ? 
primary 'Schurmann, P.'        6 ? 
# 
loop_
_entity.id 
_entity.type 
_entity.src_method 
_entity.pdbx_description 
_entity.formula_weight 
_entity.pdbx_number_of_molecules 
_entity.pdbx_ec 
_entity.pdbx_mutation 
_entity.pdbx_fragment 
_entity.details 
1 polymer man 'THIOREDOXIN M' 11793.436 2   ? ? 'OXIDIZED FORM' ? 
2 water   nat water           18.015    121 ? ? ?               ? 
# 
_entity_poly.entity_id                      1 
_entity_poly.type                           'polypeptide(L)' 
_entity_poly.nstd_linkage                   no 
_entity_poly.nstd_monomer                   no 
_entity_poly.pdbx_seq_one_letter_code       
;EVQDVNDSSWKEFVLESEVPVMVDFWAPWCGPCKLIAPVIDELAKEYSGKIAVYKLNTDEAPGIATQYNIRSIPTVLFFK
NGERKESIIGAVPKSTLTDSIEKYL
;
_entity_poly.pdbx_seq_one_letter_code_can   
;EVQDVNDSSWKEFVLESEVPVMVDFWAPWCGPCKLIAPVIDELAKEYSGKIAVYKLNTDEAPGIATQYNIRSIPTVLFFK
NGERKESIIGAVPKSTLTDSIEKYL
;
_entity_poly.pdbx_strand_id                 A,B 
_entity_poly.pdbx_target_identifier         ? 
# 
_pdbx_entity_nonpoly.entity_id   2 
_pdbx_entity_nonpoly.name        water 
_pdbx_entity_nonpoly.comp_id     HOH 
# 
loop_
_entity_poly_seq.entity_id 
_entity_poly_seq.num 
_entity_poly_seq.mon_id 
_entity_poly_seq.hetero 
1 1   GLU n 
1 2   VAL n 
1 3   GLN n 
1 4   ASP n 
1 5   VAL n 
1 6   ASN n 
1 7   ASP n 
1 8   SER n 
1 9   SER n 
1 10  TRP n 
1 11  LYS n 
1 12  GLU n 
1 13  PHE n 
1 14  VAL n 
1 15  LEU n 
1 16  GLU n 
1 17  SER n 
1 18  GLU n 
1 19  VAL n 
1 20  PRO n 
1 21  VAL n 
1 22  MET n 
1 23  VAL n 
1 24  ASP n 
1 25  PHE n 
1 26  TRP n 
1 27  ALA n 
1 28  PRO n 
1 29  TRP n 
1 30  CYS n 
1 31  GLY n 
1 32  PRO n 
1 33  CYS n 
1 34  LYS n 
1 35  LEU n 
1 36  ILE n 
1 37  ALA n 
1 38  PRO n 
1 39  VAL n 
1 40  ILE n 
1 41  ASP n 
1 42  GLU n 
1 43  LEU n 
1 44  ALA n 
1 45  LYS n 
1 46  GLU n 
1 47  TYR n 
1 48  SER n 
1 49  GLY n 
1 50  LYS n 
1 51  ILE n 
1 52  ALA n 
1 53  VAL n 
1 54  TYR n 
1 55  LYS n 
1 56  LEU n 
1 57  ASN n 
1 58  THR n 
1 59  ASP n 
1 60  GLU n 
1 61  ALA n 
1 62  PRO n 
1 63  GLY n 
1 64  ILE n 
1 65  ALA n 
1 66  THR n 
1 67  GLN n 
1 68  TYR n 
1 69  ASN n 
1 70  ILE n 
1 71  ARG n 
1 72  SER n 
1 73  ILE n 
1 74  PRO n 
1 75  THR n 
1 76  VAL n 
1 77  LEU n 
1 78  PHE n 
1 79  PHE n 
1 80  LYS n 
1 81  ASN n 
1 82  GLY n 
1 83  GLU n 
1 84  ARG n 
1 85  LYS n 
1 86  GLU n 
1 87  SER n 
1 88  ILE n 
1 89  ILE n 
1 90  GLY n 
1 91  ALA n 
1 92  VAL n 
1 93  PRO n 
1 94  LYS n 
1 95  SER n 
1 96  THR n 
1 97  LEU n 
1 98  THR n 
1 99  ASP n 
1 100 SER n 
1 101 ILE n 
1 102 GLU n 
1 103 LYS n 
1 104 TYR n 
1 105 LEU n 
# 
_entity_src_gen.entity_id                          1 
_entity_src_gen.pdbx_src_id                        1 
_entity_src_gen.pdbx_alt_source_flag               sample 
_entity_src_gen.pdbx_seq_type                      ? 
_entity_src_gen.pdbx_beg_seq_num                   ? 
_entity_src_gen.pdbx_end_seq_num                   ? 
_entity_src_gen.gene_src_common_name               spinach 
_entity_src_gen.gene_src_genus                     Spinacia 
_entity_src_gen.pdbx_gene_src_gene                 ? 
_entity_src_gen.gene_src_species                   ? 
_entity_src_gen.gene_src_strain                    ? 
_entity_src_gen.gene_src_tissue                    ? 
_entity_src_gen.gene_src_tissue_fraction           ? 
_entity_src_gen.gene_src_details                   ? 
_entity_src_gen.pdbx_gene_src_fragment             ? 
_entity_src_gen.pdbx_gene_src_scientific_name      'Spinacia oleracea' 
_entity_src_gen.pdbx_gene_src_ncbi_taxonomy_id     3562 
_entity_src_gen.pdbx_gene_src_variant              ? 
_entity_src_gen.pdbx_gene_src_cell_line            ? 
_entity_src_gen.pdbx_gene_src_atcc                 ? 
_entity_src_gen.pdbx_gene_src_organ                ? 
_entity_src_gen.pdbx_gene_src_organelle            ? 
_entity_src_gen.pdbx_gene_src_cell                 ? 
_entity_src_gen.pdbx_gene_src_cellular_location    CHLOROPLAST 
_entity_src_gen.host_org_common_name               ? 
_entity_src_gen.pdbx_host_org_scientific_name      'Escherichia coli' 
_entity_src_gen.pdbx_host_org_ncbi_taxonomy_id     562 
_entity_src_gen.host_org_genus                     Escherichia 
_entity_src_gen.pdbx_host_org_gene                 ? 
_entity_src_gen.pdbx_host_org_organ                ? 
_entity_src_gen.host_org_species                   ? 
_entity_src_gen.pdbx_host_org_tissue               ? 
_entity_src_gen.pdbx_host_org_tissue_fraction      ? 
_entity_src_gen.pdbx_host_org_strain               ? 
_entity_src_gen.pdbx_host_org_variant              ? 
_entity_src_gen.pdbx_host_org_cell_line            ? 
_entity_src_gen.pdbx_host_org_atcc                 ? 
_entity_src_gen.pdbx_host_org_culture_collection   ? 
_entity_src_gen.pdbx_host_org_cell                 ? 
_entity_src_gen.pdbx_host_org_organelle            ? 
_entity_src_gen.pdbx_host_org_cellular_location    ? 
_entity_src_gen.pdbx_host_org_vector_type          ? 
_entity_src_gen.pdbx_host_org_vector               ? 
_entity_src_gen.host_org_details                   ? 
_entity_src_gen.expression_system_id               ? 
_entity_src_gen.plasmid_name                       'PKK233-2 (MODIFIED)' 
_entity_src_gen.plasmid_details                    ? 
_entity_src_gen.pdbx_description                   ? 
# 
loop_
_chem_comp.id 
_chem_comp.type 
_chem_comp.mon_nstd_flag 
_chem_comp.name 
_chem_comp.pdbx_synonyms 
_chem_comp.formula 
_chem_comp.formula_weight 
ALA 'L-peptide linking' y ALANINE         ? 'C3 H7 N O2'     89.093  
ARG 'L-peptide linking' y ARGININE        ? 'C6 H15 N4 O2 1' 175.209 
ASN 'L-peptide linking' y ASPARAGINE      ? 'C4 H8 N2 O3'    132.118 
ASP 'L-peptide linking' y 'ASPARTIC ACID' ? 'C4 H7 N O4'     133.103 
CYS 'L-peptide linking' y CYSTEINE        ? 'C3 H7 N O2 S'   121.158 
GLN 'L-peptide linking' y GLUTAMINE       ? 'C5 H10 N2 O3'   146.144 
GLU 'L-peptide linking' y 'GLUTAMIC ACID' ? 'C5 H9 N O4'     147.129 
GLY 'peptide linking'   y GLYCINE         ? 'C2 H5 N O2'     75.067  
HOH non-polymer         . WATER           ? 'H2 O'           18.015  
ILE 'L-peptide linking' y ISOLEUCINE      ? 'C6 H13 N O2'    131.173 
LEU 'L-peptide linking' y LEUCINE         ? 'C6 H13 N O2'    131.173 
LYS 'L-peptide linking' y LYSINE          ? 'C6 H15 N2 O2 1' 147.195 
MET 'L-peptide linking' y METHIONINE      ? 'C5 H11 N O2 S'  149.211 
PHE 'L-peptide linking' y PHENYLALANINE   ? 'C9 H11 N O2'    165.189 
PRO 'L-peptide linking' y PROLINE         ? 'C5 H9 N O2'     115.130 
SER 'L-peptide linking' y SERINE          ? 'C3 H7 N O3'     105.093 
THR 'L-peptide linking' y THREONINE       ? 'C4 H9 N O3'     119.119 
TRP 'L-peptide linking' y TRYPTOPHAN      ? 'C11 H12 N2 O2'  204.225 
TYR 'L-peptide linking' y TYROSINE        ? 'C9 H11 N O3'    181.189 
VAL 'L-peptide linking' y VALINE          ? 'C5 H11 N O2'    117.146 
# 
loop_
_pdbx_poly_seq_scheme.asym_id 
_pdbx_poly_seq_scheme.entity_id 
_pdbx_poly_seq_scheme.seq_id 
_pdbx_poly_seq_scheme.mon_id 
_pdbx_poly_seq_scheme.ndb_seq_num 
_pdbx_poly_seq_scheme.pdb_seq_num 
_pdbx_poly_seq_scheme.auth_seq_num 
_pdbx_poly_seq_scheme.pdb_mon_id 
_pdbx_poly_seq_scheme.auth_mon_id 
_pdbx_poly_seq_scheme.pdb_strand_id 
_pdbx_poly_seq_scheme.pdb_ins_code 
_pdbx_poly_seq_scheme.hetero 
A 1 1   GLU 1   8   ?   ?   ?   A . n 
A 1 2   VAL 2   9   9   VAL VAL A . n 
A 1 3   GLN 3   10  10  GLN GLN A . n 
A 1 4   ASP 4   11  11  ASP ASP A . n 
A 1 5   VAL 5   12  12  VAL VAL A . n 
A 1 6   ASN 6   13  13  ASN ASN A . n 
A 1 7   ASP 7   14  14  ASP ASP A . n 
A 1 8   SER 8   15  15  SER SER A . n 
A 1 9   SER 9   16  16  SER SER A . n 
A 1 10  TRP 10  17  17  TRP TRP A . n 
A 1 11  LYS 11  18  18  LYS LYS A . n 
A 1 12  GLU 12  19  19  GLU GLU A . n 
A 1 13  PHE 13  20  20  PHE PHE A . n 
A 1 14  VAL 14  21  21  VAL VAL A . n 
A 1 15  LEU 15  22  22  LEU LEU A . n 
A 1 16  GLU 16  23  23  GLU GLU A . n 
A 1 17  SER 17  24  24  SER SER A . n 
A 1 18  GLU 18  25  25  GLU GLU A . n 
A 1 19  VAL 19  26  26  VAL VAL A . n 
A 1 20  PRO 20  27  27  PRO PRO A . n 
A 1 21  VAL 21  28  28  VAL VAL A . n 
A 1 22  MET 22  29  29  MET MET A . n 
A 1 23  VAL 23  30  30  VAL VAL A . n 
A 1 24  ASP 24  31  31  ASP ASP A . n 
A 1 25  PHE 25  32  32  PHE PHE A . n 
A 1 26  TRP 26  33  33  TRP TRP A . n 
A 1 27  ALA 27  34  34  ALA ALA A . n 
A 1 28  PRO 28  35  35  PRO PRO A . n 
A 1 29  TRP 29  36  36  TRP TRP A . n 
A 1 30  CYS 30  37  37  CYS CYS A . n 
A 1 31  GLY 31  38  38  GLY GLY A . n 
A 1 32  PRO 32  39  39  PRO PRO A . n 
A 1 33  CYS 33  40  40  CYS CYS A . n 
A 1 34  LYS 34  41  41  LYS LYS A . n 
A 1 35  LEU 35  42  42  LEU LEU A . n 
A 1 36  ILE 36  43  43  ILE ILE A . n 
A 1 37  ALA 37  44  44  ALA ALA A . n 
A 1 38  PRO 38  45  45  PRO PRO A . n 
A 1 39  VAL 39  46  46  VAL VAL A . n 
A 1 40  ILE 40  47  47  ILE ILE A . n 
A 1 41  ASP 41  48  48  ASP ASP A . n 
A 1 42  GLU 42  49  49  GLU GLU A . n 
A 1 43  LEU 43  50  50  LEU LEU A . n 
A 1 44  ALA 44  51  51  ALA ALA A . n 
A 1 45  LYS 45  52  52  LYS LYS A . n 
A 1 46  GLU 46  53  53  GLU GLU A . n 
A 1 47  TYR 47  54  54  TYR TYR A . n 
A 1 48  SER 48  55  55  SER SER A . n 
A 1 49  GLY 49  56  56  GLY GLY A . n 
A 1 50  LYS 50  57  57  LYS LYS A . n 
A 1 51  ILE 51  58  58  ILE ILE A . n 
A 1 52  ALA 52  59  59  ALA ALA A . n 
A 1 53  VAL 53  60  60  VAL VAL A . n 
A 1 54  TYR 54  61  61  TYR TYR A . n 
A 1 55  LYS 55  62  62  LYS LYS A . n 
A 1 56  LEU 56  63  63  LEU LEU A . n 
A 1 57  ASN 57  64  64  ASN ASN A . n 
A 1 58  THR 58  65  65  THR THR A . n 
A 1 59  ASP 59  66  66  ASP ASP A . n 
A 1 60  GLU 60  67  67  GLU GLU A . n 
A 1 61  ALA 61  68  68  ALA ALA A . n 
A 1 62  PRO 62  69  69  PRO PRO A . n 
A 1 63  GLY 63  70  70  GLY GLY A . n 
A 1 64  ILE 64  71  71  ILE ILE A . n 
A 1 65  ALA 65  72  72  ALA ALA A . n 
A 1 66  THR 66  73  73  THR THR A . n 
A 1 67  GLN 67  74  74  GLN GLN A . n 
A 1 68  TYR 68  75  75  TYR TYR A . n 
A 1 69  ASN 69  76  76  ASN ASN A . n 
A 1 70  ILE 70  77  77  ILE ILE A . n 
A 1 71  ARG 71  78  78  ARG ARG A . n 
A 1 72  SER 72  79  79  SER SER A . n 
A 1 73  ILE 73  80  80  ILE ILE A . n 
A 1 74  PRO 74  81  81  PRO PRO A . n 
A 1 75  THR 75  82  82  THR THR A . n 
A 1 76  VAL 76  83  83  VAL VAL A . n 
A 1 77  LEU 77  84  84  LEU LEU A . n 
A 1 78  PHE 78  85  85  PHE PHE A . n 
A 1 79  PHE 79  86  86  PHE PHE A . n 
A 1 80  LYS 80  87  87  LYS LYS A . n 
A 1 81  ASN 81  88  88  ASN ASN A . n 
A 1 82  GLY 82  89  89  GLY GLY A . n 
A 1 83  GLU 83  90  90  GLU GLU A . n 
A 1 84  ARG 84  91  91  ARG ARG A . n 
A 1 85  LYS 85  92  92  LYS LYS A . n 
A 1 86  GLU 86  93  93  GLU GLU A . n 
A 1 87  SER 87  94  94  SER SER A . n 
A 1 88  ILE 88  95  95  ILE ILE A . n 
A 1 89  ILE 89  96  96  ILE ILE A . n 
A 1 90  GLY 90  97  97  GLY GLY A . n 
A 1 91  ALA 91  98  98  ALA ALA A . n 
A 1 92  VAL 92  99  99  VAL VAL A . n 
A 1 93  PRO 93  100 100 PRO PRO A . n 
A 1 94  LYS 94  101 101 LYS LYS A . n 
A 1 95  SER 95  102 102 SER SER A . n 
A 1 96  THR 96  103 103 THR THR A . n 
A 1 97  LEU 97  104 104 LEU LEU A . n 
A 1 98  THR 98  105 105 THR THR A . n 
A 1 99  ASP 99  106 106 ASP ASP A . n 
A 1 100 SER 100 107 107 SER SER A . n 
A 1 101 ILE 101 108 108 ILE ILE A . n 
A 1 102 GLU 102 109 109 GLU GLU A . n 
A 1 103 LYS 103 110 110 LYS LYS A . n 
A 1 104 TYR 104 111 111 TYR TYR A . n 
A 1 105 LEU 105 112 112 LEU LEU A . n 
B 1 1   GLU 1   8   ?   ?   ?   B . n 
B 1 2   VAL 2   9   9   VAL VAL B . n 
B 1 3   GLN 3   10  10  GLN GLN B . n 
B 1 4   ASP 4   11  11  ASP ASP B . n 
B 1 5   VAL 5   12  12  VAL VAL B . n 
B 1 6   ASN 6   13  13  ASN ASN B . n 
B 1 7   ASP 7   14  14  ASP ASP B . n 
B 1 8   SER 8   15  15  SER SER B . n 
B 1 9   SER 9   16  16  SER SER B . n 
B 1 10  TRP 10  17  17  TRP TRP B . n 
B 1 11  LYS 11  18  18  LYS LYS B . n 
B 1 12  GLU 12  19  19  GLU GLU B . n 
B 1 13  PHE 13  20  20  PHE PHE B . n 
B 1 14  VAL 14  21  21  VAL VAL B . n 
B 1 15  LEU 15  22  22  LEU LEU B . n 
B 1 16  GLU 16  23  23  GLU GLU B . n 
B 1 17  SER 17  24  24  SER SER B . n 
B 1 18  GLU 18  25  25  GLU GLU B . n 
B 1 19  VAL 19  26  26  VAL VAL B . n 
B 1 20  PRO 20  27  27  PRO PRO B . n 
B 1 21  VAL 21  28  28  VAL VAL B . n 
B 1 22  MET 22  29  29  MET MET B . n 
B 1 23  VAL 23  30  30  VAL VAL B . n 
B 1 24  ASP 24  31  31  ASP ASP B . n 
B 1 25  PHE 25  32  32  PHE PHE B . n 
B 1 26  TRP 26  33  33  TRP TRP B . n 
B 1 27  ALA 27  34  34  ALA ALA B . n 
B 1 28  PRO 28  35  35  PRO PRO B . n 
B 1 29  TRP 29  36  36  TRP TRP B . n 
B 1 30  CYS 30  37  37  CYS CYS B . n 
B 1 31  GLY 31  38  38  GLY GLY B . n 
B 1 32  PRO 32  39  39  PRO PRO B . n 
B 1 33  CYS 33  40  40  CYS CYS B . n 
B 1 34  LYS 34  41  41  LYS LYS B . n 
B 1 35  LEU 35  42  42  LEU LEU B . n 
B 1 36  ILE 36  43  43  ILE ILE B . n 
B 1 37  ALA 37  44  44  ALA ALA B . n 
B 1 38  PRO 38  45  45  PRO PRO B . n 
B 1 39  VAL 39  46  46  VAL VAL B . n 
B 1 40  ILE 40  47  47  ILE ILE B . n 
B 1 41  ASP 41  48  48  ASP ASP B . n 
B 1 42  GLU 42  49  49  GLU GLU B . n 
B 1 43  LEU 43  50  50  LEU LEU B . n 
B 1 44  ALA 44  51  51  ALA ALA B . n 
B 1 45  LYS 45  52  52  LYS LYS B . n 
B 1 46  GLU 46  53  53  GLU GLU B . n 
B 1 47  TYR 47  54  54  TYR TYR B . n 
B 1 48  SER 48  55  55  SER SER B . n 
B 1 49  GLY 49  56  56  GLY GLY B . n 
B 1 50  LYS 50  57  57  LYS LYS B . n 
B 1 51  ILE 51  58  58  ILE ILE B . n 
B 1 52  ALA 52  59  59  ALA ALA B . n 
B 1 53  VAL 53  60  60  VAL VAL B . n 
B 1 54  TYR 54  61  61  TYR TYR B . n 
B 1 55  LYS 55  62  62  LYS LYS B . n 
B 1 56  LEU 56  63  63  LEU LEU B . n 
B 1 57  ASN 57  64  64  ASN ASN B . n 
B 1 58  THR 58  65  65  THR THR B . n 
B 1 59  ASP 59  66  66  ASP ASP B . n 
B 1 60  GLU 60  67  67  GLU GLU B . n 
B 1 61  ALA 61  68  68  ALA ALA B . n 
B 1 62  PRO 62  69  69  PRO PRO B . n 
B 1 63  GLY 63  70  70  GLY GLY B . n 
B 1 64  ILE 64  71  71  ILE ILE B . n 
B 1 65  ALA 65  72  72  ALA ALA B . n 
B 1 66  THR 66  73  73  THR THR B . n 
B 1 67  GLN 67  74  74  GLN GLN B . n 
B 1 68  TYR 68  75  75  TYR TYR B . n 
B 1 69  ASN 69  76  76  ASN ASN B . n 
B 1 70  ILE 70  77  77  ILE ILE B . n 
B 1 71  ARG 71  78  78  ARG ARG B . n 
B 1 72  SER 72  79  79  SER SER B . n 
B 1 73  ILE 73  80  80  ILE ILE B . n 
B 1 74  PRO 74  81  81  PRO PRO B . n 
B 1 75  THR 75  82  82  THR THR B . n 
B 1 76  VAL 76  83  83  VAL VAL B . n 
B 1 77  LEU 77  84  84  LEU LEU B . n 
B 1 78  PHE 78  85  85  PHE PHE B . n 
B 1 79  PHE 79  86  86  PHE PHE B . n 
B 1 80  LYS 80  87  87  LYS LYS B . n 
B 1 81  ASN 81  88  88  ASN ASN B . n 
B 1 82  GLY 82  89  89  GLY GLY B . n 
B 1 83  GLU 83  90  90  GLU GLU B . n 
B 1 84  ARG 84  91  91  ARG ARG B . n 
B 1 85  LYS 85  92  92  LYS LYS B . n 
B 1 86  GLU 86  93  93  GLU GLU B . n 
B 1 87  SER 87  94  94  SER SER B . n 
B 1 88  ILE 88  95  95  ILE ILE B . n 
B 1 89  ILE 89  96  96  ILE ILE B . n 
B 1 90  GLY 90  97  97  GLY GLY B . n 
B 1 91  ALA 91  98  98  ALA ALA B . n 
B 1 92  VAL 92  99  99  VAL VAL B . n 
B 1 93  PRO 93  100 100 PRO PRO B . n 
B 1 94  LYS 94  101 101 LYS LYS B . n 
B 1 95  SER 95  102 102 SER SER B . n 
B 1 96  THR 96  103 103 THR THR B . n 
B 1 97  LEU 97  104 104 LEU LEU B . n 
B 1 98  THR 98  105 105 THR THR B . n 
B 1 99  ASP 99  106 106 ASP ASP B . n 
B 1 100 SER 100 107 107 SER SER B . n 
B 1 101 ILE 101 108 108 ILE ILE B . n 
B 1 102 GLU 102 109 109 GLU GLU B . n 
B 1 103 LYS 103 110 110 LYS LYS B . n 
B 1 104 TYR 104 111 111 TYR TYR B . n 
B 1 105 LEU 105 112 112 LEU LEU B . n 
# 
loop_
_pdbx_nonpoly_scheme.asym_id 
_pdbx_nonpoly_scheme.entity_id 
_pdbx_nonpoly_scheme.mon_id 
_pdbx_nonpoly_scheme.ndb_seq_num 
_pdbx_nonpoly_scheme.pdb_seq_num 
_pdbx_nonpoly_scheme.auth_seq_num 
_pdbx_nonpoly_scheme.pdb_mon_id 
_pdbx_nonpoly_scheme.auth_mon_id 
_pdbx_nonpoly_scheme.pdb_strand_id 
_pdbx_nonpoly_scheme.pdb_ins_code 
C 2 HOH 1  113 3   HOH HOH A . 
C 2 HOH 2  114 5   HOH HOH A . 
C 2 HOH 3  115 6   HOH HOH A . 
C 2 HOH 4  116 8   HOH HOH A . 
C 2 HOH 5  117 9   HOH HOH A . 
C 2 HOH 6  118 11  HOH HOH A . 
C 2 HOH 7  119 13  HOH HOH A . 
C 2 HOH 8  120 14  HOH HOH A . 
C 2 HOH 9  121 16  HOH HOH A . 
C 2 HOH 10 122 17  HOH HOH A . 
C 2 HOH 11 123 18  HOH HOH A . 
C 2 HOH 12 124 20  HOH HOH A . 
C 2 HOH 13 125 21  HOH HOH A . 
C 2 HOH 14 126 23  HOH HOH A . 
C 2 HOH 15 127 30  HOH HOH A . 
C 2 HOH 16 128 32  HOH HOH A . 
C 2 HOH 17 129 33  HOH HOH A . 
C 2 HOH 18 130 35  HOH HOH A . 
C 2 HOH 19 131 37  HOH HOH A . 
C 2 HOH 20 132 38  HOH HOH A . 
C 2 HOH 21 133 41  HOH HOH A . 
C 2 HOH 22 134 42  HOH HOH A . 
C 2 HOH 23 135 44  HOH HOH A . 
C 2 HOH 24 136 45  HOH HOH A . 
C 2 HOH 25 137 46  HOH HOH A . 
C 2 HOH 26 138 48  HOH HOH A . 
C 2 HOH 27 139 52  HOH HOH A . 
C 2 HOH 28 140 64  HOH HOH A . 
C 2 HOH 29 141 65  HOH HOH A . 
C 2 HOH 30 142 67  HOH HOH A . 
C 2 HOH 31 143 70  HOH HOH A . 
C 2 HOH 32 144 71  HOH HOH A . 
C 2 HOH 33 145 73  HOH HOH A . 
C 2 HOH 34 146 74  HOH HOH A . 
C 2 HOH 35 147 77  HOH HOH A . 
C 2 HOH 36 148 79  HOH HOH A . 
C 2 HOH 37 149 85  HOH HOH A . 
C 2 HOH 38 150 87  HOH HOH A . 
C 2 HOH 39 151 88  HOH HOH A . 
C 2 HOH 40 152 89  HOH HOH A . 
C 2 HOH 41 153 90  HOH HOH A . 
C 2 HOH 42 154 96  HOH HOH A . 
C 2 HOH 43 155 106 HOH HOH A . 
C 2 HOH 44 156 107 HOH HOH A . 
C 2 HOH 45 157 108 HOH HOH A . 
C 2 HOH 46 158 109 HOH HOH A . 
C 2 HOH 47 159 110 HOH HOH A . 
C 2 HOH 48 160 114 HOH HOH A . 
C 2 HOH 49 161 118 HOH HOH A . 
C 2 HOH 50 162 121 HOH HOH A . 
C 2 HOH 51 163 125 HOH HOH A . 
C 2 HOH 52 164 130 HOH HOH A . 
C 2 HOH 53 165 137 HOH HOH A . 
C 2 HOH 54 166 139 HOH HOH A . 
C 2 HOH 55 167 141 HOH HOH A . 
D 2 HOH 1  113 4   HOH HOH B . 
D 2 HOH 2  114 15  HOH HOH B . 
D 2 HOH 3  115 19  HOH HOH B . 
D 2 HOH 4  116 22  HOH HOH B . 
D 2 HOH 5  117 31  HOH HOH B . 
D 2 HOH 6  118 34  HOH HOH B . 
D 2 HOH 7  119 36  HOH HOH B . 
D 2 HOH 8  120 39  HOH HOH B . 
D 2 HOH 9  121 40  HOH HOH B . 
D 2 HOH 10 122 43  HOH HOH B . 
D 2 HOH 11 123 47  HOH HOH B . 
D 2 HOH 12 124 49  HOH HOH B . 
D 2 HOH 13 125 50  HOH HOH B . 
D 2 HOH 14 126 51  HOH HOH B . 
D 2 HOH 15 127 53  HOH HOH B . 
D 2 HOH 16 128 54  HOH HOH B . 
D 2 HOH 17 129 55  HOH HOH B . 
D 2 HOH 18 130 56  HOH HOH B . 
D 2 HOH 19 131 57  HOH HOH B . 
D 2 HOH 20 132 58  HOH HOH B . 
D 2 HOH 21 133 59  HOH HOH B . 
D 2 HOH 22 134 61  HOH HOH B . 
D 2 HOH 23 135 62  HOH HOH B . 
D 2 HOH 24 136 63  HOH HOH B . 
D 2 HOH 25 137 68  HOH HOH B . 
D 2 HOH 26 138 69  HOH HOH B . 
D 2 HOH 27 139 75  HOH HOH B . 
D 2 HOH 28 140 76  HOH HOH B . 
D 2 HOH 29 141 78  HOH HOH B . 
D 2 HOH 30 142 80  HOH HOH B . 
D 2 HOH 31 143 81  HOH HOH B . 
D 2 HOH 32 144 82  HOH HOH B . 
D 2 HOH 33 145 83  HOH HOH B . 
D 2 HOH 34 146 86  HOH HOH B . 
D 2 HOH 35 147 91  HOH HOH B . 
D 2 HOH 36 148 94  HOH HOH B . 
D 2 HOH 37 149 95  HOH HOH B . 
D 2 HOH 38 150 97  HOH HOH B . 
D 2 HOH 39 151 98  HOH HOH B . 
D 2 HOH 40 152 99  HOH HOH B . 
D 2 HOH 41 153 101 HOH HOH B . 
D 2 HOH 42 154 102 HOH HOH B . 
D 2 HOH 43 155 103 HOH HOH B . 
D 2 HOH 44 156 105 HOH HOH B . 
D 2 HOH 45 157 111 HOH HOH B . 
D 2 HOH 46 158 112 HOH HOH B . 
D 2 HOH 47 159 113 HOH HOH B . 
D 2 HOH 48 160 115 HOH HOH B . 
D 2 HOH 49 161 116 HOH HOH B . 
D 2 HOH 50 162 117 HOH HOH B . 
D 2 HOH 51 163 119 HOH HOH B . 
D 2 HOH 52 164 120 HOH HOH B . 
D 2 HOH 53 165 122 HOH HOH B . 
D 2 HOH 54 166 123 HOH HOH B . 
D 2 HOH 55 167 124 HOH HOH B . 
D 2 HOH 56 168 126 HOH HOH B . 
D 2 HOH 57 169 127 HOH HOH B . 
D 2 HOH 58 170 128 HOH HOH B . 
D 2 HOH 59 171 129 HOH HOH B . 
D 2 HOH 60 172 131 HOH HOH B . 
D 2 HOH 61 173 132 HOH HOH B . 
D 2 HOH 62 174 133 HOH HOH B . 
D 2 HOH 63 175 136 HOH HOH B . 
D 2 HOH 64 176 138 HOH HOH B . 
D 2 HOH 65 177 140 HOH HOH B . 
D 2 HOH 66 178 142 HOH HOH B . 
# 
loop_
_software.name 
_software.classification 
_software.version 
_software.citation_id 
_software.pdbx_ordinal 
DENZO     'data reduction' .     ? 1 
SCALEPACK 'data scaling'   .     ? 2 
AMoRE     phasing          .     ? 3 
X-PLOR    refinement       3.851 ? 4 
# 
_cell.entry_id           1FB6 
_cell.length_a           74.71 
_cell.length_b           74.71 
_cell.length_c           74.00 
_cell.angle_alpha        90.00 
_cell.angle_beta         90.00 
_cell.angle_gamma        120.00 
_cell.Z_PDB              12 
_cell.pdbx_unique_axis   ? 
# 
_symmetry.entry_id                         1FB6 
_symmetry.space_group_name_H-M             'P 31 2 1' 
_symmetry.pdbx_full_space_group_name_H-M   ? 
_symmetry.cell_setting                     ? 
_symmetry.Int_Tables_number                152 
# 
_exptl.entry_id          1FB6 
_exptl.method            'X-RAY DIFFRACTION' 
_exptl.crystals_number   1 
# 
_exptl_crystal.id                    1 
_exptl_crystal.density_meas          ? 
_exptl_crystal.density_percent_sol   51.31 
_exptl_crystal.density_Matthews      2.53 
_exptl_crystal.description           ? 
# 
_exptl_crystal_grow.crystal_id      1 
_exptl_crystal_grow.method          'VAPOR DIFFUSION, HANGING DROP' 
_exptl_crystal_grow.pH              ? 
_exptl_crystal_grow.temp            293 
_exptl_crystal_grow.temp_details    ? 
_exptl_crystal_grow.pdbx_details    
;sodium acetate,   
PEG monomethylether 2000,  
ammonium sulphate, VAPOR DIFFUSION, HANGING DROP, temperature 293K
;
_exptl_crystal_grow.pdbx_pH_range   ? 
# 
_diffrn.id                     1 
_diffrn.ambient_temp           277 
_diffrn.ambient_temp_details   ? 
_diffrn.crystal_id             1 
# 
_diffrn_detector.diffrn_id              1 
_diffrn_detector.detector               'IMAGE PLATE' 
_diffrn_detector.type                   MARRESEARCH 
_diffrn_detector.pdbx_collection_date   1997-03-31 
_diffrn_detector.details                ? 
# 
_diffrn_radiation.diffrn_id                        1 
_diffrn_radiation.wavelength_id                    1 
_diffrn_radiation.monochromator                    ? 
_diffrn_radiation.pdbx_monochromatic_or_laue_m_l   M 
_diffrn_radiation.pdbx_diffrn_protocol             'SINGLE WAVELENGTH' 
_diffrn_radiation.pdbx_scattering_type             x-ray 
# 
_diffrn_radiation_wavelength.id           1 
_diffrn_radiation_wavelength.wavelength   1.5418 
_diffrn_radiation_wavelength.wt           1.0 
# 
_diffrn_source.diffrn_id                   1 
_diffrn_source.source                      'ROTATING ANODE' 
_diffrn_source.type                        'ELLIOTT GX-20' 
_diffrn_source.pdbx_wavelength             1.5418 
_diffrn_source.pdbx_synchrotron_site       ? 
_diffrn_source.pdbx_synchrotron_beamline   ? 
_diffrn_source.pdbx_wavelength_list        ? 
# 
_reflns.entry_id                     1FB6 
_reflns.observed_criterion_sigma_I   -3.0 
_reflns.observed_criterion_sigma_F   ? 
_reflns.d_resolution_low             29.6 
_reflns.d_resolution_high            2.1 
_reflns.number_obs                   14256 
_reflns.number_all                   ? 
_reflns.percent_possible_obs         99.3 
_reflns.pdbx_Rmerge_I_obs            0.086 
_reflns.pdbx_Rsym_value              ? 
_reflns.pdbx_netI_over_sigmaI        10.2 
_reflns.B_iso_Wilson_estimate        24.0 
_reflns.pdbx_redundancy              8.5 
_reflns.R_free_details               ? 
_reflns.limit_h_max                  ? 
_reflns.limit_h_min                  ? 
_reflns.limit_k_max                  ? 
_reflns.limit_k_min                  ? 
_reflns.limit_l_max                  ? 
_reflns.limit_l_min                  ? 
_reflns.observed_criterion_F_max     ? 
_reflns.observed_criterion_F_min     ? 
_reflns.pdbx_diffrn_id               1 
_reflns.pdbx_ordinal                 1 
# 
_reflns_shell.d_res_high             2.10 
_reflns_shell.d_res_low              2.15 
_reflns_shell.percent_possible_obs   ? 
_reflns_shell.percent_possible_all   92.0 
_reflns_shell.Rmerge_I_obs           0.396 
_reflns_shell.meanI_over_sigI_obs    ? 
_reflns_shell.pdbx_Rsym_value        ? 
_reflns_shell.pdbx_redundancy        7.4 
_reflns_shell.number_unique_all      ? 
_reflns_shell.pdbx_diffrn_id         ? 
_reflns_shell.pdbx_ordinal           1 
# 
_refine.entry_id                                 1FB6 
_refine.ls_number_reflns_obs                     14256 
_refine.ls_number_reflns_all                     ? 
_refine.pdbx_ls_sigma_I                          ? 
_refine.pdbx_ls_sigma_F                          0.0 
_refine.pdbx_data_cutoff_high_absF               ? 
_refine.pdbx_data_cutoff_low_absF                ? 
_refine.ls_d_res_low                             29.6 
_refine.ls_d_res_high                            2.1 
_refine.ls_percent_reflns_obs                    99.3 
_refine.ls_R_factor_obs                          ? 
_refine.ls_R_factor_all                          ? 
_refine.ls_R_factor_R_work                       0.204 
_refine.ls_R_factor_R_free                       0.23 
_refine.ls_R_factor_R_free_error                 ? 
_refine.ls_R_factor_R_free_error_details         ? 
_refine.ls_percent_reflns_R_free                 ? 
_refine.ls_number_reflns_R_free                  542 
_refine.ls_number_parameters                     ? 
_refine.ls_number_restraints                     ? 
_refine.occupancy_min                            ? 
_refine.occupancy_max                            ? 
_refine.B_iso_mean                               ? 
_refine.aniso_B[1][1]                            ? 
_refine.aniso_B[2][2]                            ? 
_refine.aniso_B[3][3]                            ? 
_refine.aniso_B[1][2]                            ? 
_refine.aniso_B[1][3]                            ? 
_refine.aniso_B[2][3]                            ? 
_refine.solvent_model_details                    ? 
_refine.solvent_model_param_ksol                 ? 
_refine.solvent_model_param_bsol                 ? 
_refine.pdbx_ls_cross_valid_method               ? 
_refine.details                                  
;Used overall anisotropic B-factor  
refinement and bulk solvent correction  
(X-PLOR 3.851 and CNS)
;
_refine.pdbx_starting_model                      ? 
_refine.pdbx_method_to_determine_struct          ? 
_refine.pdbx_isotropic_thermal_model             ? 
_refine.pdbx_stereochemistry_target_values       'Engh & Huber' 
_refine.pdbx_stereochem_target_val_spec_case     ? 
_refine.pdbx_R_Free_selection_details            RANDOM 
_refine.pdbx_overall_ESU_R_Free                  ? 
_refine.overall_SU_B                             ? 
_refine.ls_redundancy_reflns_obs                 ? 
_refine.B_iso_min                                ? 
_refine.B_iso_max                                ? 
_refine.overall_SU_ML                            ? 
_refine.pdbx_overall_ESU_R                       ? 
_refine.pdbx_data_cutoff_high_rms_absF           ? 
_refine.pdbx_refine_id                           'X-RAY DIFFRACTION' 
_refine.pdbx_diffrn_id                           1 
_refine.pdbx_TLS_residual_ADP_flag               ? 
_refine.correlation_coeff_Fo_to_Fc               ? 
_refine.correlation_coeff_Fo_to_Fc_free          ? 
_refine.pdbx_solvent_vdw_probe_radii             ? 
_refine.pdbx_solvent_ion_probe_radii             ? 
_refine.pdbx_solvent_shrinkage_radii             ? 
_refine.pdbx_overall_phase_error                 ? 
_refine.overall_SU_R_Cruickshank_DPI             ? 
_refine.pdbx_overall_SU_R_free_Cruickshank_DPI   ? 
_refine.pdbx_overall_SU_R_Blow_DPI               ? 
_refine.pdbx_overall_SU_R_free_Blow_DPI          ? 
# 
_refine_hist.pdbx_refine_id                   'X-RAY DIFFRACTION' 
_refine_hist.cycle_id                         LAST 
_refine_hist.pdbx_number_atoms_protein        1644 
_refine_hist.pdbx_number_atoms_nucleic_acid   0 
_refine_hist.pdbx_number_atoms_ligand         0 
_refine_hist.number_atoms_solvent             121 
_refine_hist.number_atoms_total               1765 
_refine_hist.d_res_high                       2.1 
_refine_hist.d_res_low                        29.6 
# 
loop_
_refine_ls_restr.type 
_refine_ls_restr.dev_ideal 
_refine_ls_restr.dev_ideal_target 
_refine_ls_restr.weight 
_refine_ls_restr.number 
_refine_ls_restr.pdbx_refine_id 
_refine_ls_restr.pdbx_restraint_function 
x_bond_d           0.006 ? ? ? 'X-RAY DIFFRACTION' ? 
x_angle_deg        1.2   ? ? ? 'X-RAY DIFFRACTION' ? 
x_dihedral_angle_d 23.5  ? ? ? 'X-RAY DIFFRACTION' ? 
x_improper_angle_d 0.80  ? ? ? 'X-RAY DIFFRACTION' ? 
# 
_struct.entry_id                  1FB6 
_struct.title                     'CRYSTAL STRUCTURE OF THIOREDOXIN M FROM SPINACH CHLOROPLAST (OXIDIZED FORM)' 
_struct.pdbx_model_details        ? 
_struct.pdbx_CASP_flag            ? 
_struct.pdbx_model_type_details   ? 
# 
_struct_keywords.entry_id        1FB6 
_struct_keywords.pdbx_keywords   'ELECTRON TRANSPORT' 
_struct_keywords.text            'ELECTRON TRANSPORT' 
# 
loop_
_struct_asym.id 
_struct_asym.pdbx_blank_PDB_chainid_flag 
_struct_asym.pdbx_modified 
_struct_asym.entity_id 
_struct_asym.details 
A N N 1 ? 
B N N 1 ? 
C N N 2 ? 
D N N 2 ? 
# 
_struct_ref.id                         1 
_struct_ref.db_code                    TRXM_SPIOL 
_struct_ref.db_name                    UNP 
_struct_ref.entity_id                  1 
_struct_ref.pdbx_db_accession          P07591 
_struct_ref.pdbx_align_begin           75 
_struct_ref.pdbx_seq_one_letter_code   
;EVQDVNDSSWKEFVLESEVPVMVDFWAPWCGPCKLIAPVIDELAKEYSGKIAVYKLNTDEAPGIATQYNIRSIPTVLFFK
NGERKESIIGAVPKSTLTDSIEKYL
;
_struct_ref.pdbx_db_isoform            ? 
# 
loop_
_struct_ref_seq.align_id 
_struct_ref_seq.ref_id 
_struct_ref_seq.pdbx_PDB_id_code 
_struct_ref_seq.pdbx_strand_id 
_struct_ref_seq.seq_align_beg 
_struct_ref_seq.pdbx_seq_align_beg_ins_code 
_struct_ref_seq.seq_align_end 
_struct_ref_seq.pdbx_seq_align_end_ins_code 
_struct_ref_seq.pdbx_db_accession 
_struct_ref_seq.db_align_beg 
_struct_ref_seq.pdbx_db_align_beg_ins_code 
_struct_ref_seq.db_align_end 
_struct_ref_seq.pdbx_db_align_end_ins_code 
_struct_ref_seq.pdbx_auth_seq_align_beg 
_struct_ref_seq.pdbx_auth_seq_align_end 
1 1 1FB6 A 1 ? 105 ? P07591 75 ? 179 ? 8 112 
2 1 1FB6 B 1 ? 105 ? P07591 75 ? 179 ? 8 112 
# 
loop_
_pdbx_struct_assembly.id 
_pdbx_struct_assembly.details 
_pdbx_struct_assembly.method_details 
_pdbx_struct_assembly.oligomeric_details 
_pdbx_struct_assembly.oligomeric_count 
1 author_defined_assembly ? monomeric 1 
2 author_defined_assembly ? monomeric 1 
# 
loop_
_pdbx_struct_assembly_gen.assembly_id 
_pdbx_struct_assembly_gen.oper_expression 
_pdbx_struct_assembly_gen.asym_id_list 
1 1 A,C 
2 1 B,D 
# 
_pdbx_struct_oper_list.id                   1 
_pdbx_struct_oper_list.type                 'identity operation' 
_pdbx_struct_oper_list.name                 1_555 
_pdbx_struct_oper_list.symmetry_operation   x,y,z 
_pdbx_struct_oper_list.matrix[1][1]         1.0000000000 
_pdbx_struct_oper_list.matrix[1][2]         0.0000000000 
_pdbx_struct_oper_list.matrix[1][3]         0.0000000000 
_pdbx_struct_oper_list.vector[1]            0.0000000000 
_pdbx_struct_oper_list.matrix[2][1]         0.0000000000 
_pdbx_struct_oper_list.matrix[2][2]         1.0000000000 
_pdbx_struct_oper_list.matrix[2][3]         0.0000000000 
_pdbx_struct_oper_list.vector[2]            0.0000000000 
_pdbx_struct_oper_list.matrix[3][1]         0.0000000000 
_pdbx_struct_oper_list.matrix[3][2]         0.0000000000 
_pdbx_struct_oper_list.matrix[3][3]         1.0000000000 
_pdbx_struct_oper_list.vector[3]            0.0000000000 
# 
loop_
_struct_biol.id 
_struct_biol.details 
_struct_biol.pdbx_parent_biol_id 
1 
;The biological assembly is a 
monomer
;
? 
2 ?                                       ? 
# 
loop_
_struct_conf.conf_type_id 
_struct_conf.id 
_struct_conf.pdbx_PDB_helix_id 
_struct_conf.beg_label_comp_id 
_struct_conf.beg_label_asym_id 
_struct_conf.beg_label_seq_id 
_struct_conf.pdbx_beg_PDB_ins_code 
_struct_conf.end_label_comp_id 
_struct_conf.end_label_asym_id 
_struct_conf.end_label_seq_id 
_struct_conf.pdbx_end_PDB_ins_code 
_struct_conf.beg_auth_comp_id 
_struct_conf.beg_auth_asym_id 
_struct_conf.beg_auth_seq_id 
_struct_conf.end_auth_comp_id 
_struct_conf.end_auth_asym_id 
_struct_conf.end_auth_seq_id 
_struct_conf.pdbx_PDB_helix_class 
_struct_conf.details 
_struct_conf.pdbx_PDB_helix_length 
HELX_P HELX_P1 1 SER A 9  ? VAL A 14  ? SER A 16  VAL A 21  1 ? 6  
HELX_P HELX_P2 2 CYS A 30 ? TYR A 47  ? CYS A 37  TYR A 54  1 ? 18 
HELX_P HELX_P3 3 ALA A 61 ? TYR A 68  ? ALA A 68  TYR A 75  1 ? 8  
HELX_P HELX_P4 4 PRO A 93 ? LEU A 105 ? PRO A 100 LEU A 112 1 ? 13 
HELX_P HELX_P5 5 SER B 9  ? VAL B 14  ? SER B 16  VAL B 21  1 ? 6  
HELX_P HELX_P6 6 PRO B 32 ? TYR B 47  ? PRO B 39  TYR B 54  1 ? 16 
HELX_P HELX_P7 7 ALA B 61 ? TYR B 68  ? ALA B 68  TYR B 75  1 ? 8  
HELX_P HELX_P8 8 PRO B 93 ? TYR B 104 ? PRO B 100 TYR B 111 1 ? 12 
# 
_struct_conf_type.id          HELX_P 
_struct_conf_type.criteria    ? 
_struct_conf_type.reference   ? 
# 
loop_
_struct_conn.id 
_struct_conn.conn_type_id 
_struct_conn.pdbx_leaving_atom_flag 
_struct_conn.pdbx_PDB_id 
_struct_conn.ptnr1_label_asym_id 
_struct_conn.ptnr1_label_comp_id 
_struct_conn.ptnr1_label_seq_id 
_struct_conn.ptnr1_label_atom_id 
_struct_conn.pdbx_ptnr1_label_alt_id 
_struct_conn.pdbx_ptnr1_PDB_ins_code 
_struct_conn.pdbx_ptnr1_standard_comp_id 
_struct_conn.ptnr1_symmetry 
_struct_conn.ptnr2_label_asym_id 
_struct_conn.ptnr2_label_comp_id 
_struct_conn.ptnr2_label_seq_id 
_struct_conn.ptnr2_label_atom_id 
_struct_conn.pdbx_ptnr2_label_alt_id 
_struct_conn.pdbx_ptnr2_PDB_ins_code 
_struct_conn.ptnr1_auth_asym_id 
_struct_conn.ptnr1_auth_comp_id 
_struct_conn.ptnr1_auth_seq_id 
_struct_conn.ptnr2_auth_asym_id 
_struct_conn.ptnr2_auth_comp_id 
_struct_conn.ptnr2_auth_seq_id 
_struct_conn.ptnr2_symmetry 
_struct_conn.pdbx_ptnr3_label_atom_id 
_struct_conn.pdbx_ptnr3_label_seq_id 
_struct_conn.pdbx_ptnr3_label_comp_id 
_struct_conn.pdbx_ptnr3_label_asym_id 
_struct_conn.pdbx_ptnr3_label_alt_id 
_struct_conn.pdbx_ptnr3_PDB_ins_code 
_struct_conn.details 
_struct_conn.pdbx_dist_value 
_struct_conn.pdbx_value_order 
_struct_conn.pdbx_role 
disulf1 disulf ? ? A CYS 30 SG ? ? ? 1_555 A CYS 33 SG ? ? A CYS 37 A CYS 40 1_555 ? ? ? ? ? ? ? 2.028 ? ? 
disulf2 disulf ? ? B CYS 30 SG ? ? ? 1_555 B CYS 33 SG ? ? B CYS 37 B CYS 40 1_555 ? ? ? ? ? ? ? 2.029 ? ? 
# 
_struct_conn_type.id          disulf 
_struct_conn_type.criteria    ? 
_struct_conn_type.reference   ? 
# 
loop_
_pdbx_modification_feature.ordinal 
_pdbx_modification_feature.label_comp_id 
_pdbx_modification_feature.label_asym_id 
_pdbx_modification_feature.label_seq_id 
_pdbx_modification_feature.label_alt_id 
_pdbx_modification_feature.modified_residue_label_comp_id 
_pdbx_modification_feature.modified_residue_label_asym_id 
_pdbx_modification_feature.modified_residue_label_seq_id 
_pdbx_modification_feature.modified_residue_label_alt_id 
_pdbx_modification_feature.auth_comp_id 
_pdbx_modification_feature.auth_asym_id 
_pdbx_modification_feature.auth_seq_id 
_pdbx_modification_feature.PDB_ins_code 
_pdbx_modification_feature.symmetry 
_pdbx_modification_feature.modified_residue_auth_comp_id 
_pdbx_modification_feature.modified_residue_auth_asym_id 
_pdbx_modification_feature.modified_residue_auth_seq_id 
_pdbx_modification_feature.modified_residue_PDB_ins_code 
_pdbx_modification_feature.modified_residue_symmetry 
_pdbx_modification_feature.comp_id_linking_atom 
_pdbx_modification_feature.modified_residue_id_linking_atom 
_pdbx_modification_feature.modified_residue_id 
_pdbx_modification_feature.ref_pcm_id 
_pdbx_modification_feature.ref_comp_id 
_pdbx_modification_feature.type 
_pdbx_modification_feature.category 
1 CYS A 30 ? CYS A 33 ? CYS A 37 ? 1_555 CYS A 40 ? 1_555 SG SG . . . None 'Disulfide bridge' 
2 CYS B 30 ? CYS B 33 ? CYS B 37 ? 1_555 CYS B 40 ? 1_555 SG SG . . . None 'Disulfide bridge' 
# 
loop_
_struct_mon_prot_cis.pdbx_id 
_struct_mon_prot_cis.label_comp_id 
_struct_mon_prot_cis.label_seq_id 
_struct_mon_prot_cis.label_asym_id 
_struct_mon_prot_cis.label_alt_id 
_struct_mon_prot_cis.pdbx_PDB_ins_code 
_struct_mon_prot_cis.auth_comp_id 
_struct_mon_prot_cis.auth_seq_id 
_struct_mon_prot_cis.auth_asym_id 
_struct_mon_prot_cis.pdbx_label_comp_id_2 
_struct_mon_prot_cis.pdbx_label_seq_id_2 
_struct_mon_prot_cis.pdbx_label_asym_id_2 
_struct_mon_prot_cis.pdbx_PDB_ins_code_2 
_struct_mon_prot_cis.pdbx_auth_comp_id_2 
_struct_mon_prot_cis.pdbx_auth_seq_id_2 
_struct_mon_prot_cis.pdbx_auth_asym_id_2 
_struct_mon_prot_cis.pdbx_PDB_model_num 
_struct_mon_prot_cis.pdbx_omega_angle 
1 ILE 73 A . ? ILE 80 A PRO 74 A ? PRO 81 A 1 0.05 
2 ILE 73 B . ? ILE 80 B PRO 74 B ? PRO 81 B 1 0.12 
# 
_struct_sheet.id               A 
_struct_sheet.type             ? 
_struct_sheet.number_strands   10 
_struct_sheet.details          ? 
# 
loop_
_struct_sheet_order.sheet_id 
_struct_sheet_order.range_id_1 
_struct_sheet_order.range_id_2 
_struct_sheet_order.offset 
_struct_sheet_order.sense 
A 1 2  ? parallel      
A 2 3  ? parallel      
A 3 4  ? anti-parallel 
A 4 5  ? anti-parallel 
A 5 6  ? parallel      
A 6 7  ? anti-parallel 
A 7 8  ? anti-parallel 
A 8 9  ? parallel      
A 9 10 ? parallel      
# 
loop_
_struct_sheet_range.sheet_id 
_struct_sheet_range.id 
_struct_sheet_range.beg_label_comp_id 
_struct_sheet_range.beg_label_asym_id 
_struct_sheet_range.beg_label_seq_id 
_struct_sheet_range.pdbx_beg_PDB_ins_code 
_struct_sheet_range.end_label_comp_id 
_struct_sheet_range.end_label_asym_id 
_struct_sheet_range.end_label_seq_id 
_struct_sheet_range.pdbx_end_PDB_ins_code 
_struct_sheet_range.beg_auth_comp_id 
_struct_sheet_range.beg_auth_asym_id 
_struct_sheet_range.beg_auth_seq_id 
_struct_sheet_range.end_auth_comp_id 
_struct_sheet_range.end_auth_asym_id 
_struct_sheet_range.end_auth_seq_id 
A 1  GLN A 3  ? ASP A 4  ? GLN A 10 ASP A 11 
A 2  ALA A 52 ? ASN A 57 ? ALA A 59 ASN A 64 
A 3  VAL A 21 ? TRP A 26 ? VAL A 28 TRP A 33 
A 4  THR A 75 ? LYS A 80 ? THR A 82 LYS A 87 
A 5  GLU A 83 ? GLY A 90 ? GLU A 90 GLY A 97 
A 6  GLU B 83 ? ILE B 89 ? GLU B 90 ILE B 96 
A 7  THR B 75 ? LYS B 80 ? THR B 82 LYS B 87 
A 8  VAL B 21 ? TRP B 26 ? VAL B 28 TRP B 33 
A 9  ALA B 52 ? ASN B 57 ? ALA B 59 ASN B 64 
A 10 GLN B 3  ? ASP B 4  ? GLN B 10 ASP B 11 
# 
loop_
_pdbx_struct_sheet_hbond.sheet_id 
_pdbx_struct_sheet_hbond.range_id_1 
_pdbx_struct_sheet_hbond.range_id_2 
_pdbx_struct_sheet_hbond.range_1_label_atom_id 
_pdbx_struct_sheet_hbond.range_1_label_comp_id 
_pdbx_struct_sheet_hbond.range_1_label_asym_id 
_pdbx_struct_sheet_hbond.range_1_label_seq_id 
_pdbx_struct_sheet_hbond.range_1_PDB_ins_code 
_pdbx_struct_sheet_hbond.range_1_auth_atom_id 
_pdbx_struct_sheet_hbond.range_1_auth_comp_id 
_pdbx_struct_sheet_hbond.range_1_auth_asym_id 
_pdbx_struct_sheet_hbond.range_1_auth_seq_id 
_pdbx_struct_sheet_hbond.range_2_label_atom_id 
_pdbx_struct_sheet_hbond.range_2_label_comp_id 
_pdbx_struct_sheet_hbond.range_2_label_asym_id 
_pdbx_struct_sheet_hbond.range_2_label_seq_id 
_pdbx_struct_sheet_hbond.range_2_PDB_ins_code 
_pdbx_struct_sheet_hbond.range_2_auth_atom_id 
_pdbx_struct_sheet_hbond.range_2_auth_comp_id 
_pdbx_struct_sheet_hbond.range_2_auth_asym_id 
_pdbx_struct_sheet_hbond.range_2_auth_seq_id 
A 1 2  N GLN A 3  ? N GLN A 10 O VAL A 53 ? O VAL A 60 
A 2 3  O ALA A 52 ? O ALA A 59 N MET A 22 ? N MET A 29 
A 3 4  N PHE A 25 ? N PHE A 32 O THR A 75 ? O THR A 82 
A 4 5  N LYS A 80 ? N LYS A 87 O GLU A 83 ? O GLU A 90 
A 5 6  N ILE A 89 ? N ILE A 96 O SER B 87 ? O SER B 94 
A 6 7  N ILE B 88 ? N ILE B 95 O VAL B 76 ? O VAL B 83 
A 7 8  O PHE B 79 ? O PHE B 86 N VAL B 21 ? N VAL B 28 
A 8 9  N MET B 22 ? N MET B 29 O ALA B 52 ? O ALA B 59 
A 9 10 N LYS B 55 ? N LYS B 62 O GLN B 3  ? O GLN B 10 
# 
_pdbx_entry_details.entry_id                   1FB6 
_pdbx_entry_details.compound_details           ? 
_pdbx_entry_details.source_details             ? 
_pdbx_entry_details.nonpolymer_details         ? 
_pdbx_entry_details.sequence_details           ? 
_pdbx_entry_details.has_ligand_of_interest     ? 
_pdbx_entry_details.has_protein_modification   Y 
# 
_pdbx_validate_torsion.id              1 
_pdbx_validate_torsion.PDB_model_num   1 
_pdbx_validate_torsion.auth_comp_id    VAL 
_pdbx_validate_torsion.auth_asym_id    B 
_pdbx_validate_torsion.auth_seq_id     21 
_pdbx_validate_torsion.PDB_ins_code    ? 
_pdbx_validate_torsion.label_alt_id    ? 
_pdbx_validate_torsion.phi             -93.90 
_pdbx_validate_torsion.psi             -60.52 
# 
loop_
_pdbx_unobs_or_zero_occ_residues.id 
_pdbx_unobs_or_zero_occ_residues.PDB_model_num 
_pdbx_unobs_or_zero_occ_residues.polymer_flag 
_pdbx_unobs_or_zero_occ_residues.occupancy_flag 
_pdbx_unobs_or_zero_occ_residues.auth_asym_id 
_pdbx_unobs_or_zero_occ_residues.auth_comp_id 
_pdbx_unobs_or_zero_occ_residues.auth_seq_id 
_pdbx_unobs_or_zero_occ_residues.PDB_ins_code 
_pdbx_unobs_or_zero_occ_residues.label_asym_id 
_pdbx_unobs_or_zero_occ_residues.label_comp_id 
_pdbx_unobs_or_zero_occ_residues.label_seq_id 
1 1 Y 1 A GLU 8 ? A GLU 1 
2 1 Y 1 B GLU 8 ? B GLU 1 
# 
loop_
_chem_comp_atom.comp_id 
_chem_comp_atom.atom_id 
_chem_comp_atom.type_symbol 
_chem_comp_atom.pdbx_aromatic_flag 
_chem_comp_atom.pdbx_stereo_config 
_chem_comp_atom.pdbx_ordinal 
ALA N    N N N 1   
ALA CA   C N S 2   
ALA C    C N N 3   
ALA O    O N N 4   
ALA CB   C N N 5   
ALA OXT  O N N 6   
ALA H    H N N 7   
ALA H2   H N N 8   
ALA HA   H N N 9   
ALA HB1  H N N 10  
ALA HB2  H N N 11  
ALA HB3  H N N 12  
ALA HXT  H N N 13  
ARG N    N N N 14  
ARG CA   C N S 15  
ARG C    C N N 16  
ARG O    O N N 17  
ARG CB   C N N 18  
ARG CG   C N N 19  
ARG CD   C N N 20  
ARG NE   N N N 21  
ARG CZ   C N N 22  
ARG NH1  N N N 23  
ARG NH2  N N N 24  
ARG OXT  O N N 25  
ARG H    H N N 26  
ARG H2   H N N 27  
ARG HA   H N N 28  
ARG HB2  H N N 29  
ARG HB3  H N N 30  
ARG HG2  H N N 31  
ARG HG3  H N N 32  
ARG HD2  H N N 33  
ARG HD3  H N N 34  
ARG HE   H N N 35  
ARG HH11 H N N 36  
ARG HH12 H N N 37  
ARG HH21 H N N 38  
ARG HH22 H N N 39  
ARG HXT  H N N 40  
ASN N    N N N 41  
ASN CA   C N S 42  
ASN C    C N N 43  
ASN O    O N N 44  
ASN CB   C N N 45  
ASN CG   C N N 46  
ASN OD1  O N N 47  
ASN ND2  N N N 48  
ASN OXT  O N N 49  
ASN H    H N N 50  
ASN H2   H N N 51  
ASN HA   H N N 52  
ASN HB2  H N N 53  
ASN HB3  H N N 54  
ASN HD21 H N N 55  
ASN HD22 H N N 56  
ASN HXT  H N N 57  
ASP N    N N N 58  
ASP CA   C N S 59  
ASP C    C N N 60  
ASP O    O N N 61  
ASP CB   C N N 62  
ASP CG   C N N 63  
ASP OD1  O N N 64  
ASP OD2  O N N 65  
ASP OXT  O N N 66  
ASP H    H N N 67  
ASP H2   H N N 68  
ASP HA   H N N 69  
ASP HB2  H N N 70  
ASP HB3  H N N 71  
ASP HD2  H N N 72  
ASP HXT  H N N 73  
CYS N    N N N 74  
CYS CA   C N R 75  
CYS C    C N N 76  
CYS O    O N N 77  
CYS CB   C N N 78  
CYS SG   S N N 79  
CYS OXT  O N N 80  
CYS H    H N N 81  
CYS H2   H N N 82  
CYS HA   H N N 83  
CYS HB2  H N N 84  
CYS HB3  H N N 85  
CYS HG   H N N 86  
CYS HXT  H N N 87  
GLN N    N N N 88  
GLN CA   C N S 89  
GLN C    C N N 90  
GLN O    O N N 91  
GLN CB   C N N 92  
GLN CG   C N N 93  
GLN CD   C N N 94  
GLN OE1  O N N 95  
GLN NE2  N N N 96  
GLN OXT  O N N 97  
GLN H    H N N 98  
GLN H2   H N N 99  
GLN HA   H N N 100 
GLN HB2  H N N 101 
GLN HB3  H N N 102 
GLN HG2  H N N 103 
GLN HG3  H N N 104 
GLN HE21 H N N 105 
GLN HE22 H N N 106 
GLN HXT  H N N 107 
GLU N    N N N 108 
GLU CA   C N S 109 
GLU C    C N N 110 
GLU O    O N N 111 
GLU CB   C N N 112 
GLU CG   C N N 113 
GLU CD   C N N 114 
GLU OE1  O N N 115 
GLU OE2  O N N 116 
GLU OXT  O N N 117 
GLU H    H N N 118 
GLU H2   H N N 119 
GLU HA   H N N 120 
GLU HB2  H N N 121 
GLU HB3  H N N 122 
GLU HG2  H N N 123 
GLU HG3  H N N 124 
GLU HE2  H N N 125 
GLU HXT  H N N 126 
GLY N    N N N 127 
GLY CA   C N N 128 
GLY C    C N N 129 
GLY O    O N N 130 
GLY OXT  O N N 131 
GLY H    H N N 132 
GLY H2   H N N 133 
GLY HA2  H N N 134 
GLY HA3  H N N 135 
GLY HXT  H N N 136 
HOH O    O N N 137 
HOH H1   H N N 138 
HOH H2   H N N 139 
ILE N    N N N 140 
ILE CA   C N S 141 
ILE C    C N N 142 
ILE O    O N N 143 
ILE CB   C N S 144 
ILE CG1  C N N 145 
ILE CG2  C N N 146 
ILE CD1  C N N 147 
ILE OXT  O N N 148 
ILE H    H N N 149 
ILE H2   H N N 150 
ILE HA   H N N 151 
ILE HB   H N N 152 
ILE HG12 H N N 153 
ILE HG13 H N N 154 
ILE HG21 H N N 155 
ILE HG22 H N N 156 
ILE HG23 H N N 157 
ILE HD11 H N N 158 
ILE HD12 H N N 159 
ILE HD13 H N N 160 
ILE HXT  H N N 161 
LEU N    N N N 162 
LEU CA   C N S 163 
LEU C    C N N 164 
LEU O    O N N 165 
LEU CB   C N N 166 
LEU CG   C N N 167 
LEU CD1  C N N 168 
LEU CD2  C N N 169 
LEU OXT  O N N 170 
LEU H    H N N 171 
LEU H2   H N N 172 
LEU HA   H N N 173 
LEU HB2  H N N 174 
LEU HB3  H N N 175 
LEU HG   H N N 176 
LEU HD11 H N N 177 
LEU HD12 H N N 178 
LEU HD13 H N N 179 
LEU HD21 H N N 180 
LEU HD22 H N N 181 
LEU HD23 H N N 182 
LEU HXT  H N N 183 
LYS N    N N N 184 
LYS CA   C N S 185 
LYS C    C N N 186 
LYS O    O N N 187 
LYS CB   C N N 188 
LYS CG   C N N 189 
LYS CD   C N N 190 
LYS CE   C N N 191 
LYS NZ   N N N 192 
LYS OXT  O N N 193 
LYS H    H N N 194 
LYS H2   H N N 195 
LYS HA   H N N 196 
LYS HB2  H N N 197 
LYS HB3  H N N 198 
LYS HG2  H N N 199 
LYS HG3  H N N 200 
LYS HD2  H N N 201 
LYS HD3  H N N 202 
LYS HE2  H N N 203 
LYS HE3  H N N 204 
LYS HZ1  H N N 205 
LYS HZ2  H N N 206 
LYS HZ3  H N N 207 
LYS HXT  H N N 208 
MET N    N N N 209 
MET CA   C N S 210 
MET C    C N N 211 
MET O    O N N 212 
MET CB   C N N 213 
MET CG   C N N 214 
MET SD   S N N 215 
MET CE   C N N 216 
MET OXT  O N N 217 
MET H    H N N 218 
MET H2   H N N 219 
MET HA   H N N 220 
MET HB2  H N N 221 
MET HB3  H N N 222 
MET HG2  H N N 223 
MET HG3  H N N 224 
MET HE1  H N N 225 
MET HE2  H N N 226 
MET HE3  H N N 227 
MET HXT  H N N 228 
PHE N    N N N 229 
PHE CA   C N S 230 
PHE C    C N N 231 
PHE O    O N N 232 
PHE CB   C N N 233 
PHE CG   C Y N 234 
PHE CD1  C Y N 235 
PHE CD2  C Y N 236 
PHE CE1  C Y N 237 
PHE CE2  C Y N 238 
PHE CZ   C Y N 239 
PHE OXT  O N N 240 
PHE H    H N N 241 
PHE H2   H N N 242 
PHE HA   H N N 243 
PHE HB2  H N N 244 
PHE HB3  H N N 245 
PHE HD1  H N N 246 
PHE HD2  H N N 247 
PHE HE1  H N N 248 
PHE HE2  H N N 249 
PHE HZ   H N N 250 
PHE HXT  H N N 251 
PRO N    N N N 252 
PRO CA   C N S 253 
PRO C    C N N 254 
PRO O    O N N 255 
PRO CB   C N N 256 
PRO CG   C N N 257 
PRO CD   C N N 258 
PRO OXT  O N N 259 
PRO H    H N N 260 
PRO HA   H N N 261 
PRO HB2  H N N 262 
PRO HB3  H N N 263 
PRO HG2  H N N 264 
PRO HG3  H N N 265 
PRO HD2  H N N 266 
PRO HD3  H N N 267 
PRO HXT  H N N 268 
SER N    N N N 269 
SER CA   C N S 270 
SER C    C N N 271 
SER O    O N N 272 
SER CB   C N N 273 
SER OG   O N N 274 
SER OXT  O N N 275 
SER H    H N N 276 
SER H2   H N N 277 
SER HA   H N N 278 
SER HB2  H N N 279 
SER HB3  H N N 280 
SER HG   H N N 281 
SER HXT  H N N 282 
THR N    N N N 283 
THR CA   C N S 284 
THR C    C N N 285 
THR O    O N N 286 
THR CB   C N R 287 
THR OG1  O N N 288 
THR CG2  C N N 289 
THR OXT  O N N 290 
THR H    H N N 291 
THR H2   H N N 292 
THR HA   H N N 293 
THR HB   H N N 294 
THR HG1  H N N 295 
THR HG21 H N N 296 
THR HG22 H N N 297 
THR HG23 H N N 298 
THR HXT  H N N 299 
TRP N    N N N 300 
TRP CA   C N S 301 
TRP C    C N N 302 
TRP O    O N N 303 
TRP CB   C N N 304 
TRP CG   C Y N 305 
TRP CD1  C Y N 306 
TRP CD2  C Y N 307 
TRP NE1  N Y N 308 
TRP CE2  C Y N 309 
TRP CE3  C Y N 310 
TRP CZ2  C Y N 311 
TRP CZ3  C Y N 312 
TRP CH2  C Y N 313 
TRP OXT  O N N 314 
TRP H    H N N 315 
TRP H2   H N N 316 
TRP HA   H N N 317 
TRP HB2  H N N 318 
TRP HB3  H N N 319 
TRP HD1  H N N 320 
TRP HE1  H N N 321 
TRP HE3  H N N 322 
TRP HZ2  H N N 323 
TRP HZ3  H N N 324 
TRP HH2  H N N 325 
TRP HXT  H N N 326 
TYR N    N N N 327 
TYR CA   C N S 328 
TYR C    C N N 329 
TYR O    O N N 330 
TYR CB   C N N 331 
TYR CG   C Y N 332 
TYR CD1  C Y N 333 
TYR CD2  C Y N 334 
TYR CE1  C Y N 335 
TYR CE2  C Y N 336 
TYR CZ   C Y N 337 
TYR OH   O N N 338 
TYR OXT  O N N 339 
TYR H    H N N 340 
TYR H2   H N N 341 
TYR HA   H N N 342 
TYR HB2  H N N 343 
TYR HB3  H N N 344 
TYR HD1  H N N 345 
TYR HD2  H N N 346 
TYR HE1  H N N 347 
TYR HE2  H N N 348 
TYR HH   H N N 349 
TYR HXT  H N N 350 
VAL N    N N N 351 
VAL CA   C N S 352 
VAL C    C N N 353 
VAL O    O N N 354 
VAL CB   C N N 355 
VAL CG1  C N N 356 
VAL CG2  C N N 357 
VAL OXT  O N N 358 
VAL H    H N N 359 
VAL H2   H N N 360 
VAL HA   H N N 361 
VAL HB   H N N 362 
VAL HG11 H N N 363 
VAL HG12 H N N 364 
VAL HG13 H N N 365 
VAL HG21 H N N 366 
VAL HG22 H N N 367 
VAL HG23 H N N 368 
VAL HXT  H N N 369 
# 
loop_
_chem_comp_bond.comp_id 
_chem_comp_bond.atom_id_1 
_chem_comp_bond.atom_id_2 
_chem_comp_bond.value_order 
_chem_comp_bond.pdbx_aromatic_flag 
_chem_comp_bond.pdbx_stereo_config 
_chem_comp_bond.pdbx_ordinal 
ALA N   CA   sing N N 1   
ALA N   H    sing N N 2   
ALA N   H2   sing N N 3   
ALA CA  C    sing N N 4   
ALA CA  CB   sing N N 5   
ALA CA  HA   sing N N 6   
ALA C   O    doub N N 7   
ALA C   OXT  sing N N 8   
ALA CB  HB1  sing N N 9   
ALA CB  HB2  sing N N 10  
ALA CB  HB3  sing N N 11  
ALA OXT HXT  sing N N 12  
ARG N   CA   sing N N 13  
ARG N   H    sing N N 14  
ARG N   H2   sing N N 15  
ARG CA  C    sing N N 16  
ARG CA  CB   sing N N 17  
ARG CA  HA   sing N N 18  
ARG C   O    doub N N 19  
ARG C   OXT  sing N N 20  
ARG CB  CG   sing N N 21  
ARG CB  HB2  sing N N 22  
ARG CB  HB3  sing N N 23  
ARG CG  CD   sing N N 24  
ARG CG  HG2  sing N N 25  
ARG CG  HG3  sing N N 26  
ARG CD  NE   sing N N 27  
ARG CD  HD2  sing N N 28  
ARG CD  HD3  sing N N 29  
ARG NE  CZ   sing N N 30  
ARG NE  HE   sing N N 31  
ARG CZ  NH1  sing N N 32  
ARG CZ  NH2  doub N N 33  
ARG NH1 HH11 sing N N 34  
ARG NH1 HH12 sing N N 35  
ARG NH2 HH21 sing N N 36  
ARG NH2 HH22 sing N N 37  
ARG OXT HXT  sing N N 38  
ASN N   CA   sing N N 39  
ASN N   H    sing N N 40  
ASN N   H2   sing N N 41  
ASN CA  C    sing N N 42  
ASN CA  CB   sing N N 43  
ASN CA  HA   sing N N 44  
ASN C   O    doub N N 45  
ASN C   OXT  sing N N 46  
ASN CB  CG   sing N N 47  
ASN CB  HB2  sing N N 48  
ASN CB  HB3  sing N N 49  
ASN CG  OD1  doub N N 50  
ASN CG  ND2  sing N N 51  
ASN ND2 HD21 sing N N 52  
ASN ND2 HD22 sing N N 53  
ASN OXT HXT  sing N N 54  
ASP N   CA   sing N N 55  
ASP N   H    sing N N 56  
ASP N   H2   sing N N 57  
ASP CA  C    sing N N 58  
ASP CA  CB   sing N N 59  
ASP CA  HA   sing N N 60  
ASP C   O    doub N N 61  
ASP C   OXT  sing N N 62  
ASP CB  CG   sing N N 63  
ASP CB  HB2  sing N N 64  
ASP CB  HB3  sing N N 65  
ASP CG  OD1  doub N N 66  
ASP CG  OD2  sing N N 67  
ASP OD2 HD2  sing N N 68  
ASP OXT HXT  sing N N 69  
CYS N   CA   sing N N 70  
CYS N   H    sing N N 71  
CYS N   H2   sing N N 72  
CYS CA  C    sing N N 73  
CYS CA  CB   sing N N 74  
CYS CA  HA   sing N N 75  
CYS C   O    doub N N 76  
CYS C   OXT  sing N N 77  
CYS CB  SG   sing N N 78  
CYS CB  HB2  sing N N 79  
CYS CB  HB3  sing N N 80  
CYS SG  HG   sing N N 81  
CYS OXT HXT  sing N N 82  
GLN N   CA   sing N N 83  
GLN N   H    sing N N 84  
GLN N   H2   sing N N 85  
GLN CA  C    sing N N 86  
GLN CA  CB   sing N N 87  
GLN CA  HA   sing N N 88  
GLN C   O    doub N N 89  
GLN C   OXT  sing N N 90  
GLN CB  CG   sing N N 91  
GLN CB  HB2  sing N N 92  
GLN CB  HB3  sing N N 93  
GLN CG  CD   sing N N 94  
GLN CG  HG2  sing N N 95  
GLN CG  HG3  sing N N 96  
GLN CD  OE1  doub N N 97  
GLN CD  NE2  sing N N 98  
GLN NE2 HE21 sing N N 99  
GLN NE2 HE22 sing N N 100 
GLN OXT HXT  sing N N 101 
GLU N   CA   sing N N 102 
GLU N   H    sing N N 103 
GLU N   H2   sing N N 104 
GLU CA  C    sing N N 105 
GLU CA  CB   sing N N 106 
GLU CA  HA   sing N N 107 
GLU C   O    doub N N 108 
GLU C   OXT  sing N N 109 
GLU CB  CG   sing N N 110 
GLU CB  HB2  sing N N 111 
GLU CB  HB3  sing N N 112 
GLU CG  CD   sing N N 113 
GLU CG  HG2  sing N N 114 
GLU CG  HG3  sing N N 115 
GLU CD  OE1  doub N N 116 
GLU CD  OE2  sing N N 117 
GLU OE2 HE2  sing N N 118 
GLU OXT HXT  sing N N 119 
GLY N   CA   sing N N 120 
GLY N   H    sing N N 121 
GLY N   H2   sing N N 122 
GLY CA  C    sing N N 123 
GLY CA  HA2  sing N N 124 
GLY CA  HA3  sing N N 125 
GLY C   O    doub N N 126 
GLY C   OXT  sing N N 127 
GLY OXT HXT  sing N N 128 
HOH O   H1   sing N N 129 
HOH O   H2   sing N N 130 
ILE N   CA   sing N N 131 
ILE N   H    sing N N 132 
ILE N   H2   sing N N 133 
ILE CA  C    sing N N 134 
ILE CA  CB   sing N N 135 
ILE CA  HA   sing N N 136 
ILE C   O    doub N N 137 
ILE C   OXT  sing N N 138 
ILE CB  CG1  sing N N 139 
ILE CB  CG2  sing N N 140 
ILE CB  HB   sing N N 141 
ILE CG1 CD1  sing N N 142 
ILE CG1 HG12 sing N N 143 
ILE CG1 HG13 sing N N 144 
ILE CG2 HG21 sing N N 145 
ILE CG2 HG22 sing N N 146 
ILE CG2 HG23 sing N N 147 
ILE CD1 HD11 sing N N 148 
ILE CD1 HD12 sing N N 149 
ILE CD1 HD13 sing N N 150 
ILE OXT HXT  sing N N 151 
LEU N   CA   sing N N 152 
LEU N   H    sing N N 153 
LEU N   H2   sing N N 154 
LEU CA  C    sing N N 155 
LEU CA  CB   sing N N 156 
LEU CA  HA   sing N N 157 
LEU C   O    doub N N 158 
LEU C   OXT  sing N N 159 
LEU CB  CG   sing N N 160 
LEU CB  HB2  sing N N 161 
LEU CB  HB3  sing N N 162 
LEU CG  CD1  sing N N 163 
LEU CG  CD2  sing N N 164 
LEU CG  HG   sing N N 165 
LEU CD1 HD11 sing N N 166 
LEU CD1 HD12 sing N N 167 
LEU CD1 HD13 sing N N 168 
LEU CD2 HD21 sing N N 169 
LEU CD2 HD22 sing N N 170 
LEU CD2 HD23 sing N N 171 
LEU OXT HXT  sing N N 172 
LYS N   CA   sing N N 173 
LYS N   H    sing N N 174 
LYS N   H2   sing N N 175 
LYS CA  C    sing N N 176 
LYS CA  CB   sing N N 177 
LYS CA  HA   sing N N 178 
LYS C   O    doub N N 179 
LYS C   OXT  sing N N 180 
LYS CB  CG   sing N N 181 
LYS CB  HB2  sing N N 182 
LYS CB  HB3  sing N N 183 
LYS CG  CD   sing N N 184 
LYS CG  HG2  sing N N 185 
LYS CG  HG3  sing N N 186 
LYS CD  CE   sing N N 187 
LYS CD  HD2  sing N N 188 
LYS CD  HD3  sing N N 189 
LYS CE  NZ   sing N N 190 
LYS CE  HE2  sing N N 191 
LYS CE  HE3  sing N N 192 
LYS NZ  HZ1  sing N N 193 
LYS NZ  HZ2  sing N N 194 
LYS NZ  HZ3  sing N N 195 
LYS OXT HXT  sing N N 196 
MET N   CA   sing N N 197 
MET N   H    sing N N 198 
MET N   H2   sing N N 199 
MET CA  C    sing N N 200 
MET CA  CB   sing N N 201 
MET CA  HA   sing N N 202 
MET C   O    doub N N 203 
MET C   OXT  sing N N 204 
MET CB  CG   sing N N 205 
MET CB  HB2  sing N N 206 
MET CB  HB3  sing N N 207 
MET CG  SD   sing N N 208 
MET CG  HG2  sing N N 209 
MET CG  HG3  sing N N 210 
MET SD  CE   sing N N 211 
MET CE  HE1  sing N N 212 
MET CE  HE2  sing N N 213 
MET CE  HE3  sing N N 214 
MET OXT HXT  sing N N 215 
PHE N   CA   sing N N 216 
PHE N   H    sing N N 217 
PHE N   H2   sing N N 218 
PHE CA  C    sing N N 219 
PHE CA  CB   sing N N 220 
PHE CA  HA   sing N N 221 
PHE C   O    doub N N 222 
PHE C   OXT  sing N N 223 
PHE CB  CG   sing N N 224 
PHE CB  HB2  sing N N 225 
PHE CB  HB3  sing N N 226 
PHE CG  CD1  doub Y N 227 
PHE CG  CD2  sing Y N 228 
PHE CD1 CE1  sing Y N 229 
PHE CD1 HD1  sing N N 230 
PHE CD2 CE2  doub Y N 231 
PHE CD2 HD2  sing N N 232 
PHE CE1 CZ   doub Y N 233 
PHE CE1 HE1  sing N N 234 
PHE CE2 CZ   sing Y N 235 
PHE CE2 HE2  sing N N 236 
PHE CZ  HZ   sing N N 237 
PHE OXT HXT  sing N N 238 
PRO N   CA   sing N N 239 
PRO N   CD   sing N N 240 
PRO N   H    sing N N 241 
PRO CA  C    sing N N 242 
PRO CA  CB   sing N N 243 
PRO CA  HA   sing N N 244 
PRO C   O    doub N N 245 
PRO C   OXT  sing N N 246 
PRO CB  CG   sing N N 247 
PRO CB  HB2  sing N N 248 
PRO CB  HB3  sing N N 249 
PRO CG  CD   sing N N 250 
PRO CG  HG2  sing N N 251 
PRO CG  HG3  sing N N 252 
PRO CD  HD2  sing N N 253 
PRO CD  HD3  sing N N 254 
PRO OXT HXT  sing N N 255 
SER N   CA   sing N N 256 
SER N   H    sing N N 257 
SER N   H2   sing N N 258 
SER CA  C    sing N N 259 
SER CA  CB   sing N N 260 
SER CA  HA   sing N N 261 
SER C   O    doub N N 262 
SER C   OXT  sing N N 263 
SER CB  OG   sing N N 264 
SER CB  HB2  sing N N 265 
SER CB  HB3  sing N N 266 
SER OG  HG   sing N N 267 
SER OXT HXT  sing N N 268 
THR N   CA   sing N N 269 
THR N   H    sing N N 270 
THR N   H2   sing N N 271 
THR CA  C    sing N N 272 
THR CA  CB   sing N N 273 
THR CA  HA   sing N N 274 
THR C   O    doub N N 275 
THR C   OXT  sing N N 276 
THR CB  OG1  sing N N 277 
THR CB  CG2  sing N N 278 
THR CB  HB   sing N N 279 
THR OG1 HG1  sing N N 280 
THR CG2 HG21 sing N N 281 
THR CG2 HG22 sing N N 282 
THR CG2 HG23 sing N N 283 
THR OXT HXT  sing N N 284 
TRP N   CA   sing N N 285 
TRP N   H    sing N N 286 
TRP N   H2   sing N N 287 
TRP CA  C    sing N N 288 
TRP CA  CB   sing N N 289 
TRP CA  HA   sing N N 290 
TRP C   O    doub N N 291 
TRP C   OXT  sing N N 292 
TRP CB  CG   sing N N 293 
TRP CB  HB2  sing N N 294 
TRP CB  HB3  sing N N 295 
TRP CG  CD1  doub Y N 296 
TRP CG  CD2  sing Y N 297 
TRP CD1 NE1  sing Y N 298 
TRP CD1 HD1  sing N N 299 
TRP CD2 CE2  doub Y N 300 
TRP CD2 CE3  sing Y N 301 
TRP NE1 CE2  sing Y N 302 
TRP NE1 HE1  sing N N 303 
TRP CE2 CZ2  sing Y N 304 
TRP CE3 CZ3  doub Y N 305 
TRP CE3 HE3  sing N N 306 
TRP CZ2 CH2  doub Y N 307 
TRP CZ2 HZ2  sing N N 308 
TRP CZ3 CH2  sing Y N 309 
TRP CZ3 HZ3  sing N N 310 
TRP CH2 HH2  sing N N 311 
TRP OXT HXT  sing N N 312 
TYR N   CA   sing N N 313 
TYR N   H    sing N N 314 
TYR N   H2   sing N N 315 
TYR CA  C    sing N N 316 
TYR CA  CB   sing N N 317 
TYR CA  HA   sing N N 318 
TYR C   O    doub N N 319 
TYR C   OXT  sing N N 320 
TYR CB  CG   sing N N 321 
TYR CB  HB2  sing N N 322 
TYR CB  HB3  sing N N 323 
TYR CG  CD1  doub Y N 324 
TYR CG  CD2  sing Y N 325 
TYR CD1 CE1  sing Y N 326 
TYR CD1 HD1  sing N N 327 
TYR CD2 CE2  doub Y N 328 
TYR CD2 HD2  sing N N 329 
TYR CE1 CZ   doub Y N 330 
TYR CE1 HE1  sing N N 331 
TYR CE2 CZ   sing Y N 332 
TYR CE2 HE2  sing N N 333 
TYR CZ  OH   sing N N 334 
TYR OH  HH   sing N N 335 
TYR OXT HXT  sing N N 336 
VAL N   CA   sing N N 337 
VAL N   H    sing N N 338 
VAL N   H2   sing N N 339 
VAL CA  C    sing N N 340 
VAL CA  CB   sing N N 341 
VAL CA  HA   sing N N 342 
VAL C   O    doub N N 343 
VAL C   OXT  sing N N 344 
VAL CB  CG1  sing N N 345 
VAL CB  CG2  sing N N 346 
VAL CB  HB   sing N N 347 
VAL CG1 HG11 sing N N 348 
VAL CG1 HG12 sing N N 349 
VAL CG1 HG13 sing N N 350 
VAL CG2 HG21 sing N N 351 
VAL CG2 HG22 sing N N 352 
VAL CG2 HG23 sing N N 353 
VAL OXT HXT  sing N N 354 
# 
_atom_sites.entry_id                    1FB6 
_atom_sites.fract_transf_matrix[1][1]   -0.00766285 
_atom_sites.fract_transf_matrix[1][2]   0.00704329 
_atom_sites.fract_transf_matrix[1][3]   -0.01142598 
_atom_sites.fract_transf_matrix[2][1]   -0.00554274 
_atom_sites.fract_transf_matrix[2][2]   0.01427931 
_atom_sites.fract_transf_matrix[2][3]   0.00206570 
_atom_sites.fract_transf_matrix[3][1]   0.01160825 
_atom_sites.fract_transf_matrix[3][2]   0.00517102 
_atom_sites.fract_transf_matrix[3][3]   -0.00459753 
_atom_sites.fract_transf_vector[1]      0.557648 
_atom_sites.fract_transf_vector[2]      0.771218 
_atom_sites.fract_transf_vector[3]      0.086128 
# 
loop_
_atom_type.symbol 
C 
N 
O 
S 
# 
loop_
_atom_site.group_PDB 
_atom_site.id 
_atom_site.type_symbol 
_atom_site.label_atom_id 
_atom_site.label_alt_id 
_atom_site.label_comp_id 
_atom_site.label_asym_id 
_atom_site.label_entity_id 
_atom_site.label_seq_id 
_atom_site.pdbx_PDB_ins_code 
_atom_site.Cartn_x 
_atom_site.Cartn_y 
_atom_site.Cartn_z 
_atom_site.occupancy 
_atom_site.B_iso_or_equiv 
_atom_site.pdbx_formal_charge 
_atom_site.auth_seq_id 
_atom_site.auth_comp_id 
_atom_site.auth_asym_id 
_atom_site.auth_atom_id 
_atom_site.pdbx_PDB_model_num 
ATOM   1    N N   . VAL A 1 2   ? -13.817 5.348   15.987  1.00 23.19 ? 9   VAL A N   1 
ATOM   2    C CA  . VAL A 1 2   ? -14.079 4.475   14.806  1.00 21.58 ? 9   VAL A CA  1 
ATOM   3    C C   . VAL A 1 2   ? -14.649 3.135   15.254  1.00 20.87 ? 9   VAL A C   1 
ATOM   4    O O   . VAL A 1 2   ? -14.105 2.497   16.152  1.00 21.09 ? 9   VAL A O   1 
ATOM   5    C CB  . VAL A 1 2   ? -12.784 4.218   14.007  1.00 22.52 ? 9   VAL A CB  1 
ATOM   6    C CG1 . VAL A 1 2   ? -13.078 3.305   12.823  1.00 21.19 ? 9   VAL A CG1 1 
ATOM   7    C CG2 . VAL A 1 2   ? -12.192 5.544   13.537  1.00 23.09 ? 9   VAL A CG2 1 
ATOM   8    N N   . GLN A 1 3   ? -15.738 2.715   14.617  1.00 21.03 ? 10  GLN A N   1 
ATOM   9    C CA  . GLN A 1 3   ? -16.400 1.456   14.946  1.00 22.84 ? 10  GLN A CA  1 
ATOM   10   C C   . GLN A 1 3   ? -15.511 0.270   14.579  1.00 22.39 ? 10  GLN A C   1 
ATOM   11   O O   . GLN A 1 3   ? -14.858 0.266   13.534  1.00 21.46 ? 10  GLN A O   1 
ATOM   12   C CB  . GLN A 1 3   ? -17.725 1.342   14.180  1.00 25.28 ? 10  GLN A CB  1 
ATOM   13   C CG  . GLN A 1 3   ? -18.890 0.696   14.950  1.00 31.29 ? 10  GLN A CG  1 
ATOM   14   C CD  . GLN A 1 3   ? -18.585 -0.700  15.472  1.00 33.07 ? 10  GLN A CD  1 
ATOM   15   O OE1 . GLN A 1 3   ? -17.772 -0.876  16.379  1.00 35.62 ? 10  GLN A OE1 1 
ATOM   16   N NE2 . GLN A 1 3   ? -19.246 -1.698  14.905  1.00 35.76 ? 10  GLN A NE2 1 
ATOM   17   N N   . ASP A 1 4   ? -15.480 -0.731  15.448  1.00 21.41 ? 11  ASP A N   1 
ATOM   18   C CA  . ASP A 1 4   ? -14.693 -1.925  15.189  1.00 21.71 ? 11  ASP A CA  1 
ATOM   19   C C   . ASP A 1 4   ? -15.538 -2.852  14.320  1.00 20.39 ? 11  ASP A C   1 
ATOM   20   O O   . ASP A 1 4   ? -16.771 -2.826  14.382  1.00 19.11 ? 11  ASP A O   1 
ATOM   21   C CB  . ASP A 1 4   ? -14.332 -2.637  16.498  1.00 24.36 ? 11  ASP A CB  1 
ATOM   22   C CG  . ASP A 1 4   ? -13.463 -1.790  17.404  1.00 26.88 ? 11  ASP A CG  1 
ATOM   23   O OD1 . ASP A 1 4   ? -12.391 -1.341  16.951  1.00 28.92 ? 11  ASP A OD1 1 
ATOM   24   O OD2 . ASP A 1 4   ? -13.850 -1.569  18.572  1.00 29.54 ? 11  ASP A OD2 1 
ATOM   25   N N   . VAL A 1 5   ? -14.872 -3.650  13.495  1.00 18.62 ? 12  VAL A N   1 
ATOM   26   C CA  . VAL A 1 5   ? -15.568 -4.598  12.632  1.00 17.86 ? 12  VAL A CA  1 
ATOM   27   C C   . VAL A 1 5   ? -14.865 -5.939  12.800  1.00 18.25 ? 12  VAL A C   1 
ATOM   28   O O   . VAL A 1 5   ? -13.656 -5.983  13.001  1.00 17.52 ? 12  VAL A O   1 
ATOM   29   C CB  . VAL A 1 5   ? -15.522 -4.153  11.141  1.00 16.38 ? 12  VAL A CB  1 
ATOM   30   C CG1 . VAL A 1 5   ? -14.086 -4.185  10.619  1.00 14.86 ? 12  VAL A CG1 1 
ATOM   31   C CG2 . VAL A 1 5   ? -16.416 -5.059  10.299  1.00 16.52 ? 12  VAL A CG2 1 
ATOM   32   N N   . ASN A 1 6   ? -15.621 -7.029  12.753  1.00 19.52 ? 13  ASN A N   1 
ATOM   33   C CA  . ASN A 1 6   ? -15.022 -8.351  12.896  1.00 20.88 ? 13  ASN A CA  1 
ATOM   34   C C   . ASN A 1 6   ? -15.628 -9.331  11.907  1.00 21.91 ? 13  ASN A C   1 
ATOM   35   O O   . ASN A 1 6   ? -16.392 -8.942  11.024  1.00 20.63 ? 13  ASN A O   1 
ATOM   36   C CB  . ASN A 1 6   ? -15.188 -8.888  14.327  1.00 21.02 ? 13  ASN A CB  1 
ATOM   37   C CG  . ASN A 1 6   ? -16.638 -8.915  14.783  1.00 21.84 ? 13  ASN A CG  1 
ATOM   38   O OD1 . ASN A 1 6   ? -17.538 -9.233  14.013  1.00 23.08 ? 13  ASN A OD1 1 
ATOM   39   N ND2 . ASN A 1 6   ? -16.863 -8.594  16.048  1.00 23.74 ? 13  ASN A ND2 1 
ATOM   40   N N   . ASP A 1 7   ? -15.281 -10.603 12.064  1.00 23.97 ? 14  ASP A N   1 
ATOM   41   C CA  . ASP A 1 7   ? -15.777 -11.640 11.174  1.00 26.21 ? 14  ASP A CA  1 
ATOM   42   C C   . ASP A 1 7   ? -17.295 -11.696 11.129  1.00 25.84 ? 14  ASP A C   1 
ATOM   43   O O   . ASP A 1 7   ? -17.869 -12.001 10.090  1.00 27.08 ? 14  ASP A O   1 
ATOM   44   C CB  . ASP A 1 7   ? -15.243 -13.006 11.602  1.00 29.57 ? 14  ASP A CB  1 
ATOM   45   C CG  . ASP A 1 7   ? -13.749 -13.004 11.833  1.00 33.35 ? 14  ASP A CG  1 
ATOM   46   O OD1 . ASP A 1 7   ? -13.003 -12.532 10.948  1.00 36.21 ? 14  ASP A OD1 1 
ATOM   47   O OD2 . ASP A 1 7   ? -13.318 -13.485 12.902  1.00 36.57 ? 14  ASP A OD2 1 
ATOM   48   N N   . SER A 1 8   ? -17.951 -11.397 12.245  1.00 24.96 ? 15  SER A N   1 
ATOM   49   C CA  . SER A 1 8   ? -19.410 -11.457 12.279  1.00 24.87 ? 15  SER A CA  1 
ATOM   50   C C   . SER A 1 8   ? -20.150 -10.245 11.719  1.00 23.54 ? 15  SER A C   1 
ATOM   51   O O   . SER A 1 8   ? -21.311 -10.355 11.334  1.00 23.85 ? 15  SER A O   1 
ATOM   52   C CB  . SER A 1 8   ? -19.888 -11.737 13.705  1.00 25.88 ? 15  SER A CB  1 
ATOM   53   O OG  . SER A 1 8   ? -19.541 -13.058 14.087  1.00 28.61 ? 15  SER A OG  1 
ATOM   54   N N   . SER A 1 9   ? -19.490 -9.094  11.662  1.00 21.45 ? 16  SER A N   1 
ATOM   55   C CA  . SER A 1 9   ? -20.145 -7.898  11.143  1.00 20.76 ? 16  SER A CA  1 
ATOM   56   C C   . SER A 1 9   ? -19.592 -7.429  9.798   1.00 19.60 ? 16  SER A C   1 
ATOM   57   O O   . SER A 1 9   ? -20.091 -6.456  9.220   1.00 19.85 ? 16  SER A O   1 
ATOM   58   C CB  . SER A 1 9   ? -20.038 -6.765  12.170  1.00 20.46 ? 16  SER A CB  1 
ATOM   59   O OG  . SER A 1 9   ? -18.696 -6.592  12.591  1.00 19.63 ? 16  SER A OG  1 
ATOM   60   N N   . TRP A 1 10  ? -18.577 -8.128  9.296   1.00 18.61 ? 17  TRP A N   1 
ATOM   61   C CA  . TRP A 1 10  ? -17.933 -7.764  8.032   1.00 16.74 ? 17  TRP A CA  1 
ATOM   62   C C   . TRP A 1 10  ? -18.874 -7.631  6.837   1.00 17.27 ? 17  TRP A C   1 
ATOM   63   O O   . TRP A 1 10  ? -18.906 -6.589  6.190   1.00 16.65 ? 17  TRP A O   1 
ATOM   64   C CB  . TRP A 1 10  ? -16.820 -8.765  7.702   1.00 15.52 ? 17  TRP A CB  1 
ATOM   65   C CG  . TRP A 1 10  ? -15.996 -8.370  6.506   1.00 13.19 ? 17  TRP A CG  1 
ATOM   66   C CD1 . TRP A 1 10  ? -16.125 -8.832  5.228   1.00 12.36 ? 17  TRP A CD1 1 
ATOM   67   C CD2 . TRP A 1 10  ? -14.922 -7.421  6.483   1.00 12.50 ? 17  TRP A CD2 1 
ATOM   68   N NE1 . TRP A 1 10  ? -15.192 -8.234  4.408   1.00 11.66 ? 17  TRP A NE1 1 
ATOM   69   C CE2 . TRP A 1 10  ? -14.443 -7.363  5.153   1.00 12.05 ? 17  TRP A CE2 1 
ATOM   70   C CE3 . TRP A 1 10  ? -14.316 -6.617  7.456   1.00 12.26 ? 17  TRP A CE3 1 
ATOM   71   C CZ2 . TRP A 1 10  ? -13.383 -6.530  4.772   1.00 11.81 ? 17  TRP A CZ2 1 
ATOM   72   C CZ3 . TRP A 1 10  ? -13.260 -5.789  7.077   1.00 12.33 ? 17  TRP A CZ3 1 
ATOM   73   C CH2 . TRP A 1 10  ? -12.806 -5.753  5.745   1.00 11.74 ? 17  TRP A CH2 1 
ATOM   74   N N   . LYS A 1 11  ? -19.636 -8.681  6.542   1.00 17.82 ? 18  LYS A N   1 
ATOM   75   C CA  . LYS A 1 11  ? -20.563 -8.648  5.416   1.00 19.40 ? 18  LYS A CA  1 
ATOM   76   C C   . LYS A 1 11  ? -21.515 -7.455  5.477   1.00 19.48 ? 18  LYS A C   1 
ATOM   77   O O   . LYS A 1 11  ? -21.699 -6.735  4.495   1.00 18.93 ? 18  LYS A O   1 
ATOM   78   C CB  . LYS A 1 11  ? -21.384 -9.944  5.363   1.00 21.42 ? 18  LYS A CB  1 
ATOM   79   C CG  . LYS A 1 11  ? -20.565 -11.177 5.025   1.00 23.68 ? 18  LYS A CG  1 
ATOM   80   C CD  . LYS A 1 11  ? -21.418 -12.432 5.013   1.00 26.65 ? 18  LYS A CD  1 
ATOM   81   C CE  . LYS A 1 11  ? -20.560 -13.665 4.759   1.00 28.00 ? 18  LYS A CE  1 
ATOM   82   N NZ  . LYS A 1 11  ? -21.373 -14.905 4.699   1.00 30.24 ? 18  LYS A NZ  1 
ATOM   83   N N   . GLU A 1 12  ? -22.115 -7.259  6.643   1.00 20.00 ? 19  GLU A N   1 
ATOM   84   C CA  . GLU A 1 12  ? -23.069 -6.179  6.862   1.00 20.70 ? 19  GLU A CA  1 
ATOM   85   C C   . GLU A 1 12  ? -22.433 -4.789  6.802   1.00 18.78 ? 19  GLU A C   1 
ATOM   86   O O   . GLU A 1 12  ? -22.823 -3.957  5.990   1.00 18.48 ? 19  GLU A O   1 
ATOM   87   C CB  . GLU A 1 12  ? -23.747 -6.383  8.219   1.00 23.76 ? 19  GLU A CB  1 
ATOM   88   C CG  . GLU A 1 12  ? -24.862 -5.411  8.548   1.00 28.57 ? 19  GLU A CG  1 
ATOM   89   C CD  . GLU A 1 12  ? -25.502 -5.724  9.891   1.00 31.65 ? 19  GLU A CD  1 
ATOM   90   O OE1 . GLU A 1 12  ? -25.740 -6.921  10.162  1.00 32.76 ? 19  GLU A OE1 1 
ATOM   91   O OE2 . GLU A 1 12  ? -25.775 -4.783  10.674  1.00 33.16 ? 19  GLU A OE2 1 
ATOM   92   N N   . PHE A 1 13  ? -21.447 -4.554  7.660   1.00 17.79 ? 20  PHE A N   1 
ATOM   93   C CA  . PHE A 1 13  ? -20.773 -3.262  7.741   1.00 17.32 ? 20  PHE A CA  1 
ATOM   94   C C   . PHE A 1 13  ? -19.958 -2.851  6.524   1.00 17.15 ? 20  PHE A C   1 
ATOM   95   O O   . PHE A 1 13  ? -20.009 -1.695  6.108   1.00 16.58 ? 20  PHE A O   1 
ATOM   96   C CB  . PHE A 1 13  ? -19.860 -3.222  8.968   1.00 17.44 ? 20  PHE A CB  1 
ATOM   97   C CG  . PHE A 1 13  ? -20.598 -3.168  10.276  1.00 18.84 ? 20  PHE A CG  1 
ATOM   98   C CD1 . PHE A 1 13  ? -21.979 -3.340  10.328  1.00 18.43 ? 20  PHE A CD1 1 
ATOM   99   C CD2 . PHE A 1 13  ? -19.905 -2.968  11.462  1.00 19.23 ? 20  PHE A CD2 1 
ATOM   100  C CE1 . PHE A 1 13  ? -22.656 -3.315  11.540  1.00 19.48 ? 20  PHE A CE1 1 
ATOM   101  C CE2 . PHE A 1 13  ? -20.577 -2.942  12.683  1.00 20.23 ? 20  PHE A CE2 1 
ATOM   102  C CZ  . PHE A 1 13  ? -21.954 -3.116  12.720  1.00 19.95 ? 20  PHE A CZ  1 
ATOM   103  N N   . VAL A 1 14  ? -19.216 -3.793  5.953   1.00 16.04 ? 21  VAL A N   1 
ATOM   104  C CA  . VAL A 1 14  ? -18.360 -3.493  4.811   1.00 15.55 ? 21  VAL A CA  1 
ATOM   105  C C   . VAL A 1 14  ? -18.915 -3.810  3.428   1.00 15.76 ? 21  VAL A C   1 
ATOM   106  O O   . VAL A 1 14  ? -19.009 -2.928  2.576   1.00 15.83 ? 21  VAL A O   1 
ATOM   107  C CB  . VAL A 1 14  ? -16.996 -4.219  4.945   1.00 13.96 ? 21  VAL A CB  1 
ATOM   108  C CG1 . VAL A 1 14  ? -16.097 -3.860  3.777   1.00 12.20 ? 21  VAL A CG1 1 
ATOM   109  C CG2 . VAL A 1 14  ? -16.330 -3.849  6.264   1.00 13.93 ? 21  VAL A CG2 1 
ATOM   110  N N   . LEU A 1 15  ? -19.275 -5.067  3.200   1.00 15.98 ? 22  LEU A N   1 
ATOM   111  C CA  . LEU A 1 15  ? -19.759 -5.483  1.889   1.00 17.09 ? 22  LEU A CA  1 
ATOM   112  C C   . LEU A 1 15  ? -21.116 -4.967  1.440   1.00 18.56 ? 22  LEU A C   1 
ATOM   113  O O   . LEU A 1 15  ? -21.377 -4.908  0.241   1.00 19.00 ? 22  LEU A O   1 
ATOM   114  C CB  . LEU A 1 15  ? -19.730 -7.014  1.784   1.00 16.08 ? 22  LEU A CB  1 
ATOM   115  C CG  . LEU A 1 15  ? -18.367 -7.669  2.031   1.00 15.91 ? 22  LEU A CG  1 
ATOM   116  C CD1 . LEU A 1 15  ? -18.459 -9.151  1.691   1.00 16.53 ? 22  LEU A CD1 1 
ATOM   117  C CD2 . LEU A 1 15  ? -17.285 -6.998  1.190   1.00 16.42 ? 22  LEU A CD2 1 
ATOM   118  N N   . GLU A 1 16  ? -21.980 -4.589  2.381   1.00 19.74 ? 23  GLU A N   1 
ATOM   119  C CA  . GLU A 1 16  ? -23.300 -4.084  2.016   1.00 20.89 ? 23  GLU A CA  1 
ATOM   120  C C   . GLU A 1 16  ? -23.418 -2.577  2.224   1.00 21.31 ? 23  GLU A C   1 
ATOM   121  O O   . GLU A 1 16  ? -24.508 -2.013  2.147   1.00 20.84 ? 23  GLU A O   1 
ATOM   122  C CB  . GLU A 1 16  ? -24.391 -4.811  2.814   1.00 22.40 ? 23  GLU A CB  1 
ATOM   123  C CG  . GLU A 1 16  ? -24.252 -6.329  2.783   1.00 24.36 ? 23  GLU A CG  1 
ATOM   124  C CD  . GLU A 1 16  ? -25.460 -7.060  3.345   1.00 27.03 ? 23  GLU A CD  1 
ATOM   125  O OE1 . GLU A 1 16  ? -25.962 -6.668  4.421   1.00 26.52 ? 23  GLU A OE1 1 
ATOM   126  O OE2 . GLU A 1 16  ? -25.900 -8.041  2.707   1.00 29.50 ? 23  GLU A OE2 1 
ATOM   127  N N   . SER A 1 17  ? -22.289 -1.924  2.482   1.00 21.46 ? 24  SER A N   1 
ATOM   128  C CA  . SER A 1 17  ? -22.278 -0.481  2.695   1.00 21.42 ? 24  SER A CA  1 
ATOM   129  C C   . SER A 1 17  ? -22.721 0.252   1.439   1.00 21.81 ? 24  SER A C   1 
ATOM   130  O O   . SER A 1 17  ? -22.387 -0.154  0.328   1.00 21.80 ? 24  SER A O   1 
ATOM   131  C CB  . SER A 1 17  ? -20.874 -0.012  3.086   1.00 21.90 ? 24  SER A CB  1 
ATOM   132  O OG  . SER A 1 17  ? -20.807 1.404   3.126   1.00 20.34 ? 24  SER A OG  1 
ATOM   133  N N   . GLU A 1 18  ? -23.474 1.334   1.624   1.00 21.97 ? 25  GLU A N   1 
ATOM   134  C CA  . GLU A 1 18  ? -23.959 2.139   0.508   1.00 22.00 ? 25  GLU A CA  1 
ATOM   135  C C   . GLU A 1 18  ? -22.931 3.195   0.108   1.00 21.06 ? 25  GLU A C   1 
ATOM   136  O O   . GLU A 1 18  ? -23.038 3.807   -0.953  1.00 21.52 ? 25  GLU A O   1 
ATOM   137  C CB  . GLU A 1 18  ? -25.273 2.835   0.883   1.00 24.04 ? 25  GLU A CB  1 
ATOM   138  C CG  . GLU A 1 18  ? -26.484 1.914   0.965   1.00 27.24 ? 25  GLU A CG  1 
ATOM   139  C CD  . GLU A 1 18  ? -26.751 1.183   -0.340  1.00 30.28 ? 25  GLU A CD  1 
ATOM   140  O OE1 . GLU A 1 18  ? -26.500 1.770   -1.417  1.00 31.45 ? 25  GLU A OE1 1 
ATOM   141  O OE2 . GLU A 1 18  ? -27.223 0.027   -0.289  1.00 31.40 ? 25  GLU A OE2 1 
ATOM   142  N N   . VAL A 1 19  ? -21.942 3.409   0.967   1.00 18.68 ? 26  VAL A N   1 
ATOM   143  C CA  . VAL A 1 19  ? -20.890 4.388   0.705   1.00 17.34 ? 26  VAL A CA  1 
ATOM   144  C C   . VAL A 1 19  ? -19.537 3.688   0.686   1.00 16.34 ? 26  VAL A C   1 
ATOM   145  O O   . VAL A 1 19  ? -19.407 2.572   1.182   1.00 16.48 ? 26  VAL A O   1 
ATOM   146  C CB  . VAL A 1 19  ? -20.836 5.465   1.810   1.00 17.40 ? 26  VAL A CB  1 
ATOM   147  C CG1 . VAL A 1 19  ? -22.041 6.399   1.710   1.00 18.83 ? 26  VAL A CG1 1 
ATOM   148  C CG2 . VAL A 1 19  ? -20.796 4.788   3.181   1.00 18.51 ? 26  VAL A CG2 1 
ATOM   149  N N   . PRO A 1 20  ? -18.513 4.339   0.112   1.00 15.13 ? 27  PRO A N   1 
ATOM   150  C CA  . PRO A 1 20  ? -17.180 3.730   0.067   1.00 14.59 ? 27  PRO A CA  1 
ATOM   151  C C   . PRO A 1 20  ? -16.735 3.414   1.493   1.00 13.92 ? 27  PRO A C   1 
ATOM   152  O O   . PRO A 1 20  ? -17.075 4.136   2.428   1.00 13.44 ? 27  PRO A O   1 
ATOM   153  C CB  . PRO A 1 20  ? -16.322 4.821   -0.567  1.00 13.99 ? 27  PRO A CB  1 
ATOM   154  C CG  . PRO A 1 20  ? -17.290 5.525   -1.473  1.00 16.66 ? 27  PRO A CG  1 
ATOM   155  C CD  . PRO A 1 20  ? -18.528 5.631   -0.600  1.00 14.66 ? 27  PRO A CD  1 
ATOM   156  N N   . VAL A 1 21  ? -15.970 2.343   1.653   1.00 13.31 ? 28  VAL A N   1 
ATOM   157  C CA  . VAL A 1 21  ? -15.497 1.943   2.968   1.00 12.38 ? 28  VAL A CA  1 
ATOM   158  C C   . VAL A 1 21  ? -13.974 1.951   3.056   1.00 13.26 ? 28  VAL A C   1 
ATOM   159  O O   . VAL A 1 21  ? -13.284 1.496   2.141   1.00 11.49 ? 28  VAL A O   1 
ATOM   160  C CB  . VAL A 1 21  ? -15.987 0.515   3.321   1.00 12.77 ? 28  VAL A CB  1 
ATOM   161  C CG1 . VAL A 1 21  ? -15.470 0.102   4.685   1.00 10.20 ? 28  VAL A CG1 1 
ATOM   162  C CG2 . VAL A 1 21  ? -17.514 0.453   3.270   1.00 12.99 ? 28  VAL A CG2 1 
ATOM   163  N N   . MET A 1 22  ? -13.455 2.485   4.159   1.00 12.34 ? 29  MET A N   1 
ATOM   164  C CA  . MET A 1 22  ? -12.015 2.487   4.391   1.00 13.56 ? 29  MET A CA  1 
ATOM   165  C C   . MET A 1 22  ? -11.832 1.625   5.632   1.00 13.12 ? 29  MET A C   1 
ATOM   166  O O   . MET A 1 22  ? -12.432 1.901   6.671   1.00 12.38 ? 29  MET A O   1 
ATOM   167  C CB  . MET A 1 22  ? -11.489 3.903   4.670   1.00 14.85 ? 29  MET A CB  1 
ATOM   168  C CG  . MET A 1 22  ? -9.959  3.973   4.734   1.00 17.26 ? 29  MET A CG  1 
ATOM   169  S SD  . MET A 1 22  ? -9.315  5.573   5.262   1.00 19.36 ? 29  MET A SD  1 
ATOM   170  C CE  . MET A 1 22  ? -9.075  6.344   3.815   1.00 19.38 ? 29  MET A CE  1 
ATOM   171  N N   . VAL A 1 23  ? -11.023 0.575   5.526   1.00 13.43 ? 30  VAL A N   1 
ATOM   172  C CA  . VAL A 1 23  ? -10.792 -0.306  6.663   1.00 13.27 ? 30  VAL A CA  1 
ATOM   173  C C   . VAL A 1 23  ? -9.335  -0.308  7.083   1.00 13.20 ? 30  VAL A C   1 
ATOM   174  O O   . VAL A 1 23  ? -8.438  -0.544  6.267   1.00 12.26 ? 30  VAL A O   1 
ATOM   175  C CB  . VAL A 1 23  ? -11.203 -1.766  6.362   1.00 14.14 ? 30  VAL A CB  1 
ATOM   176  C CG1 . VAL A 1 23  ? -11.066 -2.607  7.628   1.00 13.70 ? 30  VAL A CG1 1 
ATOM   177  C CG2 . VAL A 1 23  ? -12.638 -1.817  5.850   1.00 14.23 ? 30  VAL A CG2 1 
ATOM   178  N N   . ASP A 1 24  ? -9.109  -0.053  8.365   1.00 12.25 ? 31  ASP A N   1 
ATOM   179  C CA  . ASP A 1 24  ? -7.764  -0.022  8.920   1.00 13.82 ? 31  ASP A CA  1 
ATOM   180  C C   . ASP A 1 24  ? -7.477  -1.310  9.695   1.00 13.83 ? 31  ASP A C   1 
ATOM   181  O O   . ASP A 1 24  ? -8.136  -1.602  10.701  1.00 12.44 ? 31  ASP A O   1 
ATOM   182  C CB  . ASP A 1 24  ? -7.621  1.210   9.823   1.00 15.42 ? 31  ASP A CB  1 
ATOM   183  C CG  . ASP A 1 24  ? -6.297  1.259   10.551  1.00 18.08 ? 31  ASP A CG  1 
ATOM   184  O OD1 . ASP A 1 24  ? -5.251  1.000   9.924   1.00 20.62 ? 31  ASP A OD1 1 
ATOM   185  O OD2 . ASP A 1 24  ? -6.304  1.576   11.758  1.00 20.43 ? 31  ASP A OD2 1 
ATOM   186  N N   . PHE A 1 25  ? -6.519  -2.090  9.193   1.00 13.25 ? 32  PHE A N   1 
ATOM   187  C CA  . PHE A 1 25  ? -6.118  -3.339  9.834   1.00 12.65 ? 32  PHE A CA  1 
ATOM   188  C C   . PHE A 1 25  ? -4.987  -3.011  10.798  1.00 12.28 ? 32  PHE A C   1 
ATOM   189  O O   . PHE A 1 25  ? -3.969  -2.453  10.395  1.00 11.01 ? 32  PHE A O   1 
ATOM   190  C CB  . PHE A 1 25  ? -5.635  -4.364  8.792   1.00 12.51 ? 32  PHE A CB  1 
ATOM   191  C CG  . PHE A 1 25  ? -6.739  -4.947  7.954   1.00 11.60 ? 32  PHE A CG  1 
ATOM   192  C CD1 . PHE A 1 25  ? -7.364  -4.186  6.974   1.00 12.31 ? 32  PHE A CD1 1 
ATOM   193  C CD2 . PHE A 1 25  ? -7.172  -6.251  8.165   1.00 13.14 ? 32  PHE A CD2 1 
ATOM   194  C CE1 . PHE A 1 25  ? -8.411  -4.713  6.215   1.00 12.37 ? 32  PHE A CE1 1 
ATOM   195  C CE2 . PHE A 1 25  ? -8.221  -6.789  7.411   1.00 12.84 ? 32  PHE A CE2 1 
ATOM   196  C CZ  . PHE A 1 25  ? -8.840  -6.016  6.434   1.00 12.70 ? 32  PHE A CZ  1 
ATOM   197  N N   . TRP A 1 26  ? -5.169  -3.352  12.071  1.00 13.10 ? 33  TRP A N   1 
ATOM   198  C CA  . TRP A 1 26  ? -4.166  -3.068  13.099  1.00 13.70 ? 33  TRP A CA  1 
ATOM   199  C C   . TRP A 1 26  ? -4.098  -4.204  14.115  1.00 13.60 ? 33  TRP A C   1 
ATOM   200  O O   . TRP A 1 26  ? -4.844  -5.173  14.021  1.00 12.88 ? 33  TRP A O   1 
ATOM   201  C CB  . TRP A 1 26  ? -4.532  -1.785  13.852  1.00 14.53 ? 33  TRP A CB  1 
ATOM   202  C CG  . TRP A 1 26  ? -5.744  -1.964  14.719  1.00 16.22 ? 33  TRP A CG  1 
ATOM   203  C CD1 . TRP A 1 26  ? -7.024  -2.180  14.300  1.00 16.50 ? 33  TRP A CD1 1 
ATOM   204  C CD2 . TRP A 1 26  ? -5.774  -2.043  16.151  1.00 18.39 ? 33  TRP A CD2 1 
ATOM   205  N NE1 . TRP A 1 26  ? -7.849  -2.397  15.379  1.00 17.34 ? 33  TRP A NE1 1 
ATOM   206  C CE2 . TRP A 1 26  ? -7.108  -2.317  16.528  1.00 18.97 ? 33  TRP A CE2 1 
ATOM   207  C CE3 . TRP A 1 26  ? -4.802  -1.913  17.153  1.00 19.96 ? 33  TRP A CE3 1 
ATOM   208  C CZ2 . TRP A 1 26  ? -7.497  -2.464  17.869  1.00 20.12 ? 33  TRP A CZ2 1 
ATOM   209  C CZ3 . TRP A 1 26  ? -5.189  -2.059  18.489  1.00 21.09 ? 33  TRP A CZ3 1 
ATOM   210  C CH2 . TRP A 1 26  ? -6.525  -2.333  18.831  1.00 20.90 ? 33  TRP A CH2 1 
ATOM   211  N N   . ALA A 1 27  ? -3.198  -4.059  15.085  1.00 14.17 ? 34  ALA A N   1 
ATOM   212  C CA  . ALA A 1 27  ? -3.024  -5.037  16.156  1.00 14.98 ? 34  ALA A CA  1 
ATOM   213  C C   . ALA A 1 27  ? -2.216  -4.364  17.271  1.00 16.17 ? 34  ALA A C   1 
ATOM   214  O O   . ALA A 1 27  ? -1.344  -3.539  17.001  1.00 16.83 ? 34  ALA A O   1 
ATOM   215  C CB  . ALA A 1 27  ? -2.301  -6.284  15.644  1.00 14.58 ? 34  ALA A CB  1 
ATOM   216  N N   . PRO A 1 28  ? -2.496  -4.715  18.539  1.00 17.21 ? 35  PRO A N   1 
ATOM   217  C CA  . PRO A 1 28  ? -1.817  -4.153  19.716  1.00 17.83 ? 35  PRO A CA  1 
ATOM   218  C C   . PRO A 1 28  ? -0.286  -4.144  19.687  1.00 18.83 ? 35  PRO A C   1 
ATOM   219  O O   . PRO A 1 28  ? 0.346   -3.236  20.230  1.00 18.57 ? 35  PRO A O   1 
ATOM   220  C CB  . PRO A 1 28  ? -2.371  -4.999  20.862  1.00 19.29 ? 35  PRO A CB  1 
ATOM   221  C CG  . PRO A 1 28  ? -3.774  -5.282  20.410  1.00 17.88 ? 35  PRO A CG  1 
ATOM   222  C CD  . PRO A 1 28  ? -3.561  -5.649  18.950  1.00 17.01 ? 35  PRO A CD  1 
ATOM   223  N N   . TRP A 1 29  ? 0.306   -5.148  19.054  1.00 18.46 ? 36  TRP A N   1 
ATOM   224  C CA  . TRP A 1 29  ? 1.759   -5.254  18.975  1.00 19.46 ? 36  TRP A CA  1 
ATOM   225  C C   . TRP A 1 29  ? 2.382   -4.460  17.835  1.00 19.79 ? 36  TRP A C   1 
ATOM   226  O O   . TRP A 1 29  ? 3.602   -4.349  17.748  1.00 20.78 ? 36  TRP A O   1 
ATOM   227  C CB  . TRP A 1 29  ? 2.167   -6.719  18.819  1.00 19.19 ? 36  TRP A CB  1 
ATOM   228  C CG  . TRP A 1 29  ? 1.388   -7.433  17.750  1.00 18.14 ? 36  TRP A CG  1 
ATOM   229  C CD1 . TRP A 1 29  ? 0.257   -8.188  17.920  1.00 16.75 ? 36  TRP A CD1 1 
ATOM   230  C CD2 . TRP A 1 29  ? 1.664   -7.435  16.342  1.00 17.34 ? 36  TRP A CD2 1 
ATOM   231  N NE1 . TRP A 1 29  ? -0.183  -8.660  16.704  1.00 17.00 ? 36  TRP A NE1 1 
ATOM   232  C CE2 . TRP A 1 29  ? 0.661   -8.214  15.720  1.00 16.46 ? 36  TRP A CE2 1 
ATOM   233  C CE3 . TRP A 1 29  ? 2.661   -6.857  15.546  1.00 17.07 ? 36  TRP A CE3 1 
ATOM   234  C CZ2 . TRP A 1 29  ? 0.627   -8.427  14.339  1.00 16.99 ? 36  TRP A CZ2 1 
ATOM   235  C CZ3 . TRP A 1 29  ? 2.626   -7.070  14.172  1.00 17.02 ? 36  TRP A CZ3 1 
ATOM   236  C CH2 . TRP A 1 29  ? 1.614   -7.850  13.585  1.00 16.85 ? 36  TRP A CH2 1 
ATOM   237  N N   . CYS A 1 30  ? 1.548   -3.922  16.954  1.00 20.02 ? 37  CYS A N   1 
ATOM   238  C CA  . CYS A 1 30  ? 2.041   -3.173  15.808  1.00 19.15 ? 37  CYS A CA  1 
ATOM   239  C C   . CYS A 1 30  ? 2.387   -1.714  16.123  1.00 19.58 ? 37  CYS A C   1 
ATOM   240  O O   . CYS A 1 30  ? 1.512   -0.884  16.368  1.00 20.07 ? 37  CYS A O   1 
ATOM   241  C CB  . CYS A 1 30  ? 1.010   -3.271  14.681  1.00 18.05 ? 37  CYS A CB  1 
ATOM   242  S SG  . CYS A 1 30  ? 1.298   -2.157  13.279  1.00 16.59 ? 37  CYS A SG  1 
ATOM   243  N N   . GLY A 1 31  ? 3.682   -1.412  16.107  1.00 20.62 ? 38  GLY A N   1 
ATOM   244  C CA  . GLY A 1 31  ? 4.147   -0.068  16.411  1.00 21.14 ? 38  GLY A CA  1 
ATOM   245  C C   . GLY A 1 31  ? 3.737   1.006   15.418  1.00 21.11 ? 38  GLY A C   1 
ATOM   246  O O   . GLY A 1 31  ? 3.157   2.017   15.809  1.00 21.35 ? 38  GLY A O   1 
ATOM   247  N N   . PRO A 1 32  ? 4.039   0.827   14.126  1.00 20.11 ? 39  PRO A N   1 
ATOM   248  C CA  . PRO A 1 32  ? 3.657   1.841   13.142  1.00 20.34 ? 39  PRO A CA  1 
ATOM   249  C C   . PRO A 1 32  ? 2.152   2.112   13.119  1.00 20.17 ? 39  PRO A C   1 
ATOM   250  O O   . PRO A 1 32  ? 1.725   3.217   12.793  1.00 21.93 ? 39  PRO A O   1 
ATOM   251  C CB  . PRO A 1 32  ? 4.178   1.255   11.832  1.00 19.95 ? 39  PRO A CB  1 
ATOM   252  C CG  . PRO A 1 32  ? 5.424   0.526   12.287  1.00 19.57 ? 39  PRO A CG  1 
ATOM   253  C CD  . PRO A 1 32  ? 4.910   -0.193  13.516  1.00 19.79 ? 39  PRO A CD  1 
ATOM   254  N N   . CYS A 1 33  ? 1.357   1.108   13.484  1.00 19.54 ? 40  CYS A N   1 
ATOM   255  C CA  . CYS A 1 33  ? -0.100  1.243   13.495  1.00 19.19 ? 40  CYS A CA  1 
ATOM   256  C C   . CYS A 1 33  ? -0.570  2.385   14.395  1.00 20.49 ? 40  CYS A C   1 
ATOM   257  O O   . CYS A 1 33  ? -1.577  3.039   14.114  1.00 19.23 ? 40  CYS A O   1 
ATOM   258  C CB  . CYS A 1 33  ? -0.758  -0.062  13.961  1.00 17.52 ? 40  CYS A CB  1 
ATOM   259  S SG  . CYS A 1 33  ? -0.573  -1.503  12.850  1.00 14.16 ? 40  CYS A SG  1 
ATOM   260  N N   . LYS A 1 34  ? 0.158   2.620   15.481  1.00 22.29 ? 41  LYS A N   1 
ATOM   261  C CA  . LYS A 1 34  ? -0.197  3.681   16.419  1.00 23.68 ? 41  LYS A CA  1 
ATOM   262  C C   . LYS A 1 34  ? -0.078  5.052   15.771  1.00 23.39 ? 41  LYS A C   1 
ATOM   263  O O   . LYS A 1 34  ? -0.813  5.972   16.117  1.00 24.29 ? 41  LYS A O   1 
ATOM   264  C CB  . LYS A 1 34  ? 0.710   3.615   17.652  1.00 25.43 ? 41  LYS A CB  1 
ATOM   265  C CG  . LYS A 1 34  ? 0.506   2.358   18.491  1.00 28.85 ? 41  LYS A CG  1 
ATOM   266  C CD  . LYS A 1 34  ? 1.487   2.287   19.649  1.00 30.33 ? 41  LYS A CD  1 
ATOM   267  C CE  . LYS A 1 34  ? 1.214   1.072   20.521  1.00 32.45 ? 41  LYS A CE  1 
ATOM   268  N NZ  . LYS A 1 34  ? 1.303   -0.209  19.758  1.00 34.38 ? 41  LYS A NZ  1 
ATOM   269  N N   . LEU A 1 35  ? 0.848   5.172   14.825  1.00 23.00 ? 42  LEU A N   1 
ATOM   270  C CA  . LEU A 1 35  ? 1.101   6.425   14.122  1.00 23.46 ? 42  LEU A CA  1 
ATOM   271  C C   . LEU A 1 35  ? 0.011   6.841   13.131  1.00 23.66 ? 42  LEU A C   1 
ATOM   272  O O   . LEU A 1 35  ? -0.125  8.023   12.816  1.00 24.29 ? 42  LEU A O   1 
ATOM   273  C CB  . LEU A 1 35  ? 2.441   6.331   13.390  1.00 25.01 ? 42  LEU A CB  1 
ATOM   274  C CG  . LEU A 1 35  ? 3.551   7.305   13.790  1.00 25.81 ? 42  LEU A CG  1 
ATOM   275  C CD1 . LEU A 1 35  ? 3.668   7.395   15.301  1.00 25.87 ? 42  LEU A CD1 1 
ATOM   276  C CD2 . LEU A 1 35  ? 4.856   6.843   13.168  1.00 26.49 ? 42  LEU A CD2 1 
ATOM   277  N N   . ILE A 1 36  ? -0.757  5.879   12.630  1.00 22.80 ? 43  ILE A N   1 
ATOM   278  C CA  . ILE A 1 36  ? -1.815  6.200   11.684  1.00 21.69 ? 43  ILE A CA  1 
ATOM   279  C C   . ILE A 1 36  ? -3.180  6.265   12.361  1.00 20.75 ? 43  ILE A C   1 
ATOM   280  O O   . ILE A 1 36  ? -4.127  6.815   11.804  1.00 19.24 ? 43  ILE A O   1 
ATOM   281  C CB  . ILE A 1 36  ? -1.887  5.170   10.544  1.00 24.17 ? 43  ILE A CB  1 
ATOM   282  C CG1 . ILE A 1 36  ? -2.067  3.766   11.123  1.00 23.81 ? 43  ILE A CG1 1 
ATOM   283  C CG2 . ILE A 1 36  ? -0.635  5.260   9.691   1.00 24.52 ? 43  ILE A CG2 1 
ATOM   284  C CD1 . ILE A 1 36  ? -2.378  2.720   10.086  1.00 28.73 ? 43  ILE A CD1 1 
ATOM   285  N N   . ALA A 1 37  ? -3.276  5.705   13.564  1.00 19.53 ? 44  ALA A N   1 
ATOM   286  C CA  . ALA A 1 37  ? -4.534  5.708   14.302  1.00 20.24 ? 44  ALA A CA  1 
ATOM   287  C C   . ALA A 1 37  ? -5.167  7.106   14.380  1.00 20.63 ? 44  ALA A C   1 
ATOM   288  O O   . ALA A 1 37  ? -6.364  7.263   14.139  1.00 21.64 ? 44  ALA A O   1 
ATOM   289  C CB  . ALA A 1 37  ? -4.318  5.142   15.704  1.00 20.72 ? 44  ALA A CB  1 
ATOM   290  N N   . PRO A 1 38  ? -4.374  8.137   14.725  1.00 21.01 ? 45  PRO A N   1 
ATOM   291  C CA  . PRO A 1 38  ? -4.929  9.495   14.812  1.00 21.27 ? 45  PRO A CA  1 
ATOM   292  C C   . PRO A 1 38  ? -5.485  9.972   13.466  1.00 20.65 ? 45  PRO A C   1 
ATOM   293  O O   . PRO A 1 38  ? -6.540  10.600  13.405  1.00 20.83 ? 45  PRO A O   1 
ATOM   294  C CB  . PRO A 1 38  ? -3.727  10.333  15.262  1.00 21.90 ? 45  PRO A CB  1 
ATOM   295  C CG  . PRO A 1 38  ? -2.905  9.349   16.047  1.00 22.70 ? 45  PRO A CG  1 
ATOM   296  C CD  . PRO A 1 38  ? -2.975  8.114   15.184  1.00 21.17 ? 45  PRO A CD  1 
ATOM   297  N N   . VAL A 1 39  ? -4.759  9.667   12.394  1.00 19.93 ? 46  VAL A N   1 
ATOM   298  C CA  . VAL A 1 39  ? -5.150  10.051  11.043  1.00 18.98 ? 46  VAL A CA  1 
ATOM   299  C C   . VAL A 1 39  ? -6.463  9.394   10.623  1.00 18.85 ? 46  VAL A C   1 
ATOM   300  O O   . VAL A 1 39  ? -7.290  10.012  9.951   1.00 16.39 ? 46  VAL A O   1 
ATOM   301  C CB  . VAL A 1 39  ? -4.046  9.674   10.030  1.00 19.75 ? 46  VAL A CB  1 
ATOM   302  C CG1 . VAL A 1 39  ? -4.486  10.016  8.613   1.00 19.96 ? 46  VAL A CG1 1 
ATOM   303  C CG2 . VAL A 1 39  ? -2.754  10.419  10.377  1.00 21.32 ? 46  VAL A CG2 1 
ATOM   304  N N   . ILE A 1 40  ? -6.648  8.139   11.026  1.00 17.90 ? 47  ILE A N   1 
ATOM   305  C CA  . ILE A 1 40  ? -7.857  7.390   10.703  1.00 17.66 ? 47  ILE A CA  1 
ATOM   306  C C   . ILE A 1 40  ? -9.077  7.993   11.401  1.00 17.66 ? 47  ILE A C   1 
ATOM   307  O O   . ILE A 1 40  ? -10.130 8.164   10.792  1.00 18.09 ? 47  ILE A O   1 
ATOM   308  C CB  . ILE A 1 40  ? -7.731  5.907   11.143  1.00 17.38 ? 47  ILE A CB  1 
ATOM   309  C CG1 . ILE A 1 40  ? -6.519  5.255   10.466  1.00 17.70 ? 47  ILE A CG1 1 
ATOM   310  C CG2 . ILE A 1 40  ? -9.014  5.150   10.814  1.00 17.39 ? 47  ILE A CG2 1 
ATOM   311  C CD1 . ILE A 1 40  ? -6.609  5.179   8.947   1.00 17.57 ? 47  ILE A CD1 1 
ATOM   312  N N   . ASP A 1 41  ? -8.941  8.297   12.687  1.00 18.44 ? 48  ASP A N   1 
ATOM   313  C CA  . ASP A 1 41  ? -10.048 8.874   13.435  1.00 18.82 ? 48  ASP A CA  1 
ATOM   314  C C   . ASP A 1 41  ? -10.428 10.213  12.826  1.00 18.63 ? 48  ASP A C   1 
ATOM   315  O O   . ASP A 1 41  ? -11.606 10.506  12.639  1.00 18.84 ? 48  ASP A O   1 
ATOM   316  C CB  . ASP A 1 41  ? -9.676  9.097   14.904  1.00 21.34 ? 48  ASP A CB  1 
ATOM   317  C CG  . ASP A 1 41  ? -9.346  7.814   15.634  1.00 24.24 ? 48  ASP A CG  1 
ATOM   318  O OD1 . ASP A 1 41  ? -10.040 6.798   15.421  1.00 24.73 ? 48  ASP A OD1 1 
ATOM   319  O OD2 . ASP A 1 41  ? -8.391  7.834   16.438  1.00 26.81 ? 48  ASP A OD2 1 
ATOM   320  N N   . GLU A 1 42  ? -9.417  11.020  12.525  1.00 18.01 ? 49  GLU A N   1 
ATOM   321  C CA  . GLU A 1 42  ? -9.625  12.347  11.948  1.00 18.35 ? 49  GLU A CA  1 
ATOM   322  C C   . GLU A 1 42  ? -10.361 12.298  10.611  1.00 17.53 ? 49  GLU A C   1 
ATOM   323  O O   . GLU A 1 42  ? -11.305 13.058  10.391  1.00 15.82 ? 49  GLU A O   1 
ATOM   324  C CB  . GLU A 1 42  ? -8.277  13.053  11.777  1.00 19.05 ? 49  GLU A CB  1 
ATOM   325  C CG  . GLU A 1 42  ? -8.350  14.444  11.151  1.00 22.29 ? 49  GLU A CG  1 
ATOM   326  C CD  . GLU A 1 42  ? -9.341  15.352  11.856  1.00 24.38 ? 49  GLU A CD  1 
ATOM   327  O OE1 . GLU A 1 42  ? -9.425  15.294  13.101  1.00 24.99 ? 49  GLU A OE1 1 
ATOM   328  O OE2 . GLU A 1 42  ? -10.030 16.132  11.162  1.00 26.81 ? 49  GLU A OE2 1 
ATOM   329  N N   . LEU A 1 43  ? -9.932  11.407  9.719   1.00 16.82 ? 50  LEU A N   1 
ATOM   330  C CA  . LEU A 1 43  ? -10.574 11.287  8.414   1.00 16.51 ? 50  LEU A CA  1 
ATOM   331  C C   . LEU A 1 43  ? -11.997 10.760  8.533   1.00 15.93 ? 50  LEU A C   1 
ATOM   332  O O   . LEU A 1 43  ? -12.873 11.147  7.771   1.00 16.29 ? 50  LEU A O   1 
ATOM   333  C CB  . LEU A 1 43  ? -9.751  10.386  7.486   1.00 16.19 ? 50  LEU A CB  1 
ATOM   334  C CG  . LEU A 1 43  ? -8.530  11.069  6.855   1.00 17.06 ? 50  LEU A CG  1 
ATOM   335  C CD1 . LEU A 1 43  ? -7.706  10.059  6.055   1.00 17.25 ? 50  LEU A CD1 1 
ATOM   336  C CD2 . LEU A 1 43  ? -8.994  12.197  5.956   1.00 16.84 ? 50  LEU A CD2 1 
ATOM   337  N N   . ALA A 1 44  ? -12.226 9.872   9.492   1.00 16.71 ? 51  ALA A N   1 
ATOM   338  C CA  . ALA A 1 44  ? -13.554 9.321   9.701   1.00 18.10 ? 51  ALA A CA  1 
ATOM   339  C C   . ALA A 1 44  ? -14.509 10.472  10.039  1.00 19.02 ? 51  ALA A C   1 
ATOM   340  O O   . ALA A 1 44  ? -15.610 10.567  9.489   1.00 18.47 ? 51  ALA A O   1 
ATOM   341  C CB  . ALA A 1 44  ? -13.522 8.296   10.842  1.00 17.64 ? 51  ALA A CB  1 
ATOM   342  N N   . LYS A 1 45  ? -14.071 11.353  10.934  1.00 19.16 ? 52  LYS A N   1 
ATOM   343  C CA  . LYS A 1 45  ? -14.887 12.500  11.340  1.00 20.41 ? 52  LYS A CA  1 
ATOM   344  C C   . LYS A 1 45  ? -15.120 13.452  10.168  1.00 19.51 ? 52  LYS A C   1 
ATOM   345  O O   . LYS A 1 45  ? -16.249 13.854  9.894   1.00 18.83 ? 52  LYS A O   1 
ATOM   346  C CB  . LYS A 1 45  ? -14.193 13.255  12.479  1.00 22.88 ? 52  LYS A CB  1 
ATOM   347  C CG  . LYS A 1 45  ? -13.941 12.404  13.723  1.00 27.02 ? 52  LYS A CG  1 
ATOM   348  C CD  . LYS A 1 45  ? -12.999 13.105  14.698  1.00 29.07 ? 52  LYS A CD  1 
ATOM   349  C CE  . LYS A 1 45  ? -12.707 12.241  15.918  1.00 30.37 ? 52  LYS A CE  1 
ATOM   350  N NZ  . LYS A 1 45  ? -11.652 12.852  16.772  1.00 31.96 ? 52  LYS A NZ  1 
ATOM   351  N N   . GLU A 1 46  ? -14.038 13.812  9.484   1.00 19.32 ? 53  GLU A N   1 
ATOM   352  C CA  . GLU A 1 46  ? -14.096 14.728  8.348   1.00 19.21 ? 53  GLU A CA  1 
ATOM   353  C C   . GLU A 1 46  ? -15.020 14.285  7.220   1.00 18.78 ? 53  GLU A C   1 
ATOM   354  O O   . GLU A 1 46  ? -15.701 15.110  6.608   1.00 18.23 ? 53  GLU A O   1 
ATOM   355  C CB  . GLU A 1 46  ? -12.690 14.947  7.781   1.00 20.96 ? 53  GLU A CB  1 
ATOM   356  C CG  . GLU A 1 46  ? -11.862 15.966  8.537   1.00 23.00 ? 53  GLU A CG  1 
ATOM   357  C CD  . GLU A 1 46  ? -10.448 16.086  8.001   1.00 24.51 ? 53  GLU A CD  1 
ATOM   358  O OE1 . GLU A 1 46  ? -10.229 15.784  6.806   1.00 25.45 ? 53  GLU A OE1 1 
ATOM   359  O OE2 . GLU A 1 46  ? -9.554  16.496  8.773   1.00 25.24 ? 53  GLU A OE2 1 
ATOM   360  N N   . TYR A 1 47  ? -15.033 12.988  6.929   1.00 18.59 ? 54  TYR A N   1 
ATOM   361  C CA  . TYR A 1 47  ? -15.872 12.476  5.857   1.00 18.02 ? 54  TYR A CA  1 
ATOM   362  C C   . TYR A 1 47  ? -17.128 11.761  6.337   1.00 18.36 ? 54  TYR A C   1 
ATOM   363  O O   . TYR A 1 47  ? -17.651 10.873  5.659   1.00 17.54 ? 54  TYR A O   1 
ATOM   364  C CB  . TYR A 1 47  ? -15.056 11.549  4.954   1.00 18.01 ? 54  TYR A CB  1 
ATOM   365  C CG  . TYR A 1 47  ? -14.058 12.298  4.107   1.00 17.22 ? 54  TYR A CG  1 
ATOM   366  C CD1 . TYR A 1 47  ? -12.782 12.589  4.590   1.00 17.95 ? 54  TYR A CD1 1 
ATOM   367  C CD2 . TYR A 1 47  ? -14.404 12.754  2.835   1.00 17.11 ? 54  TYR A CD2 1 
ATOM   368  C CE1 . TYR A 1 47  ? -11.871 13.321  3.827   1.00 17.26 ? 54  TYR A CE1 1 
ATOM   369  C CE2 . TYR A 1 47  ? -13.505 13.483  2.064   1.00 18.37 ? 54  TYR A CE2 1 
ATOM   370  C CZ  . TYR A 1 47  ? -12.241 13.763  2.568   1.00 18.15 ? 54  TYR A CZ  1 
ATOM   371  O OH  . TYR A 1 47  ? -11.354 14.489  1.815   1.00 20.86 ? 54  TYR A OH  1 
ATOM   372  N N   . SER A 1 48  ? -17.612 12.156  7.507   1.00 18.35 ? 55  SER A N   1 
ATOM   373  C CA  . SER A 1 48  ? -18.817 11.558  8.067   1.00 19.34 ? 55  SER A CA  1 
ATOM   374  C C   . SER A 1 48  ? -19.957 11.774  7.077   1.00 18.69 ? 55  SER A C   1 
ATOM   375  O O   . SER A 1 48  ? -20.122 12.871  6.540   1.00 18.09 ? 55  SER A O   1 
ATOM   376  C CB  . SER A 1 48  ? -19.153 12.214  9.411   1.00 21.10 ? 55  SER A CB  1 
ATOM   377  O OG  . SER A 1 48  ? -20.239 11.547  10.035  1.00 26.46 ? 55  SER A OG  1 
ATOM   378  N N   . GLY A 1 49  ? -20.727 10.721  6.823   1.00 17.95 ? 56  GLY A N   1 
ATOM   379  C CA  . GLY A 1 49  ? -21.834 10.823  5.891   1.00 16.68 ? 56  GLY A CA  1 
ATOM   380  C C   . GLY A 1 49  ? -21.419 10.578  4.449   1.00 17.38 ? 56  GLY A C   1 
ATOM   381  O O   . GLY A 1 49  ? -22.271 10.425  3.574   1.00 16.94 ? 56  GLY A O   1 
ATOM   382  N N   . LYS A 1 50  ? -20.113 10.522  4.194   1.00 16.65 ? 57  LYS A N   1 
ATOM   383  C CA  . LYS A 1 50  ? -19.629 10.302  2.833   1.00 16.67 ? 57  LYS A CA  1 
ATOM   384  C C   . LYS A 1 50  ? -18.948 8.952   2.651   1.00 16.93 ? 57  LYS A C   1 
ATOM   385  O O   . LYS A 1 50  ? -19.044 8.347   1.582   1.00 16.82 ? 57  LYS A O   1 
ATOM   386  C CB  . LYS A 1 50  ? -18.694 11.439  2.420   1.00 16.71 ? 57  LYS A CB  1 
ATOM   387  C CG  . LYS A 1 50  ? -19.395 12.799  2.390   1.00 16.32 ? 57  LYS A CG  1 
ATOM   388  C CD  . LYS A 1 50  ? -18.473 13.913  1.931   1.00 19.01 ? 57  LYS A CD  1 
ATOM   389  C CE  . LYS A 1 50  ? -19.230 15.239  1.843   1.00 19.88 ? 57  LYS A CE  1 
ATOM   390  N NZ  . LYS A 1 50  ? -19.839 15.628  3.148   1.00 18.38 ? 57  LYS A NZ  1 
ATOM   391  N N   . ILE A 1 51  ? -18.258 8.486   3.690   1.00 15.73 ? 58  ILE A N   1 
ATOM   392  C CA  . ILE A 1 51  ? -17.596 7.183   3.661   1.00 17.22 ? 58  ILE A CA  1 
ATOM   393  C C   . ILE A 1 51  ? -17.794 6.534   5.028   1.00 17.20 ? 58  ILE A C   1 
ATOM   394  O O   . ILE A 1 51  ? -18.135 7.214   6.000   1.00 17.47 ? 58  ILE A O   1 
ATOM   395  C CB  . ILE A 1 51  ? -16.061 7.292   3.424   1.00 17.36 ? 58  ILE A CB  1 
ATOM   396  C CG1 . ILE A 1 51  ? -15.379 7.835   4.681   1.00 18.15 ? 58  ILE A CG1 1 
ATOM   397  C CG2 . ILE A 1 51  ? -15.765 8.202   2.238   1.00 18.97 ? 58  ILE A CG2 1 
ATOM   398  C CD1 . ILE A 1 51  ? -13.870 7.806   4.624   1.00 19.22 ? 58  ILE A CD1 1 
ATOM   399  N N   . ALA A 1 52  ? -17.599 5.221   5.098   1.00 15.79 ? 59  ALA A N   1 
ATOM   400  C CA  . ALA A 1 52  ? -17.710 4.502   6.362   1.00 15.90 ? 59  ALA A CA  1 
ATOM   401  C C   . ALA A 1 52  ? -16.298 4.035   6.689   1.00 15.83 ? 59  ALA A C   1 
ATOM   402  O O   . ALA A 1 52  ? -15.593 3.532   5.812   1.00 14.61 ? 59  ALA A O   1 
ATOM   403  C CB  . ALA A 1 52  ? -18.644 3.301   6.227   1.00 16.84 ? 59  ALA A CB  1 
ATOM   404  N N   . VAL A 1 53  ? -15.882 4.214   7.940   1.00 15.47 ? 60  VAL A N   1 
ATOM   405  C CA  . VAL A 1 53  ? -14.543 3.819   8.367   1.00 14.47 ? 60  VAL A CA  1 
ATOM   406  C C   . VAL A 1 53  ? -14.634 2.816   9.517   1.00 15.52 ? 60  VAL A C   1 
ATOM   407  O O   . VAL A 1 53  ? -15.434 2.978   10.439  1.00 13.06 ? 60  VAL A O   1 
ATOM   408  C CB  . VAL A 1 53  ? -13.719 5.046   8.838   1.00 15.64 ? 60  VAL A CB  1 
ATOM   409  C CG1 . VAL A 1 53  ? -12.297 4.621   9.191   1.00 14.37 ? 60  VAL A CG1 1 
ATOM   410  C CG2 . VAL A 1 53  ? -13.697 6.118   7.748   1.00 15.22 ? 60  VAL A CG2 1 
ATOM   411  N N   . TYR A 1 54  ? -13.825 1.767   9.447   1.00 14.04 ? 61  TYR A N   1 
ATOM   412  C CA  . TYR A 1 54  ? -13.816 0.751   10.494  1.00 14.77 ? 61  TYR A CA  1 
ATOM   413  C C   . TYR A 1 54  ? -12.385 0.331   10.742  1.00 15.03 ? 61  TYR A C   1 
ATOM   414  O O   . TYR A 1 54  ? -11.503 0.558   9.913   1.00 14.26 ? 61  TYR A O   1 
ATOM   415  C CB  . TYR A 1 54  ? -14.587 -0.496  10.056  1.00 14.71 ? 61  TYR A CB  1 
ATOM   416  C CG  . TYR A 1 54  ? -16.004 -0.257  9.604   1.00 14.97 ? 61  TYR A CG  1 
ATOM   417  C CD1 . TYR A 1 54  ? -17.028 -0.035  10.526  1.00 15.73 ? 61  TYR A CD1 1 
ATOM   418  C CD2 . TYR A 1 54  ? -16.324 -0.256  8.248   1.00 15.28 ? 61  TYR A CD2 1 
ATOM   419  C CE1 . TYR A 1 54  ? -18.344 0.184   10.098  1.00 17.18 ? 61  TYR A CE1 1 
ATOM   420  C CE2 . TYR A 1 54  ? -17.627 -0.041  7.818   1.00 16.35 ? 61  TYR A CE2 1 
ATOM   421  C CZ  . TYR A 1 54  ? -18.629 0.180   8.745   1.00 15.34 ? 61  TYR A CZ  1 
ATOM   422  O OH  . TYR A 1 54  ? -19.913 0.395   8.301   1.00 17.23 ? 61  TYR A OH  1 
ATOM   423  N N   . LYS A 1 55  ? -12.152 -0.294  11.885  1.00 16.79 ? 62  LYS A N   1 
ATOM   424  C CA  . LYS A 1 55  ? -10.827 -0.798  12.175  1.00 17.08 ? 62  LYS A CA  1 
ATOM   425  C C   . LYS A 1 55  ? -10.981 -2.262  12.542  1.00 16.43 ? 62  LYS A C   1 
ATOM   426  O O   . LYS A 1 55  ? -11.928 -2.648  13.224  1.00 15.81 ? 62  LYS A O   1 
ATOM   427  C CB  . LYS A 1 55  ? -10.157 0.009   13.289  1.00 20.20 ? 62  LYS A CB  1 
ATOM   428  C CG  . LYS A 1 55  ? -10.882 0.071   14.609  1.00 23.99 ? 62  LYS A CG  1 
ATOM   429  C CD  . LYS A 1 55  ? -10.418 1.316   15.373  1.00 26.98 ? 62  LYS A CD  1 
ATOM   430  C CE  . LYS A 1 55  ? -8.896  1.420   15.415  1.00 28.67 ? 62  LYS A CE  1 
ATOM   431  N NZ  . LYS A 1 55  ? -8.434  2.727   15.972  1.00 31.92 ? 62  LYS A NZ  1 
ATOM   432  N N   . LEU A 1 56  ? -10.069 -3.084  12.045  1.00 15.94 ? 63  LEU A N   1 
ATOM   433  C CA  . LEU A 1 56  ? -10.127 -4.508  12.311  1.00 15.44 ? 63  LEU A CA  1 
ATOM   434  C C   . LEU A 1 56  ? -8.849  -4.954  12.995  1.00 15.15 ? 63  LEU A C   1 
ATOM   435  O O   . LEU A 1 56  ? -7.756  -4.787  12.454  1.00 15.10 ? 63  LEU A O   1 
ATOM   436  C CB  . LEU A 1 56  ? -10.337 -5.276  11.004  1.00 15.79 ? 63  LEU A CB  1 
ATOM   437  C CG  . LEU A 1 56  ? -10.490 -6.796  11.151  1.00 15.84 ? 63  LEU A CG  1 
ATOM   438  C CD1 . LEU A 1 56  ? -11.575 -7.298  10.225  1.00 15.97 ? 63  LEU A CD1 1 
ATOM   439  C CD2 . LEU A 1 56  ? -9.167  -7.475  10.870  1.00 15.21 ? 63  LEU A CD2 1 
ATOM   440  N N   . ASN A 1 57  ? -8.992  -5.484  14.206  1.00 13.79 ? 64  ASN A N   1 
ATOM   441  C CA  . ASN A 1 57  ? -7.854  -5.971  14.973  1.00 14.17 ? 64  ASN A CA  1 
ATOM   442  C C   . ASN A 1 57  ? -7.543  -7.366  14.438  1.00 13.29 ? 64  ASN A C   1 
ATOM   443  O O   . ASN A 1 57  ? -8.334  -8.286  14.619  1.00 12.06 ? 64  ASN A O   1 
ATOM   444  C CB  . ASN A 1 57  ? -8.228  -6.042  16.460  1.00 16.14 ? 64  ASN A CB  1 
ATOM   445  C CG  . ASN A 1 57  ? -7.108  -6.589  17.317  1.00 17.90 ? 64  ASN A CG  1 
ATOM   446  O OD1 . ASN A 1 57  ? -6.143  -7.167  16.810  1.00 19.30 ? 64  ASN A OD1 1 
ATOM   447  N ND2 . ASN A 1 57  ? -7.234  -6.424  18.628  1.00 19.81 ? 64  ASN A ND2 1 
ATOM   448  N N   . THR A 1 58  ? -6.402  -7.528  13.772  1.00 14.23 ? 65  THR A N   1 
ATOM   449  C CA  . THR A 1 58  ? -6.058  -8.832  13.199  1.00 14.11 ? 65  THR A CA  1 
ATOM   450  C C   . THR A 1 58  ? -5.929  -9.925  14.260  1.00 14.93 ? 65  THR A C   1 
ATOM   451  O O   . THR A 1 58  ? -6.083  -11.106 13.960  1.00 15.10 ? 65  THR A O   1 
ATOM   452  C CB  . THR A 1 58  ? -4.747  -8.773  12.360  1.00 13.47 ? 65  THR A CB  1 
ATOM   453  O OG1 . THR A 1 58  ? -3.659  -8.355  13.188  1.00 14.73 ? 65  THR A OG1 1 
ATOM   454  C CG2 . THR A 1 58  ? -4.900  -7.794  11.184  1.00 10.18 ? 65  THR A CG2 1 
ATOM   455  N N   . ASP A 1 59  ? -5.653  -9.528  15.499  1.00 15.86 ? 66  ASP A N   1 
ATOM   456  C CA  . ASP A 1 59  ? -5.532  -10.486 16.597  1.00 16.36 ? 66  ASP A CA  1 
ATOM   457  C C   . ASP A 1 59  ? -6.843  -11.228 16.848  1.00 16.50 ? 66  ASP A C   1 
ATOM   458  O O   . ASP A 1 59  ? -6.836  -12.430 17.123  1.00 16.24 ? 66  ASP A O   1 
ATOM   459  C CB  . ASP A 1 59  ? -5.121  -9.774  17.890  1.00 16.86 ? 66  ASP A CB  1 
ATOM   460  C CG  . ASP A 1 59  ? -3.616  -9.592  18.019  1.00 17.65 ? 66  ASP A CG  1 
ATOM   461  O OD1 . ASP A 1 59  ? -2.880  -9.709  17.014  1.00 16.82 ? 66  ASP A OD1 1 
ATOM   462  O OD2 . ASP A 1 59  ? -3.167  -9.317  19.147  1.00 19.77 ? 66  ASP A OD2 1 
ATOM   463  N N   . GLU A 1 60  ? -7.967  -10.521 16.738  1.00 17.27 ? 67  GLU A N   1 
ATOM   464  C CA  . GLU A 1 60  ? -9.269  -11.129 17.009  1.00 18.18 ? 67  GLU A CA  1 
ATOM   465  C C   . GLU A 1 60  ? -10.116 -11.532 15.801  1.00 18.10 ? 67  GLU A C   1 
ATOM   466  O O   . GLU A 1 60  ? -11.105 -12.241 15.956  1.00 18.32 ? 67  GLU A O   1 
ATOM   467  C CB  . GLU A 1 60  ? -10.100 -10.207 17.904  1.00 20.82 ? 67  GLU A CB  1 
ATOM   468  C CG  . GLU A 1 60  ? -9.385  -9.678  19.145  1.00 22.39 ? 67  GLU A CG  1 
ATOM   469  C CD  . GLU A 1 60  ? -8.813  -10.766 20.048  1.00 25.05 ? 67  GLU A CD  1 
ATOM   470  O OE1 . GLU A 1 60  ? -9.413  -11.860 20.154  1.00 24.15 ? 67  GLU A OE1 1 
ATOM   471  O OE2 . GLU A 1 60  ? -7.761  -10.508 20.676  1.00 28.42 ? 67  GLU A OE2 1 
ATOM   472  N N   . ALA A 1 61  ? -9.752  -11.081 14.607  1.00 17.92 ? 68  ALA A N   1 
ATOM   473  C CA  . ALA A 1 61  ? -10.516 -11.446 13.413  1.00 17.88 ? 68  ALA A CA  1 
ATOM   474  C C   . ALA A 1 61  ? -9.573  -11.814 12.272  1.00 16.96 ? 68  ALA A C   1 
ATOM   475  O O   . ALA A 1 61  ? -9.598  -11.197 11.211  1.00 17.68 ? 68  ALA A O   1 
ATOM   476  C CB  . ALA A 1 61  ? -11.430 -10.286 12.993  1.00 17.74 ? 68  ALA A CB  1 
ATOM   477  N N   . PRO A 1 62  ? -8.728  -12.834 12.476  1.00 17.10 ? 69  PRO A N   1 
ATOM   478  C CA  . PRO A 1 62  ? -7.779  -13.259 11.441  1.00 16.22 ? 69  PRO A CA  1 
ATOM   479  C C   . PRO A 1 62  ? -8.457  -13.819 10.195  1.00 15.62 ? 69  PRO A C   1 
ATOM   480  O O   . PRO A 1 62  ? -7.888  -13.789 9.107   1.00 16.57 ? 69  PRO A O   1 
ATOM   481  C CB  . PRO A 1 62  ? -6.924  -14.297 12.164  1.00 16.11 ? 69  PRO A CB  1 
ATOM   482  C CG  . PRO A 1 62  ? -7.909  -14.908 13.141  1.00 16.39 ? 69  PRO A CG  1 
ATOM   483  C CD  . PRO A 1 62  ? -8.633  -13.698 13.669  1.00 16.90 ? 69  PRO A CD  1 
ATOM   484  N N   . GLY A 1 63  ? -9.672  -14.327 10.365  1.00 15.41 ? 70  GLY A N   1 
ATOM   485  C CA  . GLY A 1 63  ? -10.408 -14.881 9.243   1.00 15.48 ? 70  GLY A CA  1 
ATOM   486  C C   . GLY A 1 63  ? -10.516 -13.896 8.092   1.00 15.16 ? 70  GLY A C   1 
ATOM   487  O O   . GLY A 1 63  ? -10.379 -14.273 6.928   1.00 14.79 ? 70  GLY A O   1 
ATOM   488  N N   . ILE A 1 64  ? -10.752 -12.627 8.411   1.00 14.03 ? 71  ILE A N   1 
ATOM   489  C CA  . ILE A 1 64  ? -10.873 -11.604 7.378   1.00 13.32 ? 71  ILE A CA  1 
ATOM   490  C C   . ILE A 1 64  ? -9.519  -11.340 6.727   1.00 12.59 ? 71  ILE A C   1 
ATOM   491  O O   . ILE A 1 64  ? -9.433  -11.180 5.510   1.00 11.61 ? 71  ILE A O   1 
ATOM   492  C CB  . ILE A 1 64  ? -11.439 -10.287 7.958   1.00 13.91 ? 71  ILE A CB  1 
ATOM   493  C CG1 . ILE A 1 64  ? -12.816 -10.550 8.582   1.00 14.91 ? 71  ILE A CG1 1 
ATOM   494  C CG2 . ILE A 1 64  ? -11.566 -9.239  6.852   1.00 14.03 ? 71  ILE A CG2 1 
ATOM   495  C CD1 . ILE A 1 64  ? -13.862 -11.059 7.596   1.00 14.53 ? 71  ILE A CD1 1 
ATOM   496  N N   . ALA A 1 65  ? -8.462  -11.292 7.537   1.00 12.50 ? 72  ALA A N   1 
ATOM   497  C CA  . ALA A 1 65  ? -7.118  -11.071 7.008   1.00 12.70 ? 72  ALA A CA  1 
ATOM   498  C C   . ALA A 1 65  ? -6.772  -12.193 6.029   1.00 12.80 ? 72  ALA A C   1 
ATOM   499  O O   . ALA A 1 65  ? -6.143  -11.964 4.999   1.00 12.92 ? 72  ALA A O   1 
ATOM   500  C CB  . ALA A 1 65  ? -6.096  -11.039 8.141   1.00 11.77 ? 72  ALA A CB  1 
ATOM   501  N N   . THR A 1 66  ? -7.188  -13.411 6.356   1.00 13.18 ? 73  THR A N   1 
ATOM   502  C CA  . THR A 1 66  ? -6.920  -14.553 5.486   1.00 14.10 ? 73  THR A CA  1 
ATOM   503  C C   . THR A 1 66  ? -7.696  -14.456 4.181   1.00 14.48 ? 73  THR A C   1 
ATOM   504  O O   . THR A 1 66  ? -7.178  -14.795 3.122   1.00 14.03 ? 73  THR A O   1 
ATOM   505  C CB  . THR A 1 66  ? -7.289  -15.879 6.176   1.00 14.99 ? 73  THR A CB  1 
ATOM   506  O OG1 . THR A 1 66  ? -6.457  -16.059 7.325   1.00 15.92 ? 73  THR A OG1 1 
ATOM   507  C CG2 . THR A 1 66  ? -7.085  -17.061 5.213   1.00 17.33 ? 73  THR A CG2 1 
ATOM   508  N N   . GLN A 1 67  ? -8.937  -13.986 4.260   1.00 14.14 ? 74  GLN A N   1 
ATOM   509  C CA  . GLN A 1 67  ? -9.774  -13.863 3.071   1.00 13.87 ? 74  GLN A CA  1 
ATOM   510  C C   . GLN A 1 67  ? -9.166  -12.945 2.023   1.00 13.28 ? 74  GLN A C   1 
ATOM   511  O O   . GLN A 1 67  ? -9.151  -13.270 0.839   1.00 14.14 ? 74  GLN A O   1 
ATOM   512  C CB  . GLN A 1 67  ? -11.162 -13.333 3.436   1.00 14.08 ? 74  GLN A CB  1 
ATOM   513  C CG  . GLN A 1 67  ? -12.152 -13.459 2.282   1.00 16.75 ? 74  GLN A CG  1 
ATOM   514  C CD  . GLN A 1 67  ? -13.480 -12.809 2.572   1.00 15.60 ? 74  GLN A CD  1 
ATOM   515  O OE1 . GLN A 1 67  ? -13.934 -12.778 3.715   1.00 18.15 ? 74  GLN A OE1 1 
ATOM   516  N NE2 . GLN A 1 67  ? -14.125 -12.304 1.534   1.00 16.06 ? 74  GLN A NE2 1 
ATOM   517  N N   . TYR A 1 68  ? -8.662  -11.799 2.461   1.00 11.91 ? 75  TYR A N   1 
ATOM   518  C CA  . TYR A 1 68  ? -8.079  -10.835 1.540   1.00 11.59 ? 75  TYR A CA  1 
ATOM   519  C C   . TYR A 1 68  ? -6.568  -10.942 1.416   1.00 11.74 ? 75  TYR A C   1 
ATOM   520  O O   . TYR A 1 68  ? -5.928  -10.103 0.790   1.00 11.85 ? 75  TYR A O   1 
ATOM   521  C CB  . TYR A 1 68  ? -8.508  -9.428  1.957   1.00 11.28 ? 75  TYR A CB  1 
ATOM   522  C CG  . TYR A 1 68  ? -10.012 -9.268  1.880   1.00 11.46 ? 75  TYR A CG  1 
ATOM   523  C CD1 . TYR A 1 68  ? -10.648 -9.061  0.655   1.00 10.83 ? 75  TYR A CD1 1 
ATOM   524  C CD2 . TYR A 1 68  ? -10.804 -9.382  3.019   1.00 11.92 ? 75  TYR A CD2 1 
ATOM   525  C CE1 . TYR A 1 68  ? -12.039 -8.970  0.571   1.00 11.52 ? 75  TYR A CE1 1 
ATOM   526  C CE2 . TYR A 1 68  ? -12.204 -9.295  2.943   1.00 12.15 ? 75  TYR A CE2 1 
ATOM   527  C CZ  . TYR A 1 68  ? -12.809 -9.093  1.717   1.00 12.07 ? 75  TYR A CZ  1 
ATOM   528  O OH  . TYR A 1 68  ? -14.182 -9.033  1.632   1.00 11.82 ? 75  TYR A OH  1 
ATOM   529  N N   . ASN A 1 69  ? -6.014  -11.990 2.016   1.00 12.07 ? 76  ASN A N   1 
ATOM   530  C CA  . ASN A 1 69  ? -4.585  -12.258 1.964   1.00 13.56 ? 76  ASN A CA  1 
ATOM   531  C C   . ASN A 1 69  ? -3.745  -11.095 2.492   1.00 13.74 ? 76  ASN A C   1 
ATOM   532  O O   . ASN A 1 69  ? -2.777  -10.670 1.862   1.00 14.57 ? 76  ASN A O   1 
ATOM   533  C CB  . ASN A 1 69  ? -4.193  -12.610 0.518   1.00 15.77 ? 76  ASN A CB  1 
ATOM   534  C CG  . ASN A 1 69  ? -2.878  -13.360 0.430   1.00 16.55 ? 76  ASN A CG  1 
ATOM   535  O OD1 . ASN A 1 69  ? -2.468  -14.028 1.376   1.00 18.27 ? 76  ASN A OD1 1 
ATOM   536  N ND2 . ASN A 1 69  ? -2.218  -13.271 -0.722  1.00 17.08 ? 76  ASN A ND2 1 
ATOM   537  N N   . ILE A 1 70  ? -4.132  -10.586 3.658   1.00 13.50 ? 77  ILE A N   1 
ATOM   538  C CA  . ILE A 1 70  ? -3.417  -9.492  4.309   1.00 13.35 ? 77  ILE A CA  1 
ATOM   539  C C   . ILE A 1 70  ? -2.345  -10.158 5.169   1.00 12.80 ? 77  ILE A C   1 
ATOM   540  O O   . ILE A 1 70  ? -2.669  -10.895 6.097   1.00 10.80 ? 77  ILE A O   1 
ATOM   541  C CB  . ILE A 1 70  ? -4.351  -8.679  5.240   1.00 13.91 ? 77  ILE A CB  1 
ATOM   542  C CG1 . ILE A 1 70  ? -5.536  -8.119  4.449   1.00 14.64 ? 77  ILE A CG1 1 
ATOM   543  C CG2 . ILE A 1 70  ? -3.567  -7.568  5.921   1.00 13.67 ? 77  ILE A CG2 1 
ATOM   544  C CD1 . ILE A 1 70  ? -5.157  -7.194  3.331   1.00 16.62 ? 77  ILE A CD1 1 
ATOM   545  N N   . ARG A 1 71  ? -1.075  -9.892  4.872   1.00 12.86 ? 78  ARG A N   1 
ATOM   546  C CA  . ARG A 1 71  ? 0.012   -10.514 5.619   1.00 13.81 ? 78  ARG A CA  1 
ATOM   547  C C   . ARG A 1 71  ? 0.878   -9.563  6.428   1.00 14.56 ? 78  ARG A C   1 
ATOM   548  O O   . ARG A 1 71  ? 1.735   -10.006 7.190   1.00 14.11 ? 78  ARG A O   1 
ATOM   549  C CB  . ARG A 1 71  ? 0.905   -11.301 4.659   1.00 16.46 ? 78  ARG A CB  1 
ATOM   550  C CG  . ARG A 1 71  ? 0.144   -12.352 3.879   1.00 17.19 ? 78  ARG A CG  1 
ATOM   551  C CD  . ARG A 1 71  ? 1.064   -13.171 2.996   1.00 18.21 ? 78  ARG A CD  1 
ATOM   552  N NE  . ARG A 1 71  ? 0.297   -14.150 2.236   1.00 19.31 ? 78  ARG A NE  1 
ATOM   553  C CZ  . ARG A 1 71  ? 0.827   -15.192 1.606   1.00 20.70 ? 78  ARG A CZ  1 
ATOM   554  N NH1 . ARG A 1 71  ? 2.140   -15.395 1.645   1.00 19.67 ? 78  ARG A NH1 1 
ATOM   555  N NH2 . ARG A 1 71  ? 0.042   -16.030 0.942   1.00 20.50 ? 78  ARG A NH2 1 
ATOM   556  N N   . SER A 1 72  ? 0.661   -8.264  6.255   1.00 12.43 ? 79  SER A N   1 
ATOM   557  C CA  . SER A 1 72  ? 1.427   -7.265  6.979   1.00 12.98 ? 79  SER A CA  1 
ATOM   558  C C   . SER A 1 72  ? 0.518   -6.104  7.363   1.00 12.81 ? 79  SER A C   1 
ATOM   559  O O   . SER A 1 72  ? -0.486  -5.835  6.697   1.00 11.26 ? 79  SER A O   1 
ATOM   560  C CB  . SER A 1 72  ? 2.571   -6.723  6.107   1.00 14.73 ? 79  SER A CB  1 
ATOM   561  O OG  . SER A 1 72  ? 3.352   -7.763  5.541   1.00 17.34 ? 79  SER A OG  1 
ATOM   562  N N   . ILE A 1 73  ? 0.874   -5.431  8.450   1.00 11.94 ? 80  ILE A N   1 
ATOM   563  C CA  . ILE A 1 73  ? 0.132   -4.269  8.913   1.00 13.02 ? 80  ILE A CA  1 
ATOM   564  C C   . ILE A 1 73  ? 1.174   -3.236  9.341   1.00 14.47 ? 80  ILE A C   1 
ATOM   565  O O   . ILE A 1 73  ? 2.330   -3.579  9.612   1.00 13.74 ? 80  ILE A O   1 
ATOM   566  C CB  . ILE A 1 73  ? -0.805  -4.596  10.109  1.00 14.21 ? 80  ILE A CB  1 
ATOM   567  C CG1 . ILE A 1 73  ? -0.002  -5.186  11.272  1.00 15.24 ? 80  ILE A CG1 1 
ATOM   568  C CG2 . ILE A 1 73  ? -1.897  -5.551  9.670   1.00 13.43 ? 80  ILE A CG2 1 
ATOM   569  C CD1 . ILE A 1 73  ? -0.837  -5.407  12.521  1.00 15.41 ? 80  ILE A CD1 1 
ATOM   570  N N   . PRO A 1 74  ? 0.787   -1.957  9.397   1.00 14.09 ? 81  PRO A N   1 
ATOM   571  C CA  . PRO A 1 74  ? -0.551  -1.459  9.085   1.00 13.87 ? 81  PRO A CA  1 
ATOM   572  C C   . PRO A 1 74  ? -0.951  -1.604  7.620   1.00 13.07 ? 81  PRO A C   1 
ATOM   573  O O   . PRO A 1 74  ? -0.130  -1.465  6.716   1.00 13.96 ? 81  PRO A O   1 
ATOM   574  C CB  . PRO A 1 74  ? -0.477  0.006   9.514   1.00 14.33 ? 81  PRO A CB  1 
ATOM   575  C CG  . PRO A 1 74  ? 0.924   0.359   9.222   1.00 14.52 ? 81  PRO A CG  1 
ATOM   576  C CD  . PRO A 1 74  ? 1.688   -0.844  9.742   1.00 14.48 ? 81  PRO A CD  1 
ATOM   577  N N   . THR A 1 75  ? -2.223  -1.909  7.406   1.00 13.49 ? 82  THR A N   1 
ATOM   578  C CA  . THR A 1 75  ? -2.775  -2.028  6.063   1.00 12.59 ? 82  THR A CA  1 
ATOM   579  C C   . THR A 1 75  ? -4.109  -1.307  6.071   1.00 12.42 ? 82  THR A C   1 
ATOM   580  O O   . THR A 1 75  ? -4.877  -1.408  7.032   1.00 10.20 ? 82  THR A O   1 
ATOM   581  C CB  . THR A 1 75  ? -3.020  -3.506  5.642   1.00 13.77 ? 82  THR A CB  1 
ATOM   582  O OG1 . THR A 1 75  ? -1.774  -4.135  5.322   1.00 14.84 ? 82  THR A OG1 1 
ATOM   583  C CG2 . THR A 1 75  ? -3.920  -3.570  4.412   1.00 15.27 ? 82  THR A CG2 1 
ATOM   584  N N   . VAL A 1 76  ? -4.366  -0.559  5.006   1.00 12.89 ? 83  VAL A N   1 
ATOM   585  C CA  . VAL A 1 76  ? -5.621  0.151   4.854   1.00 12.06 ? 83  VAL A CA  1 
ATOM   586  C C   . VAL A 1 76  ? -6.226  -0.332  3.542   1.00 13.27 ? 83  VAL A C   1 
ATOM   587  O O   . VAL A 1 76  ? -5.587  -0.262  2.488   1.00 12.74 ? 83  VAL A O   1 
ATOM   588  C CB  . VAL A 1 76  ? -5.421  1.677   4.783   1.00 13.05 ? 83  VAL A CB  1 
ATOM   589  C CG1 . VAL A 1 76  ? -6.744  2.348   4.471   1.00 12.53 ? 83  VAL A CG1 1 
ATOM   590  C CG2 . VAL A 1 76  ? -4.869  2.203   6.116   1.00 11.28 ? 83  VAL A CG2 1 
ATOM   591  N N   . LEU A 1 77  ? -7.451  -0.837  3.618   1.00 11.27 ? 84  LEU A N   1 
ATOM   592  C CA  . LEU A 1 77  ? -8.157  -1.333  2.445   1.00 13.14 ? 84  LEU A CA  1 
ATOM   593  C C   . LEU A 1 77  ? -9.340  -0.436  2.123   1.00 12.89 ? 84  LEU A C   1 
ATOM   594  O O   . LEU A 1 77  ? -9.962  0.127   3.024   1.00 11.75 ? 84  LEU A O   1 
ATOM   595  C CB  . LEU A 1 77  ? -8.667  -2.752  2.702   1.00 14.62 ? 84  LEU A CB  1 
ATOM   596  C CG  . LEU A 1 77  ? -7.916  -3.935  2.081   1.00 15.83 ? 84  LEU A CG  1 
ATOM   597  C CD1 . LEU A 1 77  ? -6.451  -3.831  2.390   1.00 15.14 ? 84  LEU A CD1 1 
ATOM   598  C CD2 . LEU A 1 77  ? -8.493  -5.250  2.611   1.00 13.77 ? 84  LEU A CD2 1 
ATOM   599  N N   . PHE A 1 78  ? -9.637  -0.295  0.835   1.00 13.50 ? 85  PHE A N   1 
ATOM   600  C CA  . PHE A 1 78  ? -10.780 0.499   0.399   1.00 13.72 ? 85  PHE A CA  1 
ATOM   601  C C   . PHE A 1 78  ? -11.762 -0.418  -0.310  1.00 13.58 ? 85  PHE A C   1 
ATOM   602  O O   . PHE A 1 78  ? -11.363 -1.229  -1.142  1.00 12.97 ? 85  PHE A O   1 
ATOM   603  C CB  . PHE A 1 78  ? -10.365 1.608   -0.576  1.00 14.95 ? 85  PHE A CB  1 
ATOM   604  C CG  . PHE A 1 78  ? -9.624  2.741   0.071   1.00 14.93 ? 85  PHE A CG  1 
ATOM   605  C CD1 . PHE A 1 78  ? -8.251  2.677   0.253   1.00 14.94 ? 85  PHE A CD1 1 
ATOM   606  C CD2 . PHE A 1 78  ? -10.308 3.876   0.494   1.00 16.46 ? 85  PHE A CD2 1 
ATOM   607  C CE1 . PHE A 1 78  ? -7.561  3.733   0.846   1.00 16.74 ? 85  PHE A CE1 1 
ATOM   608  C CE2 . PHE A 1 78  ? -9.630  4.935   1.089   1.00 16.78 ? 85  PHE A CE2 1 
ATOM   609  C CZ  . PHE A 1 78  ? -8.252  4.863   1.264   1.00 15.90 ? 85  PHE A CZ  1 
ATOM   610  N N   . PHE A 1 79  ? -13.042 -0.294  0.029   1.00 12.04 ? 86  PHE A N   1 
ATOM   611  C CA  . PHE A 1 79  ? -14.082 -1.092  -0.606  1.00 12.33 ? 86  PHE A CA  1 
ATOM   612  C C   . PHE A 1 79  ? -15.149 -0.168  -1.183  1.00 13.13 ? 86  PHE A C   1 
ATOM   613  O O   . PHE A 1 79  ? -15.366 0.944   -0.689  1.00 11.67 ? 86  PHE A O   1 
ATOM   614  C CB  . PHE A 1 79  ? -14.749 -2.043  0.395   1.00 11.44 ? 86  PHE A CB  1 
ATOM   615  C CG  . PHE A 1 79  ? -13.898 -3.217  0.790   1.00 11.68 ? 86  PHE A CG  1 
ATOM   616  C CD1 . PHE A 1 79  ? -12.899 -3.083  1.749   1.00 12.20 ? 86  PHE A CD1 1 
ATOM   617  C CD2 . PHE A 1 79  ? -14.099 -4.466  0.202   1.00 12.60 ? 86  PHE A CD2 1 
ATOM   618  C CE1 . PHE A 1 79  ? -12.109 -4.180  2.122   1.00 12.17 ? 86  PHE A CE1 1 
ATOM   619  C CE2 . PHE A 1 79  ? -13.317 -5.564  0.563   1.00 12.22 ? 86  PHE A CE2 1 
ATOM   620  C CZ  . PHE A 1 79  ? -12.319 -5.421  1.526   1.00 11.93 ? 86  PHE A CZ  1 
ATOM   621  N N   . LYS A 1 80  ? -15.812 -0.633  -2.234  1.00 14.87 ? 87  LYS A N   1 
ATOM   622  C CA  . LYS A 1 80  ? -16.883 0.131   -2.868  1.00 16.03 ? 87  LYS A CA  1 
ATOM   623  C C   . LYS A 1 80  ? -17.800 -0.853  -3.587  1.00 17.39 ? 87  LYS A C   1 
ATOM   624  O O   . LYS A 1 80  ? -17.371 -1.581  -4.484  1.00 15.23 ? 87  LYS A O   1 
ATOM   625  C CB  . LYS A 1 80  ? -16.304 1.145   -3.854  1.00 17.22 ? 87  LYS A CB  1 
ATOM   626  C CG  . LYS A 1 80  ? -17.304 2.166   -4.410  1.00 19.02 ? 87  LYS A CG  1 
ATOM   627  C CD  . LYS A 1 80  ? -16.558 3.328   -5.062  1.00 23.31 ? 87  LYS A CD  1 
ATOM   628  C CE  . LYS A 1 80  ? -17.490 4.432   -5.561  1.00 25.80 ? 87  LYS A CE  1 
ATOM   629  N NZ  . LYS A 1 80  ? -18.188 4.071   -6.826  1.00 27.00 ? 87  LYS A NZ  1 
ATOM   630  N N   . ASN A 1 81  ? -19.058 -0.892  -3.160  1.00 18.54 ? 88  ASN A N   1 
ATOM   631  C CA  . ASN A 1 81  ? -20.045 -1.781  -3.754  1.00 19.97 ? 88  ASN A CA  1 
ATOM   632  C C   . ASN A 1 81  ? -19.696 -3.256  -3.592  1.00 20.94 ? 88  ASN A C   1 
ATOM   633  O O   . ASN A 1 81  ? -19.965 -4.065  -4.482  1.00 20.85 ? 88  ASN A O   1 
ATOM   634  C CB  . ASN A 1 81  ? -20.220 -1.453  -5.236  1.00 22.59 ? 88  ASN A CB  1 
ATOM   635  C CG  . ASN A 1 81  ? -20.600 -0.007  -5.467  1.00 25.43 ? 88  ASN A CG  1 
ATOM   636  O OD1 . ASN A 1 81  ? -21.362 0.575   -4.692  1.00 27.24 ? 88  ASN A OD1 1 
ATOM   637  N ND2 . ASN A 1 81  ? -20.080 0.582   -6.542  1.00 28.50 ? 88  ASN A ND2 1 
ATOM   638  N N   . GLY A 1 82  ? -19.088 -3.600  -2.459  1.00 19.81 ? 89  GLY A N   1 
ATOM   639  C CA  . GLY A 1 82  ? -18.744 -4.985  -2.194  1.00 19.93 ? 89  GLY A CA  1 
ATOM   640  C C   . GLY A 1 82  ? -17.423 -5.479  -2.751  1.00 20.31 ? 89  GLY A C   1 
ATOM   641  O O   . GLY A 1 82  ? -17.076 -6.645  -2.573  1.00 20.93 ? 89  GLY A O   1 
ATOM   642  N N   . GLU A 1 83  ? -16.678 -4.604  -3.413  1.00 19.64 ? 90  GLU A N   1 
ATOM   643  C CA  . GLU A 1 83  ? -15.401 -4.995  -3.996  1.00 20.34 ? 90  GLU A CA  1 
ATOM   644  C C   . GLU A 1 83  ? -14.210 -4.233  -3.418  1.00 19.32 ? 90  GLU A C   1 
ATOM   645  O O   . GLU A 1 83  ? -14.286 -3.032  -3.164  1.00 19.14 ? 90  GLU A O   1 
ATOM   646  C CB  . GLU A 1 83  ? -15.438 -4.784  -5.511  1.00 22.47 ? 90  GLU A CB  1 
ATOM   647  C CG  . GLU A 1 83  ? -16.643 -5.401  -6.207  1.00 27.84 ? 90  GLU A CG  1 
ATOM   648  C CD  . GLU A 1 83  ? -16.624 -5.166  -7.709  1.00 30.43 ? 90  GLU A CD  1 
ATOM   649  O OE1 . GLU A 1 83  ? -16.377 -4.016  -8.127  1.00 31.94 ? 90  GLU A OE1 1 
ATOM   650  O OE2 . GLU A 1 83  ? -16.862 -6.128  -8.471  1.00 33.01 ? 90  GLU A OE2 1 
ATOM   651  N N   . ARG A 1 84  ? -13.113 -4.950  -3.210  1.00 18.42 ? 91  ARG A N   1 
ATOM   652  C CA  . ARG A 1 84  ? -11.875 -4.366  -2.705  1.00 19.32 ? 91  ARG A CA  1 
ATOM   653  C C   . ARG A 1 84  ? -11.290 -3.574  -3.877  1.00 18.78 ? 91  ARG A C   1 
ATOM   654  O O   . ARG A 1 84  ? -11.025 -4.138  -4.941  1.00 17.39 ? 91  ARG A O   1 
ATOM   655  C CB  . ARG A 1 84  ? -10.930 -5.492  -2.295  1.00 22.25 ? 91  ARG A CB  1 
ATOM   656  C CG  . ARG A 1 84  ? -9.561  -5.070  -1.815  1.00 25.25 ? 91  ARG A CG  1 
ATOM   657  C CD  . ARG A 1 84  ? -8.717  -6.318  -1.679  1.00 29.14 ? 91  ARG A CD  1 
ATOM   658  N NE  . ARG A 1 84  ? -7.373  -6.055  -1.193  1.00 31.71 ? 91  ARG A NE  1 
ATOM   659  C CZ  . ARG A 1 84  ? -6.455  -7.000  -1.029  1.00 32.65 ? 91  ARG A CZ  1 
ATOM   660  N NH1 . ARG A 1 84  ? -6.750  -8.266  -1.316  1.00 31.45 ? 91  ARG A NH1 1 
ATOM   661  N NH2 . ARG A 1 84  ? -5.247  -6.680  -0.587  1.00 33.57 ? 91  ARG A NH2 1 
ATOM   662  N N   . LYS A 1 85  ? -11.086 -2.275  -3.690  1.00 17.84 ? 92  LYS A N   1 
ATOM   663  C CA  . LYS A 1 85  ? -10.576 -1.445  -4.775  1.00 18.07 ? 92  LYS A CA  1 
ATOM   664  C C   . LYS A 1 85  ? -9.093  -1.099  -4.712  1.00 18.91 ? 92  LYS A C   1 
ATOM   665  O O   . LYS A 1 85  ? -8.476  -0.831  -5.741  1.00 17.84 ? 92  LYS A O   1 
ATOM   666  C CB  . LYS A 1 85  ? -11.373 -0.140  -4.852  1.00 18.48 ? 92  LYS A CB  1 
ATOM   667  C CG  . LYS A 1 85  ? -12.881 -0.316  -4.757  1.00 20.34 ? 92  LYS A CG  1 
ATOM   668  C CD  . LYS A 1 85  ? -13.426 -1.245  -5.831  1.00 23.26 ? 92  LYS A CD  1 
ATOM   669  C CE  . LYS A 1 85  ? -13.383 -0.615  -7.212  1.00 25.37 ? 92  LYS A CE  1 
ATOM   670  N NZ  . LYS A 1 85  ? -14.203 -1.416  -8.188  1.00 27.12 ? 92  LYS A NZ  1 
ATOM   671  N N   . GLU A 1 86  ? -8.525  -1.091  -3.513  1.00 17.64 ? 93  GLU A N   1 
ATOM   672  C CA  . GLU A 1 86  ? -7.124  -0.729  -3.365  1.00 18.34 ? 93  GLU A CA  1 
ATOM   673  C C   . GLU A 1 86  ? -6.596  -1.109  -1.986  1.00 17.46 ? 93  GLU A C   1 
ATOM   674  O O   . GLU A 1 86  ? -7.349  -1.153  -1.013  1.00 15.60 ? 93  GLU A O   1 
ATOM   675  C CB  . GLU A 1 86  ? -6.972  0.781   -3.618  1.00 19.95 ? 93  GLU A CB  1 
ATOM   676  C CG  . GLU A 1 86  ? -5.778  1.443   -2.966  1.00 24.15 ? 93  GLU A CG  1 
ATOM   677  C CD  . GLU A 1 86  ? -5.669  2.927   -3.302  1.00 26.34 ? 93  GLU A CD  1 
ATOM   678  O OE1 . GLU A 1 86  ? -6.711  3.613   -3.350  1.00 26.57 ? 93  GLU A OE1 1 
ATOM   679  O OE2 . GLU A 1 86  ? -4.534  3.409   -3.506  1.00 29.52 ? 93  GLU A OE2 1 
ATOM   680  N N   . SER A 1 87  ? -5.299  -1.400  -1.921  1.00 17.23 ? 94  SER A N   1 
ATOM   681  C CA  . SER A 1 87  ? -4.643  -1.780  -0.675  1.00 16.72 ? 94  SER A CA  1 
ATOM   682  C C   . SER A 1 87  ? -3.400  -0.922  -0.491  1.00 16.34 ? 94  SER A C   1 
ATOM   683  O O   . SER A 1 87  ? -2.640  -0.718  -1.438  1.00 14.11 ? 94  SER A O   1 
ATOM   684  C CB  . SER A 1 87  ? -4.210  -3.249  -0.721  1.00 18.57 ? 94  SER A CB  1 
ATOM   685  O OG  . SER A 1 87  ? -5.290  -4.096  -1.068  1.00 24.51 ? 94  SER A OG  1 
ATOM   686  N N   . ILE A 1 88  ? -3.198  -0.424  0.726   1.00 14.42 ? 95  ILE A N   1 
ATOM   687  C CA  . ILE A 1 88  ? -2.032  0.393   1.035   1.00 15.07 ? 95  ILE A CA  1 
ATOM   688  C C   . ILE A 1 88  ? -1.424  -0.110  2.336   1.00 15.19 ? 95  ILE A C   1 
ATOM   689  O O   . ILE A 1 88  ? -2.130  -0.288  3.331   1.00 14.14 ? 95  ILE A O   1 
ATOM   690  C CB  . ILE A 1 88  ? -2.387  1.882   1.216   1.00 15.83 ? 95  ILE A CB  1 
ATOM   691  C CG1 . ILE A 1 88  ? -3.214  2.380   0.025   1.00 16.60 ? 95  ILE A CG1 1 
ATOM   692  C CG2 . ILE A 1 88  ? -1.100  2.705   1.313   1.00 15.60 ? 95  ILE A CG2 1 
ATOM   693  C CD1 . ILE A 1 88  ? -3.611  3.841   0.139   1.00 15.78 ? 95  ILE A CD1 1 
ATOM   694  N N   . ILE A 1 89  ? -0.115  -0.339  2.309   1.00 14.46 ? 96  ILE A N   1 
ATOM   695  C CA  . ILE A 1 89  ? 0.623   -0.835  3.460   1.00 16.00 ? 96  ILE A CA  1 
ATOM   696  C C   . ILE A 1 89  ? 1.554   0.250   4.000   1.00 16.21 ? 96  ILE A C   1 
ATOM   697  O O   . ILE A 1 89  ? 2.110   1.041   3.235   1.00 16.50 ? 96  ILE A O   1 
ATOM   698  C CB  . ILE A 1 89  ? 1.473   -2.079  3.068   1.00 17.17 ? 96  ILE A CB  1 
ATOM   699  C CG1 . ILE A 1 89  ? 0.573   -3.143  2.425   1.00 17.90 ? 96  ILE A CG1 1 
ATOM   700  C CG2 . ILE A 1 89  ? 2.167   -2.652  4.298   1.00 18.76 ? 96  ILE A CG2 1 
ATOM   701  C CD1 . ILE A 1 89  ? 1.308   -4.395  1.972   1.00 19.08 ? 96  ILE A CD1 1 
ATOM   702  N N   . GLY A 1 90  ? 1.708   0.298   5.319   1.00 16.49 ? 97  GLY A N   1 
ATOM   703  C CA  . GLY A 1 90  ? 2.598   1.277   5.916   1.00 17.98 ? 97  GLY A CA  1 
ATOM   704  C C   . GLY A 1 90  ? 1.921   2.434   6.625   1.00 20.02 ? 97  GLY A C   1 
ATOM   705  O O   . GLY A 1 90  ? 0.693   2.506   6.712   1.00 19.00 ? 97  GLY A O   1 
ATOM   706  N N   . ALA A 1 91  ? 2.741   3.344   7.141   1.00 21.45 ? 98  ALA A N   1 
ATOM   707  C CA  . ALA A 1 91  ? 2.244   4.518   7.850   1.00 23.89 ? 98  ALA A CA  1 
ATOM   708  C C   . ALA A 1 91  ? 1.913   5.578   6.808   1.00 24.38 ? 98  ALA A C   1 
ATOM   709  O O   . ALA A 1 91  ? 2.705   6.488   6.564   1.00 25.13 ? 98  ALA A O   1 
ATOM   710  C CB  . ALA A 1 91  ? 3.310   5.036   8.818   1.00 23.56 ? 98  ALA A CB  1 
ATOM   711  N N   . VAL A 1 92  ? 0.740   5.440   6.197   1.00 25.14 ? 99  VAL A N   1 
ATOM   712  C CA  . VAL A 1 92  ? 0.271   6.347   5.152   1.00 24.47 ? 99  VAL A CA  1 
ATOM   713  C C   . VAL A 1 92  ? -0.066  7.749   5.657   1.00 23.43 ? 99  VAL A C   1 
ATOM   714  O O   . VAL A 1 92  ? -0.753  7.906   6.665   1.00 23.80 ? 99  VAL A O   1 
ATOM   715  C CB  . VAL A 1 92  ? -0.990  5.784   4.474   1.00 25.28 ? 99  VAL A CB  1 
ATOM   716  C CG1 . VAL A 1 92  ? -1.322  6.599   3.232   1.00 24.40 ? 99  VAL A CG1 1 
ATOM   717  C CG2 . VAL A 1 92  ? -0.780  4.320   4.130   1.00 25.92 ? 99  VAL A CG2 1 
ATOM   718  N N   . PRO A 1 93  ? 0.411   8.790   4.954   1.00 23.47 ? 100 PRO A N   1 
ATOM   719  C CA  . PRO A 1 93  ? 0.129   10.172  5.366   1.00 23.14 ? 100 PRO A CA  1 
ATOM   720  C C   . PRO A 1 93  ? -1.332  10.520  5.085   1.00 23.02 ? 100 PRO A C   1 
ATOM   721  O O   . PRO A 1 93  ? -1.971  9.898   4.234   1.00 22.15 ? 100 PRO A O   1 
ATOM   722  C CB  . PRO A 1 93  ? 1.080   11.000  4.500   1.00 22.71 ? 100 PRO A CB  1 
ATOM   723  C CG  . PRO A 1 93  ? 2.196   10.026  4.167   1.00 24.96 ? 100 PRO A CG  1 
ATOM   724  C CD  . PRO A 1 93  ? 1.429   8.761   3.889   1.00 23.43 ? 100 PRO A CD  1 
ATOM   725  N N   . LYS A 1 94  ? -1.852  11.517  5.792   1.00 21.48 ? 101 LYS A N   1 
ATOM   726  C CA  . LYS A 1 94  ? -3.235  11.938  5.610   1.00 21.28 ? 101 LYS A CA  1 
ATOM   727  C C   . LYS A 1 94  ? -3.527  12.318  4.155   1.00 20.84 ? 101 LYS A C   1 
ATOM   728  O O   . LYS A 1 94  ? -4.575  11.964  3.613   1.00 20.60 ? 101 LYS A O   1 
ATOM   729  C CB  . LYS A 1 94  ? -3.547  13.131  6.520   1.00 21.50 ? 101 LYS A CB  1 
ATOM   730  C CG  . LYS A 1 94  ? -4.992  13.609  6.435   1.00 24.37 ? 101 LYS A CG  1 
ATOM   731  C CD  . LYS A 1 94  ? -5.217  14.879  7.247   1.00 26.14 ? 101 LYS A CD  1 
ATOM   732  C CE  . LYS A 1 94  ? -6.638  15.398  7.063   1.00 28.19 ? 101 LYS A CE  1 
ATOM   733  N NZ  . LYS A 1 94  ? -6.854  16.708  7.736   1.00 29.22 ? 101 LYS A NZ  1 
ATOM   734  N N   . SER A 1 95  ? -2.597  13.037  3.534   1.00 19.35 ? 102 SER A N   1 
ATOM   735  C CA  . SER A 1 95  ? -2.748  13.484  2.151   1.00 19.63 ? 102 SER A CA  1 
ATOM   736  C C   . SER A 1 95  ? -2.969  12.345  1.154   1.00 18.80 ? 102 SER A C   1 
ATOM   737  O O   . SER A 1 95  ? -3.770  12.469  0.234   1.00 18.87 ? 102 SER A O   1 
ATOM   738  C CB  . SER A 1 95  ? -1.520  14.298  1.729   1.00 19.66 ? 102 SER A CB  1 
ATOM   739  O OG  . SER A 1 95  ? -0.351  13.496  1.758   1.00 20.86 ? 102 SER A OG  1 
ATOM   740  N N   . THR A 1 96  ? -2.251  11.240  1.331   1.00 19.85 ? 103 THR A N   1 
ATOM   741  C CA  . THR A 1 96  ? -2.386  10.096  0.432   1.00 18.76 ? 103 THR A CA  1 
ATOM   742  C C   . THR A 1 96  ? -3.737  9.415   0.604   1.00 17.59 ? 103 THR A C   1 
ATOM   743  O O   . THR A 1 96  ? -4.368  9.015   -0.373  1.00 16.49 ? 103 THR A O   1 
ATOM   744  C CB  . THR A 1 96  ? -1.257  9.056   0.674   1.00 20.57 ? 103 THR A CB  1 
ATOM   745  O OG1 . THR A 1 96  ? 0.010   9.656   0.378   1.00 22.11 ? 103 THR A OG1 1 
ATOM   746  C CG2 . THR A 1 96  ? -1.446  7.834   -0.223  1.00 19.90 ? 103 THR A CG2 1 
ATOM   747  N N   . LEU A 1 97  ? -4.174  9.278   1.852   1.00 16.85 ? 104 LEU A N   1 
ATOM   748  C CA  . LEU A 1 97  ? -5.461  8.660   2.151   1.00 15.84 ? 104 LEU A CA  1 
ATOM   749  C C   . LEU A 1 97  ? -6.601  9.503   1.557   1.00 16.47 ? 104 LEU A C   1 
ATOM   750  O O   . LEU A 1 97  ? -7.572  8.965   1.022   1.00 14.33 ? 104 LEU A O   1 
ATOM   751  C CB  . LEU A 1 97  ? -5.627  8.529   3.671   1.00 16.87 ? 104 LEU A CB  1 
ATOM   752  C CG  . LEU A 1 97  ? -5.513  7.145   4.333   1.00 18.35 ? 104 LEU A CG  1 
ATOM   753  C CD1 . LEU A 1 97  ? -4.649  6.209   3.515   1.00 18.15 ? 104 LEU A CD1 1 
ATOM   754  C CD2 . LEU A 1 97  ? -4.967  7.301   5.742   1.00 17.01 ? 104 LEU A CD2 1 
ATOM   755  N N   . THR A 1 98  ? -6.466  10.825  1.647   1.00 16.34 ? 105 THR A N   1 
ATOM   756  C CA  . THR A 1 98  ? -7.470  11.750  1.121   1.00 17.32 ? 105 THR A CA  1 
ATOM   757  C C   . THR A 1 98  ? -7.572  11.668  -0.409  1.00 17.40 ? 105 THR A C   1 
ATOM   758  O O   . THR A 1 98  ? -8.666  11.767  -0.968  1.00 16.95 ? 105 THR A O   1 
ATOM   759  C CB  . THR A 1 98  ? -7.150  13.205  1.549   1.00 18.43 ? 105 THR A CB  1 
ATOM   760  O OG1 . THR A 1 98  ? -7.165  13.285  2.981   1.00 19.69 ? 105 THR A OG1 1 
ATOM   761  C CG2 . THR A 1 98  ? -8.187  14.182  0.991   1.00 19.47 ? 105 THR A CG2 1 
ATOM   762  N N   . ASP A 1 99  ? -6.443  11.479  -1.088  1.00 17.71 ? 106 ASP A N   1 
ATOM   763  C CA  . ASP A 1 99  ? -6.471  11.351  -2.548  1.00 19.06 ? 106 ASP A CA  1 
ATOM   764  C C   . ASP A 1 99  ? -7.332  10.145  -2.925  1.00 19.24 ? 106 ASP A C   1 
ATOM   765  O O   . ASP A 1 99  ? -8.154  10.220  -3.833  1.00 19.90 ? 106 ASP A O   1 
ATOM   766  C CB  . ASP A 1 99  ? -5.062  11.141  -3.128  1.00 20.39 ? 106 ASP A CB  1 
ATOM   767  C CG  . ASP A 1 99  ? -4.199  12.389  -3.061  1.00 21.85 ? 106 ASP A CG  1 
ATOM   768  O OD1 . ASP A 1 99  ? -4.751  13.507  -2.989  1.00 22.48 ? 106 ASP A OD1 1 
ATOM   769  O OD2 . ASP A 1 99  ? -2.959  12.246  -3.101  1.00 23.62 ? 106 ASP A OD2 1 
ATOM   770  N N   . SER A 1 100 ? -7.133  9.033   -2.220  1.00 18.45 ? 107 SER A N   1 
ATOM   771  C CA  . SER A 1 100 ? -7.890  7.810   -2.477  1.00 18.51 ? 107 SER A CA  1 
ATOM   772  C C   . SER A 1 100 ? -9.370  7.976   -2.146  1.00 19.23 ? 107 SER A C   1 
ATOM   773  O O   . SER A 1 100 ? -10.234 7.595   -2.934  1.00 18.39 ? 107 SER A O   1 
ATOM   774  C CB  . SER A 1 100 ? -7.314  6.641   -1.665  1.00 18.15 ? 107 SER A CB  1 
ATOM   775  O OG  . SER A 1 100 ? -6.024  6.285   -2.135  1.00 19.46 ? 107 SER A OG  1 
ATOM   776  N N   . ILE A 1 101 ? -9.658  8.521   -0.968  1.00 19.68 ? 108 ILE A N   1 
ATOM   777  C CA  . ILE A 1 101 ? -11.041 8.749   -0.560  1.00 21.23 ? 108 ILE A CA  1 
ATOM   778  C C   . ILE A 1 101 ? -11.756 9.576   -1.628  1.00 22.72 ? 108 ILE A C   1 
ATOM   779  O O   . ILE A 1 101 ? -12.889 9.279   -2.007  1.00 23.62 ? 108 ILE A O   1 
ATOM   780  C CB  . ILE A 1 101 ? -11.108 9.514   0.792   1.00 20.64 ? 108 ILE A CB  1 
ATOM   781  C CG1 . ILE A 1 101 ? -10.617 8.612   1.926   1.00 18.39 ? 108 ILE A CG1 1 
ATOM   782  C CG2 . ILE A 1 101 ? -12.533 10.007  1.051   1.00 20.62 ? 108 ILE A CG2 1 
ATOM   783  C CD1 . ILE A 1 101 ? -10.504 9.316   3.266   1.00 19.87 ? 108 ILE A CD1 1 
ATOM   784  N N   . GLU A 1 102 ? -11.080 10.615  -2.110  1.00 25.23 ? 109 GLU A N   1 
ATOM   785  C CA  . GLU A 1 102 ? -11.635 11.509  -3.127  1.00 27.64 ? 109 GLU A CA  1 
ATOM   786  C C   . GLU A 1 102 ? -11.979 10.841  -4.459  1.00 27.89 ? 109 GLU A C   1 
ATOM   787  O O   . GLU A 1 102 ? -12.940 11.233  -5.117  1.00 28.01 ? 109 GLU A O   1 
ATOM   788  C CB  . GLU A 1 102 ? -10.673 12.669  -3.385  1.00 29.50 ? 109 GLU A CB  1 
ATOM   789  C CG  . GLU A 1 102 ? -10.594 13.685  -2.256  1.00 32.88 ? 109 GLU A CG  1 
ATOM   790  C CD  . GLU A 1 102 ? -11.794 14.613  -2.211  1.00 35.99 ? 109 GLU A CD  1 
ATOM   791  O OE1 . GLU A 1 102 ? -12.913 14.146  -1.917  1.00 37.79 ? 109 GLU A OE1 1 
ATOM   792  O OE2 . GLU A 1 102 ? -11.617 15.821  -2.477  1.00 38.60 ? 109 GLU A OE2 1 
ATOM   793  N N   . LYS A 1 103 ? -11.207 9.841   -4.868  1.00 28.96 ? 110 LYS A N   1 
ATOM   794  C CA  . LYS A 1 103 ? -11.503 9.184   -6.134  1.00 30.10 ? 110 LYS A CA  1 
ATOM   795  C C   . LYS A 1 103 ? -12.690 8.229   -6.057  1.00 29.86 ? 110 LYS A C   1 
ATOM   796  O O   . LYS A 1 103 ? -13.327 7.952   -7.069  1.00 29.72 ? 110 LYS A O   1 
ATOM   797  C CB  . LYS A 1 103 ? -10.271 8.447   -6.667  1.00 32.00 ? 110 LYS A CB  1 
ATOM   798  C CG  . LYS A 1 103 ? -9.727  7.354   -5.779  1.00 33.41 ? 110 LYS A CG  1 
ATOM   799  C CD  . LYS A 1 103 ? -8.487  6.746   -6.418  1.00 35.21 ? 110 LYS A CD  1 
ATOM   800  C CE  . LYS A 1 103 ? -7.828  5.717   -5.516  1.00 35.23 ? 110 LYS A CE  1 
ATOM   801  N NZ  . LYS A 1 103 ? -6.549  5.229   -6.105  1.00 35.73 ? 110 LYS A NZ  1 
ATOM   802  N N   . TYR A 1 104 ? -12.996 7.733   -4.863  1.00 29.44 ? 111 TYR A N   1 
ATOM   803  C CA  . TYR A 1 104 ? -14.120 6.817   -4.707  1.00 29.47 ? 111 TYR A CA  1 
ATOM   804  C C   . TYR A 1 104 ? -15.419 7.554   -4.424  1.00 30.13 ? 111 TYR A C   1 
ATOM   805  O O   . TYR A 1 104 ? -16.487 6.946   -4.376  1.00 30.56 ? 111 TYR A O   1 
ATOM   806  C CB  . TYR A 1 104 ? -13.839 5.801   -3.594  1.00 28.34 ? 111 TYR A CB  1 
ATOM   807  C CG  . TYR A 1 104 ? -12.651 4.919   -3.890  1.00 27.15 ? 111 TYR A CG  1 
ATOM   808  C CD1 . TYR A 1 104 ? -12.575 4.200   -5.085  1.00 26.87 ? 111 TYR A CD1 1 
ATOM   809  C CD2 . TYR A 1 104 ? -11.576 4.842   -3.006  1.00 27.28 ? 111 TYR A CD2 1 
ATOM   810  C CE1 . TYR A 1 104 ? -11.458 3.438   -5.394  1.00 26.77 ? 111 TYR A CE1 1 
ATOM   811  C CE2 . TYR A 1 104 ? -10.454 4.082   -3.306  1.00 26.40 ? 111 TYR A CE2 1 
ATOM   812  C CZ  . TYR A 1 104 ? -10.399 3.387   -4.500  1.00 26.94 ? 111 TYR A CZ  1 
ATOM   813  O OH  . TYR A 1 104 ? -9.275  2.661   -4.815  1.00 27.99 ? 111 TYR A OH  1 
ATOM   814  N N   . LEU A 1 105 ? -15.322 8.867   -4.240  1.00 30.42 ? 112 LEU A N   1 
ATOM   815  C CA  . LEU A 1 105 ? -16.492 9.697   -3.975  1.00 31.61 ? 112 LEU A CA  1 
ATOM   816  C C   . LEU A 1 105 ? -17.074 10.216  -5.284  1.00 32.71 ? 112 LEU A C   1 
ATOM   817  O O   . LEU A 1 105 ? -18.272 10.569  -5.293  1.00 33.64 ? 112 LEU A O   1 
ATOM   818  C CB  . LEU A 1 105 ? -16.121 10.881  -3.078  1.00 31.72 ? 112 LEU A CB  1 
ATOM   819  C CG  . LEU A 1 105 ? -15.809 10.587  -1.609  1.00 31.18 ? 112 LEU A CG  1 
ATOM   820  C CD1 . LEU A 1 105 ? -15.482 11.886  -0.897  1.00 31.17 ? 112 LEU A CD1 1 
ATOM   821  C CD2 . LEU A 1 105 ? -17.000 9.908   -0.953  1.00 31.64 ? 112 LEU A CD2 1 
ATOM   822  O OXT . LEU A 1 105 ? -16.321 10.282  -6.282  1.00 33.13 ? 112 LEU A OXT 1 
ATOM   823  N N   . VAL B 1 2   ? 20.629  -2.605  -8.960  1.00 33.33 ? 9   VAL B N   1 
ATOM   824  C CA  . VAL B 1 2   ? 19.225  -2.291  -9.354  1.00 32.52 ? 9   VAL B CA  1 
ATOM   825  C C   . VAL B 1 2   ? 19.195  -1.230  -10.454 1.00 32.24 ? 9   VAL B C   1 
ATOM   826  O O   . VAL B 1 2   ? 19.674  -0.110  -10.272 1.00 32.23 ? 9   VAL B O   1 
ATOM   827  C CB  . VAL B 1 2   ? 18.414  -1.790  -8.142  1.00 32.66 ? 9   VAL B CB  1 
ATOM   828  C CG1 . VAL B 1 2   ? 16.996  -1.455  -8.564  1.00 32.32 ? 9   VAL B CG1 1 
ATOM   829  C CG2 . VAL B 1 2   ? 18.407  -2.859  -7.052  1.00 32.45 ? 9   VAL B CG2 1 
ATOM   830  N N   . GLN B 1 3   ? 18.619  -1.597  -11.594 1.00 32.05 ? 10  GLN B N   1 
ATOM   831  C CA  . GLN B 1 3   ? 18.525  -0.712  -12.749 1.00 30.89 ? 10  GLN B CA  1 
ATOM   832  C C   . GLN B 1 3   ? 17.492  0.396   -12.548 1.00 30.33 ? 10  GLN B C   1 
ATOM   833  O O   . GLN B 1 3   ? 16.493  0.215   -11.850 1.00 29.15 ? 10  GLN B O   1 
ATOM   834  C CB  . GLN B 1 3   ? 18.164  -1.531  -13.990 1.00 32.14 ? 10  GLN B CB  1 
ATOM   835  C CG  . GLN B 1 3   ? 18.601  -0.902  -15.300 1.00 35.05 ? 10  GLN B CG  1 
ATOM   836  C CD  . GLN B 1 3   ? 18.190  -1.724  -16.506 1.00 36.54 ? 10  GLN B CD  1 
ATOM   837  O OE1 . GLN B 1 3   ? 18.208  -2.957  -16.470 1.00 37.52 ? 10  GLN B OE1 1 
ATOM   838  N NE2 . GLN B 1 3   ? 17.834  -1.042  -17.590 1.00 37.55 ? 10  GLN B NE2 1 
ATOM   839  N N   . ASP B 1 4   ? 17.735  1.544   -13.174 1.00 29.71 ? 11  ASP B N   1 
ATOM   840  C CA  . ASP B 1 4   ? 16.826  2.677   -13.066 1.00 29.52 ? 11  ASP B CA  1 
ATOM   841  C C   . ASP B 1 4   ? 15.761  2.630   -14.157 1.00 29.24 ? 11  ASP B C   1 
ATOM   842  O O   . ASP B 1 4   ? 15.952  2.021   -15.211 1.00 28.17 ? 11  ASP B O   1 
ATOM   843  C CB  . ASP B 1 4   ? 17.589  3.997   -13.191 1.00 31.06 ? 11  ASP B CB  1 
ATOM   844  C CG  . ASP B 1 4   ? 18.751  4.100   -12.220 1.00 32.44 ? 11  ASP B CG  1 
ATOM   845  O OD1 . ASP B 1 4   ? 18.530  3.951   -11.001 1.00 32.58 ? 11  ASP B OD1 1 
ATOM   846  O OD2 . ASP B 1 4   ? 19.888  4.337   -12.683 1.00 33.58 ? 11  ASP B OD2 1 
ATOM   847  N N   . VAL B 1 5   ? 14.634  3.282   -13.892 1.00 28.00 ? 12  VAL B N   1 
ATOM   848  C CA  . VAL B 1 5   ? 13.539  3.354   -14.847 1.00 27.26 ? 12  VAL B CA  1 
ATOM   849  C C   . VAL B 1 5   ? 13.094  4.809   -14.836 1.00 27.44 ? 12  VAL B C   1 
ATOM   850  O O   . VAL B 1 5   ? 13.261  5.499   -13.832 1.00 26.71 ? 12  VAL B O   1 
ATOM   851  C CB  . VAL B 1 5   ? 12.358  2.425   -14.437 1.00 26.74 ? 12  VAL B CB  1 
ATOM   852  C CG1 . VAL B 1 5   ? 11.694  2.941   -13.162 1.00 25.14 ? 12  VAL B CG1 1 
ATOM   853  C CG2 . VAL B 1 5   ? 11.344  2.334   -15.572 1.00 25.78 ? 12  VAL B CG2 1 
ATOM   854  N N   . ASN B 1 6   ? 12.557  5.289   -15.953 1.00 28.26 ? 13  ASN B N   1 
ATOM   855  C CA  . ASN B 1 6   ? 12.095  6.670   -16.027 1.00 29.41 ? 13  ASN B CA  1 
ATOM   856  C C   . ASN B 1 6   ? 10.828  6.799   -16.866 1.00 30.13 ? 13  ASN B C   1 
ATOM   857  O O   . ASN B 1 6   ? 10.202  5.800   -17.210 1.00 29.70 ? 13  ASN B O   1 
ATOM   858  C CB  . ASN B 1 6   ? 13.193  7.574   -16.594 1.00 30.78 ? 13  ASN B CB  1 
ATOM   859  C CG  . ASN B 1 6   ? 13.728  7.081   -17.922 1.00 31.94 ? 13  ASN B CG  1 
ATOM   860  O OD1 . ASN B 1 6   ? 12.967  6.787   -18.842 1.00 32.54 ? 13  ASN B OD1 1 
ATOM   861  N ND2 . ASN B 1 6   ? 15.048  6.997   -18.030 1.00 32.75 ? 13  ASN B ND2 1 
ATOM   862  N N   . ASP B 1 7   ? 10.455  8.031   -17.195 1.00 31.69 ? 14  ASP B N   1 
ATOM   863  C CA  . ASP B 1 7   ? 9.253   8.273   -17.985 1.00 33.11 ? 14  ASP B CA  1 
ATOM   864  C C   . ASP B 1 7   ? 9.272   7.578   -19.346 1.00 32.88 ? 14  ASP B C   1 
ATOM   865  O O   . ASP B 1 7   ? 8.223   7.218   -19.872 1.00 33.79 ? 14  ASP B O   1 
ATOM   866  C CB  . ASP B 1 7   ? 9.043   9.778   -18.193 1.00 34.62 ? 14  ASP B CB  1 
ATOM   867  C CG  . ASP B 1 7   ? 8.877   10.533  -16.887 1.00 36.48 ? 14  ASP B CG  1 
ATOM   868  O OD1 . ASP B 1 7   ? 7.982   10.171  -16.094 1.00 38.65 ? 14  ASP B OD1 1 
ATOM   869  O OD2 . ASP B 1 7   ? 9.639   11.494  -16.651 1.00 37.80 ? 14  ASP B OD2 1 
ATOM   870  N N   . SER B 1 8   ? 10.461  7.379   -19.906 1.00 32.58 ? 15  SER B N   1 
ATOM   871  C CA  . SER B 1 8   ? 10.591  6.752   -21.221 1.00 32.19 ? 15  SER B CA  1 
ATOM   872  C C   . SER B 1 8   ? 10.583  5.228   -21.246 1.00 31.22 ? 15  SER B C   1 
ATOM   873  O O   . SER B 1 8   ? 10.075  4.624   -22.190 1.00 31.87 ? 15  SER B O   1 
ATOM   874  C CB  . SER B 1 8   ? 11.868  7.243   -21.909 1.00 33.04 ? 15  SER B CB  1 
ATOM   875  O OG  . SER B 1 8   ? 11.835  8.646   -22.100 1.00 35.67 ? 15  SER B OG  1 
ATOM   876  N N   . SER B 1 9   ? 11.146  4.601   -20.220 1.00 29.05 ? 16  SER B N   1 
ATOM   877  C CA  . SER B 1 9   ? 11.208  3.144   -20.182 1.00 27.51 ? 16  SER B CA  1 
ATOM   878  C C   . SER B 1 9   ? 10.187  2.479   -19.260 1.00 25.81 ? 16  SER B C   1 
ATOM   879  O O   . SER B 1 9   ? 10.156  1.256   -19.146 1.00 25.68 ? 16  SER B O   1 
ATOM   880  C CB  . SER B 1 9   ? 12.615  2.707   -19.778 1.00 26.63 ? 16  SER B CB  1 
ATOM   881  O OG  . SER B 1 9   ? 12.953  3.234   -18.506 1.00 24.74 ? 16  SER B OG  1 
ATOM   882  N N   . TRP B 1 10  ? 9.349   3.281   -18.612 1.00 25.08 ? 17  TRP B N   1 
ATOM   883  C CA  . TRP B 1 10  ? 8.347   2.745   -17.693 1.00 23.54 ? 17  TRP B CA  1 
ATOM   884  C C   . TRP B 1 10  ? 7.454   1.677   -18.327 1.00 23.29 ? 17  TRP B C   1 
ATOM   885  O O   . TRP B 1 10  ? 7.428   0.531   -17.875 1.00 21.60 ? 17  TRP B O   1 
ATOM   886  C CB  . TRP B 1 10  ? 7.485   3.882   -17.140 1.00 22.86 ? 17  TRP B CB  1 
ATOM   887  C CG  . TRP B 1 10  ? 6.471   3.442   -16.119 1.00 21.82 ? 17  TRP B CG  1 
ATOM   888  C CD1 . TRP B 1 10  ? 5.153   3.143   -16.339 1.00 20.57 ? 17  TRP B CD1 1 
ATOM   889  C CD2 . TRP B 1 10  ? 6.696   3.257   -14.717 1.00 21.32 ? 17  TRP B CD2 1 
ATOM   890  N NE1 . TRP B 1 10  ? 4.544   2.789   -15.156 1.00 19.74 ? 17  TRP B NE1 1 
ATOM   891  C CE2 . TRP B 1 10  ? 5.467   2.849   -14.145 1.00 20.76 ? 17  TRP B CE2 1 
ATOM   892  C CE3 . TRP B 1 10  ? 7.817   3.398   -13.884 1.00 22.03 ? 17  TRP B CE3 1 
ATOM   893  C CZ2 . TRP B 1 10  ? 5.329   2.578   -12.776 1.00 20.56 ? 17  TRP B CZ2 1 
ATOM   894  C CZ3 . TRP B 1 10  ? 7.679   3.129   -12.524 1.00 21.72 ? 17  TRP B CZ3 1 
ATOM   895  C CH2 . TRP B 1 10  ? 6.441   2.724   -11.986 1.00 21.24 ? 17  TRP B CH2 1 
ATOM   896  N N   . LYS B 1 11  ? 6.721   2.054   -19.370 1.00 23.89 ? 18  LYS B N   1 
ATOM   897  C CA  . LYS B 1 11  ? 5.829   1.120   -20.055 1.00 24.27 ? 18  LYS B CA  1 
ATOM   898  C C   . LYS B 1 11  ? 6.482   -0.225  -20.341 1.00 22.88 ? 18  LYS B C   1 
ATOM   899  O O   . LYS B 1 11  ? 5.962   -1.270  -19.966 1.00 22.62 ? 18  LYS B O   1 
ATOM   900  C CB  . LYS B 1 11  ? 5.343   1.714   -21.381 1.00 26.32 ? 18  LYS B CB  1 
ATOM   901  C CG  . LYS B 1 11  ? 3.967   2.348   -21.328 1.00 29.96 ? 18  LYS B CG  1 
ATOM   902  C CD  . LYS B 1 11  ? 3.463   2.654   -22.737 1.00 32.12 ? 18  LYS B CD  1 
ATOM   903  C CE  . LYS B 1 11  ? 2.073   3.271   -22.719 1.00 33.19 ? 18  LYS B CE  1 
ATOM   904  N NZ  . LYS B 1 11  ? 1.570   3.523   -24.103 1.00 34.82 ? 18  LYS B NZ  1 
ATOM   905  N N   . GLU B 1 12  ? 7.626   -0.184  -21.011 1.00 23.22 ? 19  GLU B N   1 
ATOM   906  C CA  . GLU B 1 12  ? 8.358   -1.389  -21.392 1.00 23.57 ? 19  GLU B CA  1 
ATOM   907  C C   . GLU B 1 12  ? 8.937   -2.219  -20.249 1.00 23.25 ? 19  GLU B C   1 
ATOM   908  O O   . GLU B 1 12  ? 8.781   -3.438  -20.227 1.00 22.74 ? 19  GLU B O   1 
ATOM   909  C CB  . GLU B 1 12  ? 9.494   -1.014  -22.342 1.00 25.63 ? 19  GLU B CB  1 
ATOM   910  C CG  . GLU B 1 12  ? 10.201  -2.196  -22.970 1.00 29.05 ? 19  GLU B CG  1 
ATOM   911  C CD  . GLU B 1 12  ? 11.429  -1.775  -23.751 1.00 31.27 ? 19  GLU B CD  1 
ATOM   912  O OE1 . GLU B 1 12  ? 11.381  -0.709  -24.399 1.00 31.82 ? 19  GLU B OE1 1 
ATOM   913  O OE2 . GLU B 1 12  ? 12.437  -2.512  -23.723 1.00 32.60 ? 19  GLU B OE2 1 
ATOM   914  N N   . PHE B 1 13  ? 9.618   -1.564  -19.315 1.00 22.44 ? 20  PHE B N   1 
ATOM   915  C CA  . PHE B 1 13  ? 10.246  -2.261  -18.193 1.00 22.35 ? 20  PHE B CA  1 
ATOM   916  C C   . PHE B 1 13  ? 9.281   -2.713  -17.104 1.00 20.76 ? 20  PHE B C   1 
ATOM   917  O O   . PHE B 1 13  ? 9.392   -3.822  -16.590 1.00 20.14 ? 20  PHE B O   1 
ATOM   918  C CB  . PHE B 1 13  ? 11.319  -1.368  -17.561 1.00 24.26 ? 20  PHE B CB  1 
ATOM   919  C CG  . PHE B 1 13  ? 12.582  -1.252  -18.371 1.00 26.52 ? 20  PHE B CG  1 
ATOM   920  C CD1 . PHE B 1 13  ? 12.572  -1.440  -19.752 1.00 27.73 ? 20  PHE B CD1 1 
ATOM   921  C CD2 . PHE B 1 13  ? 13.787  -0.930  -17.752 1.00 27.79 ? 20  PHE B CD2 1 
ATOM   922  C CE1 . PHE B 1 13  ? 13.745  -1.310  -20.502 1.00 28.08 ? 20  PHE B CE1 1 
ATOM   923  C CE2 . PHE B 1 13  ? 14.961  -0.797  -18.492 1.00 28.16 ? 20  PHE B CE2 1 
ATOM   924  C CZ  . PHE B 1 13  ? 14.939  -0.987  -19.869 1.00 28.09 ? 20  PHE B CZ  1 
ATOM   925  N N   . VAL B 1 14  ? 8.340   -1.848  -16.752 1.00 19.48 ? 21  VAL B N   1 
ATOM   926  C CA  . VAL B 1 14  ? 7.380   -2.143  -15.694 1.00 18.84 ? 21  VAL B CA  1 
ATOM   927  C C   . VAL B 1 14  ? 6.045   -2.747  -16.149 1.00 18.22 ? 21  VAL B C   1 
ATOM   928  O O   . VAL B 1 14  ? 5.692   -3.862  -15.761 1.00 18.63 ? 21  VAL B O   1 
ATOM   929  C CB  . VAL B 1 14  ? 7.078   -0.856  -14.872 1.00 18.79 ? 21  VAL B CB  1 
ATOM   930  C CG1 . VAL B 1 14  ? 6.113   -1.167  -13.740 1.00 18.19 ? 21  VAL B CG1 1 
ATOM   931  C CG2 . VAL B 1 14  ? 8.375   -0.267  -14.324 1.00 18.78 ? 21  VAL B CG2 1 
ATOM   932  N N   . LEU B 1 15  ? 5.310   -2.015  -16.974 1.00 17.48 ? 22  LEU B N   1 
ATOM   933  C CA  . LEU B 1 15  ? 3.992   -2.470  -17.413 1.00 19.03 ? 22  LEU B CA  1 
ATOM   934  C C   . LEU B 1 15  ? 3.941   -3.702  -18.317 1.00 18.92 ? 22  LEU B C   1 
ATOM   935  O O   . LEU B 1 15  ? 2.975   -4.467  -18.267 1.00 18.09 ? 22  LEU B O   1 
ATOM   936  C CB  . LEU B 1 15  ? 3.243   -1.312  -18.080 1.00 18.50 ? 22  LEU B CB  1 
ATOM   937  C CG  . LEU B 1 15  ? 3.067   -0.061  -17.211 1.00 19.60 ? 22  LEU B CG  1 
ATOM   938  C CD1 . LEU B 1 15  ? 2.204   0.951   -17.957 1.00 20.52 ? 22  LEU B CD1 1 
ATOM   939  C CD2 . LEU B 1 15  ? 2.417   -0.437  -15.878 1.00 19.63 ? 22  LEU B CD2 1 
ATOM   940  N N   . GLU B 1 16  ? 4.983   -3.909  -19.113 1.00 18.82 ? 23  GLU B N   1 
ATOM   941  C CA  . GLU B 1 16  ? 5.021   -5.036  -20.039 1.00 19.85 ? 23  GLU B CA  1 
ATOM   942  C C   . GLU B 1 16  ? 5.862   -6.228  -19.591 1.00 20.07 ? 23  GLU B C   1 
ATOM   943  O O   . GLU B 1 16  ? 6.073   -7.169  -20.359 1.00 20.49 ? 23  GLU B O   1 
ATOM   944  C CB  . GLU B 1 16  ? 5.515   -4.546  -21.398 1.00 20.28 ? 23  GLU B CB  1 
ATOM   945  C CG  . GLU B 1 16  ? 4.548   -3.609  -22.086 1.00 22.42 ? 23  GLU B CG  1 
ATOM   946  C CD  . GLU B 1 16  ? 5.143   -2.990  -23.322 1.00 25.24 ? 23  GLU B CD  1 
ATOM   947  O OE1 . GLU B 1 16  ? 5.952   -3.670  -23.983 1.00 25.75 ? 23  GLU B OE1 1 
ATOM   948  O OE2 . GLU B 1 16  ? 4.798   -1.831  -23.637 1.00 27.87 ? 23  GLU B OE2 1 
ATOM   949  N N   . SER B 1 17  ? 6.329   -6.199  -18.349 1.00 20.23 ? 24  SER B N   1 
ATOM   950  C CA  . SER B 1 17  ? 7.147   -7.285  -17.814 1.00 20.19 ? 24  SER B CA  1 
ATOM   951  C C   . SER B 1 17  ? 6.402   -8.618  -17.768 1.00 19.95 ? 24  SER B C   1 
ATOM   952  O O   . SER B 1 17  ? 5.204   -8.659  -17.482 1.00 19.72 ? 24  SER B O   1 
ATOM   953  C CB  . SER B 1 17  ? 7.629   -6.919  -16.405 1.00 20.57 ? 24  SER B CB  1 
ATOM   954  O OG  . SER B 1 17  ? 8.341   -7.990  -15.811 1.00 20.78 ? 24  SER B OG  1 
ATOM   955  N N   . GLU B 1 18  ? 7.118   -9.707  -18.047 1.00 19.37 ? 25  GLU B N   1 
ATOM   956  C CA  . GLU B 1 18  ? 6.522   -11.040 -18.021 1.00 21.00 ? 25  GLU B CA  1 
ATOM   957  C C   . GLU B 1 18  ? 6.453   -11.578 -16.607 1.00 19.83 ? 25  GLU B C   1 
ATOM   958  O O   . GLU B 1 18  ? 5.705   -12.511 -16.326 1.00 21.33 ? 25  GLU B O   1 
ATOM   959  C CB  . GLU B 1 18  ? 7.314   -12.026 -18.890 1.00 22.33 ? 25  GLU B CB  1 
ATOM   960  C CG  . GLU B 1 18  ? 7.026   -11.911 -20.376 1.00 25.65 ? 25  GLU B CG  1 
ATOM   961  C CD  . GLU B 1 18  ? 7.489   -13.130 -21.165 1.00 28.41 ? 25  GLU B CD  1 
ATOM   962  O OE1 . GLU B 1 18  ? 7.042   -14.259 -20.857 1.00 29.23 ? 25  GLU B OE1 1 
ATOM   963  O OE2 . GLU B 1 18  ? 8.296   -12.953 -22.098 1.00 30.18 ? 25  GLU B OE2 1 
ATOM   964  N N   . VAL B 1 19  ? 7.236   -10.981 -15.719 1.00 18.40 ? 26  VAL B N   1 
ATOM   965  C CA  . VAL B 1 19  ? 7.265   -11.393 -14.322 1.00 18.01 ? 26  VAL B CA  1 
ATOM   966  C C   . VAL B 1 19  ? 6.851   -10.206 -13.450 1.00 17.17 ? 26  VAL B C   1 
ATOM   967  O O   . VAL B 1 19  ? 6.883   -9.061  -13.900 1.00 16.54 ? 26  VAL B O   1 
ATOM   968  C CB  . VAL B 1 19  ? 8.684   -11.852 -13.924 1.00 18.10 ? 26  VAL B CB  1 
ATOM   969  C CG1 . VAL B 1 19  ? 9.145   -12.981 -14.863 1.00 17.10 ? 26  VAL B CG1 1 
ATOM   970  C CG2 . VAL B 1 19  ? 9.656   -10.674 -14.002 1.00 17.08 ? 26  VAL B CG2 1 
ATOM   971  N N   . PRO B 1 20  ? 6.446   -10.468 -12.193 1.00 16.72 ? 27  PRO B N   1 
ATOM   972  C CA  . PRO B 1 20  ? 6.037   -9.379  -11.294 1.00 15.63 ? 27  PRO B CA  1 
ATOM   973  C C   . PRO B 1 20  ? 7.157   -8.351  -11.174 1.00 15.74 ? 27  PRO B C   1 
ATOM   974  O O   . PRO B 1 20  ? 8.335   -8.694  -11.316 1.00 14.49 ? 27  PRO B O   1 
ATOM   975  C CB  . PRO B 1 20  ? 5.770   -10.103 -9.978  1.00 15.70 ? 27  PRO B CB  1 
ATOM   976  C CG  . PRO B 1 20  ? 5.295   -11.463 -10.433 1.00 17.19 ? 27  PRO B CG  1 
ATOM   977  C CD  . PRO B 1 20  ? 6.289   -11.779 -11.538 1.00 15.99 ? 27  PRO B CD  1 
ATOM   978  N N   . VAL B 1 21  ? 6.795   -7.097  -10.921 1.00 15.46 ? 28  VAL B N   1 
ATOM   979  C CA  . VAL B 1 21  ? 7.784   -6.030  -10.807 1.00 16.04 ? 28  VAL B CA  1 
ATOM   980  C C   . VAL B 1 21  ? 7.664   -5.238  -9.501  1.00 16.10 ? 28  VAL B C   1 
ATOM   981  O O   . VAL B 1 21  ? 6.566   -4.913  -9.060  1.00 15.60 ? 28  VAL B O   1 
ATOM   982  C CB  . VAL B 1 21  ? 7.652   -5.027  -11.985 1.00 17.33 ? 28  VAL B CB  1 
ATOM   983  C CG1 . VAL B 1 21  ? 8.750   -3.977  -11.915 1.00 17.07 ? 28  VAL B CG1 1 
ATOM   984  C CG2 . VAL B 1 21  ? 7.716   -5.769  -13.311 1.00 18.36 ? 28  VAL B CG2 1 
ATOM   985  N N   . MET B 1 22  ? 8.800   -4.941  -8.883  1.00 15.67 ? 29  MET B N   1 
ATOM   986  C CA  . MET B 1 22  ? 8.808   -4.152  -7.660  1.00 15.23 ? 29  MET B CA  1 
ATOM   987  C C   . MET B 1 22  ? 9.538   -2.862  -7.991  1.00 13.82 ? 29  MET B C   1 
ATOM   988  O O   . MET B 1 22  ? 10.701  -2.887  -8.390  1.00 14.05 ? 29  MET B O   1 
ATOM   989  C CB  . MET B 1 22  ? 9.544   -4.881  -6.529  1.00 16.66 ? 29  MET B CB  1 
ATOM   990  C CG  . MET B 1 22  ? 9.652   -4.055  -5.248  1.00 20.02 ? 29  MET B CG  1 
ATOM   991  S SD  . MET B 1 22  ? 10.533  -4.898  -3.905  1.00 23.99 ? 29  MET B SD  1 
ATOM   992  C CE  . MET B 1 22  ? 9.387   -4.795  -2.604  1.00 23.65 ? 29  MET B CE  1 
ATOM   993  N N   . VAL B 1 23  ? 8.862   -1.731  -7.850  1.00 12.48 ? 30  VAL B N   1 
ATOM   994  C CA  . VAL B 1 23  ? 9.523   -0.468  -8.141  1.00 12.25 ? 30  VAL B CA  1 
ATOM   995  C C   . VAL B 1 23  ? 9.716   0.354   -6.882  1.00 12.66 ? 30  VAL B C   1 
ATOM   996  O O   . VAL B 1 23  ? 8.771   0.593   -6.130  1.00 11.76 ? 30  VAL B O   1 
ATOM   997  C CB  . VAL B 1 23  ? 8.743   0.380   -9.156  1.00 12.06 ? 30  VAL B CB  1 
ATOM   998  C CG1 . VAL B 1 23  ? 9.532   1.640   -9.472  1.00 10.18 ? 30  VAL B CG1 1 
ATOM   999  C CG2 . VAL B 1 23  ? 8.492   -0.418  -10.430 1.00 12.55 ? 30  VAL B CG2 1 
ATOM   1000 N N   . ASP B 1 24  ? 10.954  0.776   -6.664  1.00 13.42 ? 31  ASP B N   1 
ATOM   1001 C CA  . ASP B 1 24  ? 11.306  1.589   -5.512  1.00 14.31 ? 31  ASP B CA  1 
ATOM   1002 C C   . ASP B 1 24  ? 11.426  3.053   -5.930  1.00 14.92 ? 31  ASP B C   1 
ATOM   1003 O O   . ASP B 1 24  ? 12.207  3.390   -6.818  1.00 14.59 ? 31  ASP B O   1 
ATOM   1004 C CB  . ASP B 1 24  ? 12.636  1.123   -4.932  1.00 14.55 ? 31  ASP B CB  1 
ATOM   1005 C CG  . ASP B 1 24  ? 13.160  2.060   -3.869  1.00 16.31 ? 31  ASP B CG  1 
ATOM   1006 O OD1 . ASP B 1 24  ? 12.438  2.299   -2.876  1.00 14.68 ? 31  ASP B OD1 1 
ATOM   1007 O OD2 . ASP B 1 24  ? 14.290  2.560   -4.027  1.00 18.20 ? 31  ASP B OD2 1 
ATOM   1008 N N   . PHE B 1 25  ? 10.644  3.917   -5.297  1.00 15.16 ? 32  PHE B N   1 
ATOM   1009 C CA  . PHE B 1 25  ? 10.681  5.340   -5.603  1.00 15.13 ? 32  PHE B CA  1 
ATOM   1010 C C   . PHE B 1 25  ? 11.569  6.022   -4.569  1.00 15.99 ? 32  PHE B C   1 
ATOM   1011 O O   . PHE B 1 25  ? 11.415  5.798   -3.368  1.00 15.74 ? 32  PHE B O   1 
ATOM   1012 C CB  . PHE B 1 25  ? 9.269   5.938   -5.557  1.00 16.13 ? 32  PHE B CB  1 
ATOM   1013 C CG  . PHE B 1 25  ? 8.382   5.497   -6.693  1.00 15.63 ? 32  PHE B CG  1 
ATOM   1014 C CD1 . PHE B 1 25  ? 7.880   4.200   -6.743  1.00 14.32 ? 32  PHE B CD1 1 
ATOM   1015 C CD2 . PHE B 1 25  ? 8.060   6.383   -7.723  1.00 15.81 ? 32  PHE B CD2 1 
ATOM   1016 C CE1 . PHE B 1 25  ? 7.065   3.789   -7.805  1.00 13.10 ? 32  PHE B CE1 1 
ATOM   1017 C CE2 . PHE B 1 25  ? 7.251   5.983   -8.786  1.00 14.15 ? 32  PHE B CE2 1 
ATOM   1018 C CZ  . PHE B 1 25  ? 6.751   4.683   -8.827  1.00 13.55 ? 32  PHE B CZ  1 
ATOM   1019 N N   . TRP B 1 26  ? 12.487  6.862   -5.036  1.00 15.72 ? 33  TRP B N   1 
ATOM   1020 C CA  . TRP B 1 26  ? 13.413  7.556   -4.147  1.00 17.40 ? 33  TRP B CA  1 
ATOM   1021 C C   . TRP B 1 26  ? 13.852  8.887   -4.749  1.00 18.25 ? 33  TRP B C   1 
ATOM   1022 O O   . TRP B 1 26  ? 13.430  9.262   -5.840  1.00 19.00 ? 33  TRP B O   1 
ATOM   1023 C CB  . TRP B 1 26  ? 14.663  6.704   -3.932  1.00 17.10 ? 33  TRP B CB  1 
ATOM   1024 C CG  . TRP B 1 26  ? 15.517  6.641   -5.172  1.00 18.68 ? 33  TRP B CG  1 
ATOM   1025 C CD1 . TRP B 1 26  ? 15.217  6.007   -6.350  1.00 18.47 ? 33  TRP B CD1 1 
ATOM   1026 C CD2 . TRP B 1 26  ? 16.767  7.312   -5.389  1.00 19.45 ? 33  TRP B CD2 1 
ATOM   1027 N NE1 . TRP B 1 26  ? 16.197  6.249   -7.284  1.00 16.57 ? 33  TRP B NE1 1 
ATOM   1028 C CE2 . TRP B 1 26  ? 17.160  7.046   -6.721  1.00 18.92 ? 33  TRP B CE2 1 
ATOM   1029 C CE3 . TRP B 1 26  ? 17.592  8.114   -4.585  1.00 19.81 ? 33  TRP B CE3 1 
ATOM   1030 C CZ2 . TRP B 1 26  ? 18.345  7.555   -7.271  1.00 19.97 ? 33  TRP B CZ2 1 
ATOM   1031 C CZ3 . TRP B 1 26  ? 18.770  8.619   -5.131  1.00 20.73 ? 33  TRP B CZ3 1 
ATOM   1032 C CH2 . TRP B 1 26  ? 19.133  8.337   -6.463  1.00 20.76 ? 33  TRP B CH2 1 
ATOM   1033 N N   . ALA B 1 27  ? 14.728  9.575   -4.024  1.00 19.07 ? 34  ALA B N   1 
ATOM   1034 C CA  . ALA B 1 27  ? 15.291  10.852  -4.444  1.00 19.61 ? 34  ALA B CA  1 
ATOM   1035 C C   . ALA B 1 27  ? 16.542  11.079  -3.593  1.00 20.53 ? 34  ALA B C   1 
ATOM   1036 O O   . ALA B 1 27  ? 16.618  10.600  -2.458  1.00 20.44 ? 34  ALA B O   1 
ATOM   1037 C CB  . ALA B 1 27  ? 14.281  11.979  -4.230  1.00 19.11 ? 34  ALA B CB  1 
ATOM   1038 N N   . PRO B 1 28  ? 17.542  11.797  -4.135  1.00 20.67 ? 35  PRO B N   1 
ATOM   1039 C CA  . PRO B 1 28  ? 18.800  12.087  -3.434  1.00 21.82 ? 35  PRO B CA  1 
ATOM   1040 C C   . PRO B 1 28  ? 18.651  12.767  -2.073  1.00 22.07 ? 35  PRO B C   1 
ATOM   1041 O O   . PRO B 1 28  ? 19.416  12.490  -1.148  1.00 22.83 ? 35  PRO B O   1 
ATOM   1042 C CB  . PRO B 1 28  ? 19.554  12.961  -4.435  1.00 21.72 ? 35  PRO B CB  1 
ATOM   1043 C CG  . PRO B 1 28  ? 19.101  12.409  -5.750  1.00 21.77 ? 35  PRO B CG  1 
ATOM   1044 C CD  . PRO B 1 28  ? 17.607  12.270  -5.528  1.00 21.43 ? 35  PRO B CD  1 
ATOM   1045 N N   . TRP B 1 29  ? 17.670  13.653  -1.959  1.00 22.03 ? 36  TRP B N   1 
ATOM   1046 C CA  . TRP B 1 29  ? 17.424  14.381  -0.713  1.00 22.59 ? 36  TRP B CA  1 
ATOM   1047 C C   . TRP B 1 29  ? 16.612  13.599  0.316   1.00 22.18 ? 36  TRP B C   1 
ATOM   1048 O O   . TRP B 1 29  ? 16.494  14.013  1.469   1.00 22.42 ? 36  TRP B O   1 
ATOM   1049 C CB  . TRP B 1 29  ? 16.693  15.688  -1.013  1.00 23.81 ? 36  TRP B CB  1 
ATOM   1050 C CG  . TRP B 1 29  ? 15.547  15.518  -1.970  1.00 25.35 ? 36  TRP B CG  1 
ATOM   1051 C CD1 . TRP B 1 29  ? 15.587  15.665  -3.329  1.00 26.08 ? 36  TRP B CD1 1 
ATOM   1052 C CD2 . TRP B 1 29  ? 14.199  15.145  -1.648  1.00 25.99 ? 36  TRP B CD2 1 
ATOM   1053 N NE1 . TRP B 1 29  ? 14.352  15.408  -3.871  1.00 25.26 ? 36  TRP B NE1 1 
ATOM   1054 C CE2 . TRP B 1 29  ? 13.481  15.086  -2.863  1.00 25.92 ? 36  TRP B CE2 1 
ATOM   1055 C CE3 . TRP B 1 29  ? 13.530  14.853  -0.450  1.00 25.77 ? 36  TRP B CE3 1 
ATOM   1056 C CZ2 . TRP B 1 29  ? 12.121  14.747  -2.919  1.00 26.38 ? 36  TRP B CZ2 1 
ATOM   1057 C CZ3 . TRP B 1 29  ? 12.177  14.514  -0.504  1.00 26.56 ? 36  TRP B CZ3 1 
ATOM   1058 C CH2 . TRP B 1 29  ? 11.489  14.465  -1.732  1.00 26.38 ? 36  TRP B CH2 1 
ATOM   1059 N N   . CYS B 1 30  ? 16.045  12.474  -0.096  1.00 21.04 ? 37  CYS B N   1 
ATOM   1060 C CA  . CYS B 1 30  ? 15.230  11.682  0.812   1.00 19.34 ? 37  CYS B CA  1 
ATOM   1061 C C   . CYS B 1 30  ? 16.064  10.952  1.862   1.00 18.80 ? 37  CYS B C   1 
ATOM   1062 O O   . CYS B 1 30  ? 16.915  10.115  1.542   1.00 19.44 ? 37  CYS B O   1 
ATOM   1063 C CB  . CYS B 1 30  ? 14.367  10.713  -0.002  1.00 18.57 ? 37  CYS B CB  1 
ATOM   1064 S SG  . CYS B 1 30  ? 13.628  9.360   0.951   1.00 17.02 ? 37  CYS B SG  1 
ATOM   1065 N N   . GLY B 1 31  ? 15.810  11.289  3.123   1.00 18.07 ? 38  GLY B N   1 
ATOM   1066 C CA  . GLY B 1 31  ? 16.546  10.704  4.232   1.00 16.50 ? 38  GLY B CA  1 
ATOM   1067 C C   . GLY B 1 31  ? 16.367  9.216   4.462   1.00 17.50 ? 38  GLY B C   1 
ATOM   1068 O O   . GLY B 1 31  ? 17.350  8.471   4.450   1.00 17.11 ? 38  GLY B O   1 
ATOM   1069 N N   . PRO B 1 32  ? 15.133  8.751   4.710   1.00 16.12 ? 39  PRO B N   1 
ATOM   1070 C CA  . PRO B 1 32  ? 14.872  7.325   4.943   1.00 16.65 ? 39  PRO B CA  1 
ATOM   1071 C C   . PRO B 1 32  ? 15.273  6.447   3.755   1.00 16.79 ? 39  PRO B C   1 
ATOM   1072 O O   . PRO B 1 32  ? 15.494  5.247   3.912   1.00 16.37 ? 39  PRO B O   1 
ATOM   1073 C CB  . PRO B 1 32  ? 13.365  7.284   5.198   1.00 15.78 ? 39  PRO B CB  1 
ATOM   1074 C CG  . PRO B 1 32  ? 13.100  8.617   5.839   1.00 16.74 ? 39  PRO B CG  1 
ATOM   1075 C CD  . PRO B 1 32  ? 13.929  9.557   4.985   1.00 16.41 ? 39  PRO B CD  1 
ATOM   1076 N N   . CYS B 1 33  ? 15.358  7.049   2.569   1.00 16.29 ? 40  CYS B N   1 
ATOM   1077 C CA  . CYS B 1 33  ? 15.732  6.313   1.361   1.00 16.38 ? 40  CYS B CA  1 
ATOM   1078 C C   . CYS B 1 33  ? 17.160  5.770   1.408   1.00 16.60 ? 40  CYS B C   1 
ATOM   1079 O O   . CYS B 1 33  ? 17.455  4.744   0.795   1.00 15.00 ? 40  CYS B O   1 
ATOM   1080 C CB  . CYS B 1 33  ? 15.598  7.205   0.125   1.00 16.98 ? 40  CYS B CB  1 
ATOM   1081 S SG  . CYS B 1 33  ? 13.914  7.771   -0.277  1.00 16.82 ? 40  CYS B SG  1 
ATOM   1082 N N   . LYS B 1 34  ? 18.043  6.460   2.132   1.00 16.95 ? 41  LYS B N   1 
ATOM   1083 C CA  . LYS B 1 34  ? 19.441  6.044   2.230   1.00 17.62 ? 41  LYS B CA  1 
ATOM   1084 C C   . LYS B 1 34  ? 19.645  4.660   2.838   1.00 17.69 ? 41  LYS B C   1 
ATOM   1085 O O   . LYS B 1 34  ? 20.408  3.858   2.308   1.00 17.72 ? 41  LYS B O   1 
ATOM   1086 C CB  . LYS B 1 34  ? 20.261  7.065   3.037   1.00 20.08 ? 41  LYS B CB  1 
ATOM   1087 C CG  . LYS B 1 34  ? 20.815  8.245   2.239   1.00 22.56 ? 41  LYS B CG  1 
ATOM   1088 C CD  . LYS B 1 34  ? 19.748  9.251   1.889   1.00 25.16 ? 41  LYS B CD  1 
ATOM   1089 C CE  . LYS B 1 34  ? 20.350  10.516  1.279   1.00 24.56 ? 41  LYS B CE  1 
ATOM   1090 N NZ  . LYS B 1 34  ? 21.066  10.250  0.000   1.00 25.48 ? 41  LYS B NZ  1 
ATOM   1091 N N   . LEU B 1 35  ? 18.975  4.380   3.951   1.00 16.41 ? 42  LEU B N   1 
ATOM   1092 C CA  . LEU B 1 35  ? 19.117  3.089   4.614   1.00 16.27 ? 42  LEU B CA  1 
ATOM   1093 C C   . LEU B 1 35  ? 18.336  1.948   3.976   1.00 16.40 ? 42  LEU B C   1 
ATOM   1094 O O   . LEU B 1 35  ? 18.652  0.780   4.199   1.00 16.45 ? 42  LEU B O   1 
ATOM   1095 C CB  . LEU B 1 35  ? 18.718  3.195   6.086   1.00 16.03 ? 42  LEU B CB  1 
ATOM   1096 C CG  . LEU B 1 35  ? 19.636  4.040   6.967   1.00 16.54 ? 42  LEU B CG  1 
ATOM   1097 C CD1 . LEU B 1 35  ? 19.135  3.986   8.404   1.00 16.39 ? 42  LEU B CD1 1 
ATOM   1098 C CD2 . LEU B 1 35  ? 21.067  3.506   6.867   1.00 17.02 ? 42  LEU B CD2 1 
ATOM   1099 N N   . ILE B 1 36  ? 17.316  2.268   3.190   1.00 16.57 ? 43  ILE B N   1 
ATOM   1100 C CA  . ILE B 1 36  ? 16.535  1.211   2.558   1.00 16.56 ? 43  ILE B CA  1 
ATOM   1101 C C   . ILE B 1 36  ? 17.105  0.787   1.201   1.00 15.61 ? 43  ILE B C   1 
ATOM   1102 O O   . ILE B 1 36  ? 16.819  -0.309  0.713   1.00 15.54 ? 43  ILE B O   1 
ATOM   1103 C CB  . ILE B 1 36  ? 15.052  1.631   2.392   1.00 18.39 ? 43  ILE B CB  1 
ATOM   1104 C CG1 . ILE B 1 36  ? 14.185  0.385   2.196   1.00 20.08 ? 43  ILE B CG1 1 
ATOM   1105 C CG2 . ILE B 1 36  ? 14.889  2.558   1.198   1.00 18.71 ? 43  ILE B CG2 1 
ATOM   1106 C CD1 . ILE B 1 36  ? 12.692  0.672   2.140   1.00 22.07 ? 43  ILE B CD1 1 
ATOM   1107 N N   . ALA B 1 37  ? 17.924  1.644   0.602   1.00 14.68 ? 44  ALA B N   1 
ATOM   1108 C CA  . ALA B 1 37  ? 18.514  1.339   -0.700  1.00 15.60 ? 44  ALA B CA  1 
ATOM   1109 C C   . ALA B 1 37  ? 19.251  -0.009  -0.717  1.00 16.11 ? 44  ALA B C   1 
ATOM   1110 O O   . ALA B 1 37  ? 19.110  -0.788  -1.659  1.00 16.67 ? 44  ALA B O   1 
ATOM   1111 C CB  . ALA B 1 37  ? 19.448  2.475   -1.132  1.00 15.47 ? 44  ALA B CB  1 
ATOM   1112 N N   . PRO B 1 38  ? 20.041  -0.308  0.330   1.00 16.48 ? 45  PRO B N   1 
ATOM   1113 C CA  . PRO B 1 38  ? 20.756  -1.590  0.350   1.00 16.08 ? 45  PRO B CA  1 
ATOM   1114 C C   . PRO B 1 38  ? 19.802  -2.780  0.501   1.00 14.52 ? 45  PRO B C   1 
ATOM   1115 O O   . PRO B 1 38  ? 20.126  -3.898  0.113   1.00 13.24 ? 45  PRO B O   1 
ATOM   1116 C CB  . PRO B 1 38  ? 21.696  -1.449  1.549   1.00 16.85 ? 45  PRO B CB  1 
ATOM   1117 C CG  . PRO B 1 38  ? 21.920  0.027   1.644   1.00 17.30 ? 45  PRO B CG  1 
ATOM   1118 C CD  . PRO B 1 38  ? 20.530  0.572   1.406   1.00 17.76 ? 45  PRO B CD  1 
ATOM   1119 N N   . VAL B 1 39  ? 18.629  -2.535  1.080   1.00 14.89 ? 46  VAL B N   1 
ATOM   1120 C CA  . VAL B 1 39  ? 17.633  -3.586  1.270   1.00 14.38 ? 46  VAL B CA  1 
ATOM   1121 C C   . VAL B 1 39  ? 17.032  -3.936  -0.082  1.00 14.46 ? 46  VAL B C   1 
ATOM   1122 O O   . VAL B 1 39  ? 16.819  -5.106  -0.408  1.00 14.48 ? 46  VAL B O   1 
ATOM   1123 C CB  . VAL B 1 39  ? 16.496  -3.127  2.207   1.00 16.38 ? 46  VAL B CB  1 
ATOM   1124 C CG1 . VAL B 1 39  ? 15.454  -4.231  2.336   1.00 14.06 ? 46  VAL B CG1 1 
ATOM   1125 C CG2 . VAL B 1 39  ? 17.064  -2.757  3.575   1.00 15.82 ? 46  VAL B CG2 1 
ATOM   1126 N N   . ILE B 1 40  ? 16.747  -2.907  -0.867  1.00 14.84 ? 47  ILE B N   1 
ATOM   1127 C CA  . ILE B 1 40  ? 16.194  -3.103  -2.197  1.00 14.34 ? 47  ILE B CA  1 
ATOM   1128 C C   . ILE B 1 40  ? 17.221  -3.915  -2.991  1.00 14.93 ? 47  ILE B C   1 
ATOM   1129 O O   . ILE B 1 40  ? 16.866  -4.834  -3.729  1.00 15.16 ? 47  ILE B O   1 
ATOM   1130 C CB  . ILE B 1 40  ? 15.958  -1.741  -2.892  1.00 14.88 ? 47  ILE B CB  1 
ATOM   1131 C CG1 . ILE B 1 40  ? 15.080  -0.852  -2.005  1.00 13.71 ? 47  ILE B CG1 1 
ATOM   1132 C CG2 . ILE B 1 40  ? 15.309  -1.950  -4.261  1.00 14.20 ? 47  ILE B CG2 1 
ATOM   1133 C CD1 . ILE B 1 40  ? 13.687  -1.400  -1.749  1.00 16.28 ? 47  ILE B CD1 1 
ATOM   1134 N N   . ASP B 1 41  ? 18.499  -3.587  -2.819  1.00 15.97 ? 48  ASP B N   1 
ATOM   1135 C CA  . ASP B 1 41  ? 19.556  -4.302  -3.526  1.00 17.96 ? 48  ASP B CA  1 
ATOM   1136 C C   . ASP B 1 41  ? 19.595  -5.782  -3.162  1.00 17.86 ? 48  ASP B C   1 
ATOM   1137 O O   . ASP B 1 41  ? 19.694  -6.632  -4.043  1.00 17.77 ? 48  ASP B O   1 
ATOM   1138 C CB  . ASP B 1 41  ? 20.931  -3.680  -3.246  1.00 20.30 ? 48  ASP B CB  1 
ATOM   1139 C CG  . ASP B 1 41  ? 21.165  -2.399  -4.027  1.00 22.99 ? 48  ASP B CG  1 
ATOM   1140 O OD1 . ASP B 1 41  ? 20.431  -2.151  -5.006  1.00 25.46 ? 48  ASP B OD1 1 
ATOM   1141 O OD2 . ASP B 1 41  ? 22.094  -1.644  -3.670  1.00 25.66 ? 48  ASP B OD2 1 
ATOM   1142 N N   . GLU B 1 42  ? 19.521  -6.099  -1.871  1.00 19.03 ? 49  GLU B N   1 
ATOM   1143 C CA  . GLU B 1 42  ? 19.556  -7.496  -1.463  1.00 19.52 ? 49  GLU B CA  1 
ATOM   1144 C C   . GLU B 1 42  ? 18.334  -8.287  -1.912  1.00 18.59 ? 49  GLU B C   1 
ATOM   1145 O O   . GLU B 1 42  ? 18.445  -9.473  -2.203  1.00 17.59 ? 49  GLU B O   1 
ATOM   1146 C CB  . GLU B 1 42  ? 19.755  -7.635  0.057   1.00 22.49 ? 49  GLU B CB  1 
ATOM   1147 C CG  . GLU B 1 42  ? 19.189  -6.525  0.928   1.00 27.49 ? 49  GLU B CG  1 
ATOM   1148 C CD  . GLU B 1 42  ? 19.712  -6.612  2.364   1.00 30.65 ? 49  GLU B CD  1 
ATOM   1149 O OE1 . GLU B 1 42  ? 20.940  -6.786  2.538   1.00 33.58 ? 49  GLU B OE1 1 
ATOM   1150 O OE2 . GLU B 1 42  ? 18.910  -6.506  3.315   1.00 30.56 ? 49  GLU B OE2 1 
ATOM   1151 N N   . LEU B 1 43  ? 17.174  -7.641  -1.984  1.00 18.07 ? 50  LEU B N   1 
ATOM   1152 C CA  . LEU B 1 43  ? 15.963  -8.343  -2.419  1.00 17.40 ? 50  LEU B CA  1 
ATOM   1153 C C   . LEU B 1 43  ? 16.023  -8.637  -3.916  1.00 16.78 ? 50  LEU B C   1 
ATOM   1154 O O   . LEU B 1 43  ? 15.522  -9.662  -4.373  1.00 17.36 ? 50  LEU B O   1 
ATOM   1155 C CB  . LEU B 1 43  ? 14.711  -7.519  -2.095  1.00 17.31 ? 50  LEU B CB  1 
ATOM   1156 C CG  . LEU B 1 43  ? 14.421  -7.323  -0.602  1.00 18.65 ? 50  LEU B CG  1 
ATOM   1157 C CD1 . LEU B 1 43  ? 13.239  -6.386  -0.413  1.00 18.84 ? 50  LEU B CD1 1 
ATOM   1158 C CD2 . LEU B 1 43  ? 14.145  -8.665  0.041   1.00 18.69 ? 50  LEU B CD2 1 
ATOM   1159 N N   . ALA B 1 44  ? 16.639  -7.736  -4.675  1.00 16.65 ? 51  ALA B N   1 
ATOM   1160 C CA  . ALA B 1 44  ? 16.776  -7.924  -6.116  1.00 18.15 ? 51  ALA B CA  1 
ATOM   1161 C C   . ALA B 1 44  ? 17.652  -9.150  -6.392  1.00 19.31 ? 51  ALA B C   1 
ATOM   1162 O O   . ALA B 1 44  ? 17.363  -9.950  -7.282  1.00 18.49 ? 51  ALA B O   1 
ATOM   1163 C CB  . ALA B 1 44  ? 17.396  -6.687  -6.745  1.00 17.50 ? 51  ALA B CB  1 
ATOM   1164 N N   . LYS B 1 45  ? 18.720  -9.291  -5.615  1.00 20.35 ? 52  LYS B N   1 
ATOM   1165 C CA  . LYS B 1 45  ? 19.633  -10.414 -5.766  1.00 21.27 ? 52  LYS B CA  1 
ATOM   1166 C C   . LYS B 1 45  ? 18.974  -11.714 -5.327  1.00 21.91 ? 52  LYS B C   1 
ATOM   1167 O O   . LYS B 1 45  ? 19.068  -12.728 -6.017  1.00 21.57 ? 52  LYS B O   1 
ATOM   1168 C CB  . LYS B 1 45  ? 20.902  -10.177 -4.944  1.00 22.81 ? 52  LYS B CB  1 
ATOM   1169 C CG  . LYS B 1 45  ? 21.749  -9.023  -5.451  1.00 26.29 ? 52  LYS B CG  1 
ATOM   1170 C CD  . LYS B 1 45  ? 23.057  -8.911  -4.676  1.00 29.45 ? 52  LYS B CD  1 
ATOM   1171 C CE  . LYS B 1 45  ? 23.933  -7.809  -5.247  1.00 30.48 ? 52  LYS B CE  1 
ATOM   1172 N NZ  . LYS B 1 45  ? 25.281  -7.782  -4.610  1.00 34.06 ? 52  LYS B NZ  1 
ATOM   1173 N N   . GLU B 1 46  ? 18.306  -11.672 -4.177  1.00 21.71 ? 53  GLU B N   1 
ATOM   1174 C CA  . GLU B 1 46  ? 17.626  -12.842 -3.629  1.00 22.78 ? 53  GLU B CA  1 
ATOM   1175 C C   . GLU B 1 46  ? 16.505  -13.390 -4.517  1.00 22.07 ? 53  GLU B C   1 
ATOM   1176 O O   . GLU B 1 46  ? 16.270  -14.597 -4.541  1.00 21.72 ? 53  GLU B O   1 
ATOM   1177 C CB  . GLU B 1 46  ? 17.060  -12.521 -2.238  1.00 24.33 ? 53  GLU B CB  1 
ATOM   1178 C CG  . GLU B 1 46  ? 16.078  -13.560 -1.705  1.00 27.87 ? 53  GLU B CG  1 
ATOM   1179 C CD  . GLU B 1 46  ? 15.645  -13.292 -0.271  1.00 30.40 ? 53  GLU B CD  1 
ATOM   1180 O OE1 . GLU B 1 46  ? 15.404  -12.114 0.077   1.00 31.54 ? 53  GLU B OE1 1 
ATOM   1181 O OE2 . GLU B 1 46  ? 15.533  -14.264 0.506   1.00 31.64 ? 53  GLU B OE2 1 
ATOM   1182 N N   . TYR B 1 47  ? 15.817  -12.515 -5.244  1.00 20.75 ? 54  TYR B N   1 
ATOM   1183 C CA  . TYR B 1 47  ? 14.718  -12.959 -6.102  1.00 20.00 ? 54  TYR B CA  1 
ATOM   1184 C C   . TYR B 1 47  ? 15.009  -12.838 -7.600  1.00 19.75 ? 54  TYR B C   1 
ATOM   1185 O O   . TYR B 1 47  ? 14.091  -12.765 -8.420  1.00 20.29 ? 54  TYR B O   1 
ATOM   1186 C CB  . TYR B 1 47  ? 13.442  -12.187 -5.739  1.00 19.86 ? 54  TYR B CB  1 
ATOM   1187 C CG  . TYR B 1 47  ? 12.944  -12.502 -4.342  1.00 20.08 ? 54  TYR B CG  1 
ATOM   1188 C CD1 . TYR B 1 47  ? 12.256  -13.689 -4.074  1.00 20.66 ? 54  TYR B CD1 1 
ATOM   1189 C CD2 . TYR B 1 47  ? 13.210  -11.642 -3.279  1.00 20.22 ? 54  TYR B CD2 1 
ATOM   1190 C CE1 . TYR B 1 47  ? 11.848  -14.009 -2.779  1.00 22.03 ? 54  TYR B CE1 1 
ATOM   1191 C CE2 . TYR B 1 47  ? 12.810  -11.952 -1.986  1.00 21.98 ? 54  TYR B CE2 1 
ATOM   1192 C CZ  . TYR B 1 47  ? 12.132  -13.134 -1.741  1.00 22.42 ? 54  TYR B CZ  1 
ATOM   1193 O OH  . TYR B 1 47  ? 11.748  -13.438 -0.459  1.00 24.48 ? 54  TYR B OH  1 
ATOM   1194 N N   . SER B 1 48  ? 16.291  -12.826 -7.948  1.00 19.84 ? 55  SER B N   1 
ATOM   1195 C CA  . SER B 1 48  ? 16.717  -12.738 -9.339  1.00 20.13 ? 55  SER B CA  1 
ATOM   1196 C C   . SER B 1 48  ? 15.967  -13.795 -10.149 1.00 20.60 ? 55  SER B C   1 
ATOM   1197 O O   . SER B 1 48  ? 15.886  -14.952 -9.743  1.00 21.29 ? 55  SER B O   1 
ATOM   1198 C CB  . SER B 1 48  ? 18.230  -12.981 -9.434  1.00 20.44 ? 55  SER B CB  1 
ATOM   1199 O OG  . SER B 1 48  ? 18.687  -12.908 -10.777 1.00 19.88 ? 55  SER B OG  1 
ATOM   1200 N N   . GLY B 1 49  ? 15.408  -13.389 -11.283 1.00 21.23 ? 56  GLY B N   1 
ATOM   1201 C CA  . GLY B 1 49  ? 14.674  -14.320 -12.117 1.00 21.89 ? 56  GLY B CA  1 
ATOM   1202 C C   . GLY B 1 49  ? 13.225  -14.542 -11.708 1.00 22.94 ? 56  GLY B C   1 
ATOM   1203 O O   . GLY B 1 49  ? 12.429  -15.012 -12.518 1.00 23.61 ? 56  GLY B O   1 
ATOM   1204 N N   . LYS B 1 50  ? 12.878  -14.222 -10.463 1.00 22.69 ? 57  LYS B N   1 
ATOM   1205 C CA  . LYS B 1 50  ? 11.507  -14.395 -9.972  1.00 22.41 ? 57  LYS B CA  1 
ATOM   1206 C C   . LYS B 1 50  ? 10.724  -13.098 -10.170 1.00 21.42 ? 57  LYS B C   1 
ATOM   1207 O O   . LYS B 1 50  ? 9.577   -13.110 -10.620 1.00 19.89 ? 57  LYS B O   1 
ATOM   1208 C CB  . LYS B 1 50  ? 11.509  -14.758 -8.483  1.00 24.73 ? 57  LYS B CB  1 
ATOM   1209 C CG  . LYS B 1 50  ? 12.191  -16.077 -8.129  1.00 26.90 ? 57  LYS B CG  1 
ATOM   1210 C CD  . LYS B 1 50  ? 11.355  -17.275 -8.541  1.00 29.28 ? 57  LYS B CD  1 
ATOM   1211 C CE  . LYS B 1 50  ? 12.020  -18.581 -8.121  1.00 30.98 ? 57  LYS B CE  1 
ATOM   1212 N NZ  . LYS B 1 50  ? 12.232  -18.656 -6.647  1.00 31.79 ? 57  LYS B NZ  1 
ATOM   1213 N N   . ILE B 1 51  ? 11.347  -11.980 -9.814  1.00 19.97 ? 58  ILE B N   1 
ATOM   1214 C CA  . ILE B 1 51  ? 10.727  -10.670 -9.977  1.00 20.57 ? 58  ILE B CA  1 
ATOM   1215 C C   . ILE B 1 51  ? 11.767  -9.719  -10.539 1.00 20.16 ? 58  ILE B C   1 
ATOM   1216 O O   . ILE B 1 51  ? 12.967  -9.974  -10.445 1.00 20.19 ? 58  ILE B O   1 
ATOM   1217 C CB  . ILE B 1 51  ? 10.248  -10.062 -8.630  1.00 21.15 ? 58  ILE B CB  1 
ATOM   1218 C CG1 . ILE B 1 51  ? 11.458  -9.629  -7.798  1.00 22.12 ? 58  ILE B CG1 1 
ATOM   1219 C CG2 . ILE B 1 51  ? 9.422   -11.071 -7.857  1.00 21.49 ? 58  ILE B CG2 1 
ATOM   1220 C CD1 . ILE B 1 51  ? 11.103  -8.817  -6.567  1.00 24.57 ? 58  ILE B CD1 1 
ATOM   1221 N N   . ALA B 1 52  ? 11.301  -8.625  -11.125 1.00 18.68 ? 59  ALA B N   1 
ATOM   1222 C CA  . ALA B 1 52  ? 12.195  -7.619  -11.665 1.00 17.87 ? 59  ALA B CA  1 
ATOM   1223 C C   . ALA B 1 52  ? 12.104  -6.441  -10.700 1.00 18.08 ? 59  ALA B C   1 
ATOM   1224 O O   . ALA B 1 52  ? 11.009  -6.079  -10.267 1.00 16.65 ? 59  ALA B O   1 
ATOM   1225 C CB  . ALA B 1 52  ? 11.746  -7.206  -13.058 1.00 17.79 ? 59  ALA B CB  1 
ATOM   1226 N N   . VAL B 1 53  ? 13.249  -5.859  -10.351 1.00 18.46 ? 60  VAL B N   1 
ATOM   1227 C CA  . VAL B 1 53  ? 13.282  -4.724  -9.430  1.00 17.58 ? 60  VAL B CA  1 
ATOM   1228 C C   . VAL B 1 53  ? 13.891  -3.504  -10.102 1.00 18.77 ? 60  VAL B C   1 
ATOM   1229 O O   . VAL B 1 53  ? 14.941  -3.596  -10.734 1.00 18.35 ? 60  VAL B O   1 
ATOM   1230 C CB  . VAL B 1 53  ? 14.116  -5.042  -8.162  1.00 18.01 ? 60  VAL B CB  1 
ATOM   1231 C CG1 . VAL B 1 53  ? 14.063  -3.862  -7.175  1.00 16.80 ? 60  VAL B CG1 1 
ATOM   1232 C CG2 . VAL B 1 53  ? 13.592  -6.292  -7.500  1.00 16.75 ? 60  VAL B CG2 1 
ATOM   1233 N N   . TYR B 1 54  ? 13.220  -2.364  -9.974  1.00 17.95 ? 61  TYR B N   1 
ATOM   1234 C CA  . TYR B 1 54  ? 13.715  -1.122  -10.552 1.00 18.27 ? 61  TYR B CA  1 
ATOM   1235 C C   . TYR B 1 54  ? 13.596  0.001   -9.525  1.00 18.60 ? 61  TYR B C   1 
ATOM   1236 O O   . TYR B 1 54  ? 12.876  -0.117  -8.532  1.00 17.21 ? 61  TYR B O   1 
ATOM   1237 C CB  . TYR B 1 54  ? 12.912  -0.753  -11.803 1.00 19.87 ? 61  TYR B CB  1 
ATOM   1238 C CG  . TYR B 1 54  ? 13.004  -1.767  -12.927 1.00 21.78 ? 61  TYR B CG  1 
ATOM   1239 C CD1 . TYR B 1 54  ? 14.156  -1.877  -13.710 1.00 22.54 ? 61  TYR B CD1 1 
ATOM   1240 C CD2 . TYR B 1 54  ? 11.945  -2.633  -13.192 1.00 21.21 ? 61  TYR B CD2 1 
ATOM   1241 C CE1 . TYR B 1 54  ? 14.245  -2.832  -14.736 1.00 23.59 ? 61  TYR B CE1 1 
ATOM   1242 C CE2 . TYR B 1 54  ? 12.024  -3.588  -14.207 1.00 21.63 ? 61  TYR B CE2 1 
ATOM   1243 C CZ  . TYR B 1 54  ? 13.174  -3.680  -14.973 1.00 22.73 ? 61  TYR B CZ  1 
ATOM   1244 O OH  . TYR B 1 54  ? 13.247  -4.623  -15.974 1.00 24.13 ? 61  TYR B OH  1 
ATOM   1245 N N   . LYS B 1 55  ? 14.316  1.090   -9.753  1.00 18.17 ? 62  LYS B N   1 
ATOM   1246 C CA  . LYS B 1 55  ? 14.230  2.218   -8.850  1.00 19.21 ? 62  LYS B CA  1 
ATOM   1247 C C   . LYS B 1 55  ? 13.938  3.420   -9.723  1.00 18.33 ? 62  LYS B C   1 
ATOM   1248 O O   . LYS B 1 55  ? 14.411  3.502   -10.857 1.00 17.52 ? 62  LYS B O   1 
ATOM   1249 C CB  . LYS B 1 55  ? 15.536  2.397   -8.070  1.00 21.50 ? 62  LYS B CB  1 
ATOM   1250 C CG  . LYS B 1 55  ? 16.691  2.994   -8.857  1.00 24.34 ? 62  LYS B CG  1 
ATOM   1251 C CD  . LYS B 1 55  ? 18.026  2.738   -8.149  1.00 28.66 ? 62  LYS B CD  1 
ATOM   1252 C CE  . LYS B 1 55  ? 17.969  3.102   -6.676  1.00 30.46 ? 62  LYS B CE  1 
ATOM   1253 N NZ  . LYS B 1 55  ? 19.237  2.773   -5.956  1.00 34.87 ? 62  LYS B NZ  1 
ATOM   1254 N N   . LEU B 1 56  ? 13.132  4.332   -9.203  1.00 17.51 ? 63  LEU B N   1 
ATOM   1255 C CA  . LEU B 1 56  ? 12.761  5.519   -9.944  1.00 17.93 ? 63  LEU B CA  1 
ATOM   1256 C C   . LEU B 1 56  ? 13.018  6.768   -9.126  1.00 17.71 ? 63  LEU B C   1 
ATOM   1257 O O   . LEU B 1 56  ? 12.480  6.928   -8.028  1.00 14.83 ? 63  LEU B O   1 
ATOM   1258 C CB  . LEU B 1 56  ? 11.281  5.450   -10.348 1.00 19.66 ? 63  LEU B CB  1 
ATOM   1259 C CG  . LEU B 1 56  ? 10.762  6.639   -11.168 1.00 21.09 ? 63  LEU B CG  1 
ATOM   1260 C CD1 . LEU B 1 56  ? 9.740   6.151   -12.165 1.00 21.17 ? 63  LEU B CD1 1 
ATOM   1261 C CD2 . LEU B 1 56  ? 10.176  7.708   -10.251 1.00 20.46 ? 63  LEU B CD2 1 
ATOM   1262 N N   . ASN B 1 57  ? 13.855  7.641   -9.677  1.00 17.21 ? 64  ASN B N   1 
ATOM   1263 C CA  . ASN B 1 57  ? 14.213  8.904   -9.046  1.00 18.68 ? 64  ASN B CA  1 
ATOM   1264 C C   . ASN B 1 57  ? 13.104  9.901   -9.345  1.00 19.65 ? 64  ASN B C   1 
ATOM   1265 O O   . ASN B 1 57  ? 12.944  10.337  -10.487 1.00 19.88 ? 64  ASN B O   1 
ATOM   1266 C CB  . ASN B 1 57  ? 15.532  9.416   -9.628  1.00 19.40 ? 64  ASN B CB  1 
ATOM   1267 C CG  . ASN B 1 57  ? 16.019  10.686  -8.956  1.00 19.65 ? 64  ASN B CG  1 
ATOM   1268 O OD1 . ASN B 1 57  ? 15.243  11.419  -8.344  1.00 20.50 ? 64  ASN B OD1 1 
ATOM   1269 N ND2 . ASN B 1 57  ? 17.310  10.965  -9.091  1.00 20.07 ? 64  ASN B ND2 1 
ATOM   1270 N N   . THR B 1 58  ? 12.341  10.273  -8.326  1.00 20.71 ? 65  THR B N   1 
ATOM   1271 C CA  . THR B 1 58  ? 11.243  11.207  -8.530  1.00 23.37 ? 65  THR B CA  1 
ATOM   1272 C C   . THR B 1 58  ? 11.682  12.577  -9.056  1.00 25.02 ? 65  THR B C   1 
ATOM   1273 O O   . THR B 1 58  ? 10.877  13.302  -9.646  1.00 25.33 ? 65  THR B O   1 
ATOM   1274 C CB  . THR B 1 58  ? 10.407  11.375  -7.238  1.00 23.18 ? 65  THR B CB  1 
ATOM   1275 O OG1 . THR B 1 58  ? 11.235  11.854  -6.173  1.00 22.92 ? 65  THR B OG1 1 
ATOM   1276 C CG2 . THR B 1 58  ? 9.807   10.041  -6.833  1.00 22.69 ? 65  THR B CG2 1 
ATOM   1277 N N   . ASP B 1 59  ? 12.948  12.936  -8.853  1.00 26.23 ? 66  ASP B N   1 
ATOM   1278 C CA  . ASP B 1 59  ? 13.440  14.218  -9.352  1.00 28.36 ? 66  ASP B CA  1 
ATOM   1279 C C   . ASP B 1 59  ? 13.633  14.151  -10.866 1.00 29.17 ? 66  ASP B C   1 
ATOM   1280 O O   . ASP B 1 59  ? 13.448  15.145  -11.566 1.00 29.20 ? 66  ASP B O   1 
ATOM   1281 C CB  . ASP B 1 59  ? 14.778  14.600  -8.702  1.00 28.77 ? 66  ASP B CB  1 
ATOM   1282 C CG  . ASP B 1 59  ? 14.624  15.077  -7.268  1.00 29.12 ? 66  ASP B CG  1 
ATOM   1283 O OD1 . ASP B 1 59  ? 13.525  15.534  -6.898  1.00 27.95 ? 66  ASP B OD1 1 
ATOM   1284 O OD2 . ASP B 1 59  ? 15.618  15.012  -6.514  1.00 30.86 ? 66  ASP B OD2 1 
ATOM   1285 N N   . GLU B 1 60  ? 13.998  12.969  -11.359 1.00 30.21 ? 67  GLU B N   1 
ATOM   1286 C CA  . GLU B 1 60  ? 14.239  12.749  -12.782 1.00 31.32 ? 67  GLU B CA  1 
ATOM   1287 C C   . GLU B 1 60  ? 13.006  12.327  -13.581 1.00 31.73 ? 67  GLU B C   1 
ATOM   1288 O O   . GLU B 1 60  ? 12.978  12.475  -14.806 1.00 31.19 ? 67  GLU B O   1 
ATOM   1289 C CB  . GLU B 1 60  ? 15.320  11.682  -12.970 1.00 33.12 ? 67  GLU B CB  1 
ATOM   1290 C CG  . GLU B 1 60  ? 16.671  12.018  -12.366 1.00 36.28 ? 67  GLU B CG  1 
ATOM   1291 C CD  . GLU B 1 60  ? 17.320  13.224  -13.017 1.00 38.59 ? 67  GLU B CD  1 
ATOM   1292 O OE1 . GLU B 1 60  ? 17.415  13.251  -14.265 1.00 39.61 ? 67  GLU B OE1 1 
ATOM   1293 O OE2 . GLU B 1 60  ? 17.739  14.142  -12.280 1.00 40.33 ? 67  GLU B OE2 1 
ATOM   1294 N N   . ALA B 1 61  ? 11.993  11.792  -12.902 1.00 31.67 ? 68  ALA B N   1 
ATOM   1295 C CA  . ALA B 1 61  ? 10.783  11.343  -13.584 1.00 31.58 ? 68  ALA B CA  1 
ATOM   1296 C C   . ALA B 1 61  ? 9.508   11.775  -12.872 1.00 31.87 ? 68  ALA B C   1 
ATOM   1297 O O   . ALA B 1 61  ? 8.753   10.939  -12.374 1.00 32.10 ? 68  ALA B O   1 
ATOM   1298 C CB  . ALA B 1 61  ? 10.802  9.827   -13.729 1.00 31.17 ? 68  ALA B CB  1 
ATOM   1299 N N   . PRO B 1 62  ? 9.239   13.089  -12.834 1.00 32.05 ? 69  PRO B N   1 
ATOM   1300 C CA  . PRO B 1 62  ? 8.041   13.619  -12.175 1.00 31.46 ? 69  PRO B CA  1 
ATOM   1301 C C   . PRO B 1 62  ? 6.739   13.161  -12.826 1.00 31.01 ? 69  PRO B C   1 
ATOM   1302 O O   . PRO B 1 62  ? 5.681   13.155  -12.187 1.00 31.96 ? 69  PRO B O   1 
ATOM   1303 C CB  . PRO B 1 62  ? 8.245   15.130  -12.266 1.00 32.28 ? 69  PRO B CB  1 
ATOM   1304 C CG  . PRO B 1 62  ? 8.976   15.285  -13.564 1.00 32.83 ? 69  PRO B CG  1 
ATOM   1305 C CD  . PRO B 1 62  ? 10.000  14.170  -13.489 1.00 32.51 ? 69  PRO B CD  1 
ATOM   1306 N N   . GLY B 1 63  ? 6.817   12.781  -14.096 1.00 30.12 ? 70  GLY B N   1 
ATOM   1307 C CA  . GLY B 1 63  ? 5.637   12.323  -14.804 1.00 28.63 ? 70  GLY B CA  1 
ATOM   1308 C C   . GLY B 1 63  ? 5.093   11.049  -14.184 1.00 28.41 ? 70  GLY B C   1 
ATOM   1309 O O   . GLY B 1 63  ? 3.915   10.969  -13.839 1.00 26.78 ? 70  GLY B O   1 
ATOM   1310 N N   . ILE B 1 64  ? 5.950   10.042  -14.045 1.00 28.06 ? 71  ILE B N   1 
ATOM   1311 C CA  . ILE B 1 64  ? 5.525   8.784   -13.450 1.00 27.82 ? 71  ILE B CA  1 
ATOM   1312 C C   . ILE B 1 64  ? 5.084   9.048   -12.018 1.00 27.41 ? 71  ILE B C   1 
ATOM   1313 O O   . ILE B 1 64  ? 4.085   8.503   -11.556 1.00 27.14 ? 71  ILE B O   1 
ATOM   1314 C CB  . ILE B 1 64  ? 6.669   7.749   -13.437 1.00 28.74 ? 71  ILE B CB  1 
ATOM   1315 C CG1 . ILE B 1 64  ? 7.068   7.395   -14.870 1.00 29.27 ? 71  ILE B CG1 1 
ATOM   1316 C CG2 . ILE B 1 64  ? 6.231   6.502   -12.675 1.00 28.64 ? 71  ILE B CG2 1 
ATOM   1317 C CD1 . ILE B 1 64  ? 5.941   6.787   -15.692 1.00 29.79 ? 71  ILE B CD1 1 
ATOM   1318 N N   . ALA B 1 65  ? 5.837   9.896   -11.324 1.00 27.89 ? 72  ALA B N   1 
ATOM   1319 C CA  . ALA B 1 65  ? 5.533   10.244  -9.942  1.00 28.51 ? 72  ALA B CA  1 
ATOM   1320 C C   . ALA B 1 65  ? 4.137   10.843  -9.827  1.00 29.13 ? 72  ALA B C   1 
ATOM   1321 O O   . ALA B 1 65  ? 3.417   10.577  -8.865  1.00 29.24 ? 72  ALA B O   1 
ATOM   1322 C CB  . ALA B 1 65  ? 6.574   11.232  -9.409  1.00 28.58 ? 72  ALA B CB  1 
ATOM   1323 N N   . THR B 1 66  ? 3.759   11.655  -10.809 1.00 29.58 ? 73  THR B N   1 
ATOM   1324 C CA  . THR B 1 66  ? 2.441   12.282  -10.807 1.00 30.24 ? 73  THR B CA  1 
ATOM   1325 C C   . THR B 1 66  ? 1.358   11.282  -11.200 1.00 29.93 ? 73  THR B C   1 
ATOM   1326 O O   . THR B 1 66  ? 0.298   11.222  -10.576 1.00 29.05 ? 73  THR B O   1 
ATOM   1327 C CB  . THR B 1 66  ? 2.380   13.472  -11.783 1.00 30.61 ? 73  THR B CB  1 
ATOM   1328 O OG1 . THR B 1 66  ? 3.312   14.479  -11.372 1.00 31.38 ? 73  THR B OG1 1 
ATOM   1329 C CG2 . THR B 1 66  ? 0.979   14.064  -11.807 1.00 31.31 ? 73  THR B CG2 1 
ATOM   1330 N N   . GLN B 1 67  ? 1.631   10.493  -12.234 1.00 29.69 ? 74  GLN B N   1 
ATOM   1331 C CA  . GLN B 1 67  ? 0.669   9.504   -12.705 1.00 30.25 ? 74  GLN B CA  1 
ATOM   1332 C C   . GLN B 1 67  ? 0.196   8.555   -11.608 1.00 29.76 ? 74  GLN B C   1 
ATOM   1333 O O   . GLN B 1 67  ? -0.995  8.249   -11.516 1.00 29.24 ? 74  GLN B O   1 
ATOM   1334 C CB  . GLN B 1 67  ? 1.265   8.687   -13.854 1.00 32.66 ? 74  GLN B CB  1 
ATOM   1335 C CG  . GLN B 1 67  ? 0.336   7.597   -14.369 1.00 34.61 ? 74  GLN B CG  1 
ATOM   1336 C CD  . GLN B 1 67  ? 0.894   6.857   -15.567 1.00 37.11 ? 74  GLN B CD  1 
ATOM   1337 O OE1 . GLN B 1 67  ? 0.287   5.902   -16.057 1.00 38.59 ? 74  GLN B OE1 1 
ATOM   1338 N NE2 . GLN B 1 67  ? 2.053   7.293   -16.049 1.00 37.63 ? 74  GLN B NE2 1 
ATOM   1339 N N   . TYR B 1 68  ? 1.123   8.088   -10.780 1.00 28.66 ? 75  TYR B N   1 
ATOM   1340 C CA  . TYR B 1 68  ? 0.771   7.162   -9.713  1.00 28.40 ? 75  TYR B CA  1 
ATOM   1341 C C   . TYR B 1 68  ? 0.565   7.847   -8.372  1.00 28.62 ? 75  TYR B C   1 
ATOM   1342 O O   . TYR B 1 68  ? 0.454   7.193   -7.335  1.00 29.21 ? 75  TYR B O   1 
ATOM   1343 C CB  . TYR B 1 68  ? 1.831   6.063   -9.621  1.00 27.73 ? 75  TYR B CB  1 
ATOM   1344 C CG  . TYR B 1 68  ? 1.829   5.190   -10.853 1.00 26.61 ? 75  TYR B CG  1 
ATOM   1345 C CD1 . TYR B 1 68  ? 0.840   4.228   -11.045 1.00 26.21 ? 75  TYR B CD1 1 
ATOM   1346 C CD2 . TYR B 1 68  ? 2.764   5.382   -11.865 1.00 25.90 ? 75  TYR B CD2 1 
ATOM   1347 C CE1 . TYR B 1 68  ? 0.780   3.484   -12.222 1.00 26.19 ? 75  TYR B CE1 1 
ATOM   1348 C CE2 . TYR B 1 68  ? 2.713   4.646   -13.037 1.00 25.93 ? 75  TYR B CE2 1 
ATOM   1349 C CZ  . TYR B 1 68  ? 1.719   3.701   -13.211 1.00 25.02 ? 75  TYR B CZ  1 
ATOM   1350 O OH  . TYR B 1 68  ? 1.667   2.987   -14.379 1.00 25.30 ? 75  TYR B OH  1 
ATOM   1351 N N   . ASN B 1 69  ? 0.504   9.173   -8.411  1.00 29.31 ? 76  ASN B N   1 
ATOM   1352 C CA  . ASN B 1 69  ? 0.275   9.990   -7.228  1.00 29.95 ? 76  ASN B CA  1 
ATOM   1353 C C   . ASN B 1 69  ? 1.200   9.663   -6.058  1.00 29.27 ? 76  ASN B C   1 
ATOM   1354 O O   . ASN B 1 69  ? 0.743   9.331   -4.965  1.00 28.16 ? 76  ASN B O   1 
ATOM   1355 C CB  . ASN B 1 69  ? -1.193  9.855   -6.803  1.00 32.78 ? 76  ASN B CB  1 
ATOM   1356 C CG  . ASN B 1 69  ? -1.593  10.865  -5.746  1.00 34.68 ? 76  ASN B CG  1 
ATOM   1357 O OD1 . ASN B 1 69  ? -1.249  12.047  -5.832  1.00 36.58 ? 76  ASN B OD1 1 
ATOM   1358 N ND2 . ASN B 1 69  ? -2.339  10.408  -4.749  1.00 36.19 ? 76  ASN B ND2 1 
ATOM   1359 N N   . ILE B 1 70  ? 2.503   9.757   -6.293  1.00 28.47 ? 77  ILE B N   1 
ATOM   1360 C CA  . ILE B 1 70  ? 3.482   9.497   -5.244  1.00 28.45 ? 77  ILE B CA  1 
ATOM   1361 C C   . ILE B 1 70  ? 3.599   10.775  -4.417  1.00 28.60 ? 77  ILE B C   1 
ATOM   1362 O O   . ILE B 1 70  ? 4.196   11.751  -4.862  1.00 29.97 ? 77  ILE B O   1 
ATOM   1363 C CB  . ILE B 1 70  ? 4.866   9.155   -5.839  1.00 27.94 ? 77  ILE B CB  1 
ATOM   1364 C CG1 . ILE B 1 70  ? 4.752   7.956   -6.785  1.00 27.25 ? 77  ILE B CG1 1 
ATOM   1365 C CG2 . ILE B 1 70  ? 5.850   8.853   -4.725  1.00 27.79 ? 77  ILE B CG2 1 
ATOM   1366 C CD1 . ILE B 1 70  ? 4.296   6.673   -6.114  1.00 26.27 ? 77  ILE B CD1 1 
ATOM   1367 N N   . ARG B 1 71  ? 3.018   10.761  -3.221  1.00 28.32 ? 78  ARG B N   1 
ATOM   1368 C CA  . ARG B 1 71  ? 3.031   11.917  -2.324  1.00 27.96 ? 78  ARG B CA  1 
ATOM   1369 C C   . ARG B 1 71  ? 4.269   11.978  -1.437  1.00 26.93 ? 78  ARG B C   1 
ATOM   1370 O O   . ARG B 1 71  ? 4.751   13.060  -1.095  1.00 27.54 ? 78  ARG B O   1 
ATOM   1371 C CB  . ARG B 1 71  ? 1.791   11.892  -1.432  1.00 29.60 ? 78  ARG B CB  1 
ATOM   1372 C CG  . ARG B 1 71  ? 0.496   12.251  -2.135  1.00 30.85 ? 78  ARG B CG  1 
ATOM   1373 C CD  . ARG B 1 71  ? 0.284   13.745  -2.109  1.00 33.47 ? 78  ARG B CD  1 
ATOM   1374 N NE  . ARG B 1 71  ? -1.059  14.127  -2.538  1.00 35.00 ? 78  ARG B NE  1 
ATOM   1375 C CZ  . ARG B 1 71  ? -1.541  15.359  -2.434  1.00 36.31 ? 78  ARG B CZ  1 
ATOM   1376 N NH1 . ARG B 1 71  ? -0.785  16.318  -1.914  1.00 36.31 ? 78  ARG B NH1 1 
ATOM   1377 N NH2 . ARG B 1 71  ? -2.772  15.636  -2.847  1.00 36.97 ? 78  ARG B NH2 1 
ATOM   1378 N N   . SER B 1 72  ? 4.769   10.817  -1.044  1.00 24.13 ? 79  SER B N   1 
ATOM   1379 C CA  . SER B 1 72  ? 5.941   10.769  -0.191  1.00 22.87 ? 79  SER B CA  1 
ATOM   1380 C C   . SER B 1 72  ? 6.822   9.583   -0.544  1.00 20.91 ? 79  SER B C   1 
ATOM   1381 O O   . SER B 1 72  ? 6.375   8.618   -1.168  1.00 19.58 ? 79  SER B O   1 
ATOM   1382 C CB  . SER B 1 72  ? 5.521   10.688  1.282   1.00 23.61 ? 79  SER B CB  1 
ATOM   1383 O OG  . SER B 1 72  ? 4.746   9.529   1.534   1.00 26.20 ? 79  SER B OG  1 
ATOM   1384 N N   . ILE B 1 73  ? 8.086   9.675   -0.156  1.00 18.39 ? 80  ILE B N   1 
ATOM   1385 C CA  . ILE B 1 73  ? 9.031   8.606   -0.416  1.00 16.95 ? 80  ILE B CA  1 
ATOM   1386 C C   . ILE B 1 73  ? 9.816   8.339   0.857   1.00 15.32 ? 80  ILE B C   1 
ATOM   1387 O O   . ILE B 1 73  ? 9.977   9.222   1.694   1.00 15.56 ? 80  ILE B O   1 
ATOM   1388 C CB  . ILE B 1 73  ? 9.998   8.966   -1.570  1.00 16.43 ? 80  ILE B CB  1 
ATOM   1389 C CG1 . ILE B 1 73  ? 10.624  10.341  -1.323  1.00 17.87 ? 80  ILE B CG1 1 
ATOM   1390 C CG2 . ILE B 1 73  ? 9.254   8.944   -2.896  1.00 17.75 ? 80  ILE B CG2 1 
ATOM   1391 C CD1 . ILE B 1 73  ? 11.609  10.769  -2.392  1.00 16.67 ? 80  ILE B CD1 1 
ATOM   1392 N N   . PRO B 1 74  ? 10.330  7.115   1.012   1.00 14.54 ? 81  PRO B N   1 
ATOM   1393 C CA  . PRO B 1 74  ? 10.198  6.017   0.051   1.00 13.81 ? 81  PRO B CA  1 
ATOM   1394 C C   . PRO B 1 74  ? 8.802   5.438   -0.137  1.00 13.82 ? 81  PRO B C   1 
ATOM   1395 O O   . PRO B 1 74  ? 7.972   5.444   0.775   1.00 13.24 ? 81  PRO B O   1 
ATOM   1396 C CB  . PRO B 1 74  ? 11.168  4.971   0.597   1.00 15.84 ? 81  PRO B CB  1 
ATOM   1397 C CG  . PRO B 1 74  ? 11.117  5.205   2.065   1.00 15.31 ? 81  PRO B CG  1 
ATOM   1398 C CD  . PRO B 1 74  ? 11.156  6.707   2.161   1.00 13.10 ? 81  PRO B CD  1 
ATOM   1399 N N   . THR B 1 75  ? 8.552   4.963   -1.351  1.00 13.18 ? 82  THR B N   1 
ATOM   1400 C CA  . THR B 1 75  ? 7.307   4.301   -1.707  1.00 12.68 ? 82  THR B CA  1 
ATOM   1401 C C   . THR B 1 75  ? 7.736   3.152   -2.604  1.00 13.40 ? 82  THR B C   1 
ATOM   1402 O O   . THR B 1 75  ? 8.611   3.309   -3.465  1.00 14.47 ? 82  THR B O   1 
ATOM   1403 C CB  . THR B 1 75  ? 6.318   5.200   -2.495  1.00 13.11 ? 82  THR B CB  1 
ATOM   1404 O OG1 . THR B 1 75  ? 5.688   6.120   -1.601  1.00 10.87 ? 82  THR B OG1 1 
ATOM   1405 C CG2 . THR B 1 75  ? 5.217   4.346   -3.140  1.00 13.33 ? 82  THR B CG2 1 
ATOM   1406 N N   . VAL B 1 76  ? 7.149   1.990   -2.369  1.00 11.55 ? 83  VAL B N   1 
ATOM   1407 C CA  . VAL B 1 76  ? 7.451   0.812   -3.153  1.00 12.17 ? 83  VAL B CA  1 
ATOM   1408 C C   . VAL B 1 76  ? 6.131   0.322   -3.732  1.00 12.38 ? 83  VAL B C   1 
ATOM   1409 O O   . VAL B 1 76  ? 5.176   0.106   -2.995  1.00 12.08 ? 83  VAL B O   1 
ATOM   1410 C CB  . VAL B 1 76  ? 8.074   -0.304  -2.271  1.00 12.95 ? 83  VAL B CB  1 
ATOM   1411 C CG1 . VAL B 1 76  ? 8.202   -1.600  -3.078  1.00 15.53 ? 83  VAL B CG1 1 
ATOM   1412 C CG2 . VAL B 1 76  ? 9.441   0.139   -1.757  1.00 12.89 ? 83  VAL B CG2 1 
ATOM   1413 N N   . LEU B 1 77  ? 6.083   0.181   -5.052  1.00 12.29 ? 84  LEU B N   1 
ATOM   1414 C CA  . LEU B 1 77  ? 4.890   -0.291  -5.741  1.00 13.68 ? 84  LEU B CA  1 
ATOM   1415 C C   . LEU B 1 77  ? 5.141   -1.680  -6.312  1.00 14.44 ? 84  LEU B C   1 
ATOM   1416 O O   . LEU B 1 77  ? 6.271   -2.013  -6.691  1.00 14.87 ? 84  LEU B O   1 
ATOM   1417 C CB  . LEU B 1 77  ? 4.523   0.669   -6.884  1.00 15.56 ? 84  LEU B CB  1 
ATOM   1418 C CG  . LEU B 1 77  ? 3.449   1.738   -6.654  1.00 15.91 ? 84  LEU B CG  1 
ATOM   1419 C CD1 . LEU B 1 77  ? 3.626   2.394   -5.309  1.00 17.10 ? 84  LEU B CD1 1 
ATOM   1420 C CD2 . LEU B 1 77  ? 3.511   2.767   -7.783  1.00 16.34 ? 84  LEU B CD2 1 
ATOM   1421 N N   . PHE B 1 78  ? 4.085   -2.485  -6.363  1.00 13.99 ? 85  PHE B N   1 
ATOM   1422 C CA  . PHE B 1 78  ? 4.142   -3.838  -6.904  1.00 14.29 ? 85  PHE B CA  1 
ATOM   1423 C C   . PHE B 1 78  ? 3.227   -3.911  -8.117  1.00 14.12 ? 85  PHE B C   1 
ATOM   1424 O O   . PHE B 1 78  ? 2.072   -3.486  -8.050  1.00 13.40 ? 85  PHE B O   1 
ATOM   1425 C CB  . PHE B 1 78  ? 3.664   -4.854  -5.867  1.00 15.96 ? 85  PHE B CB  1 
ATOM   1426 C CG  . PHE B 1 78  ? 4.728   -5.292  -4.916  1.00 19.17 ? 85  PHE B CG  1 
ATOM   1427 C CD1 . PHE B 1 78  ? 5.727   -6.160  -5.335  1.00 18.70 ? 85  PHE B CD1 1 
ATOM   1428 C CD2 . PHE B 1 78  ? 4.725   -4.852  -3.597  1.00 20.23 ? 85  PHE B CD2 1 
ATOM   1429 C CE1 . PHE B 1 78  ? 6.711   -6.589  -4.454  1.00 20.45 ? 85  PHE B CE1 1 
ATOM   1430 C CE2 . PHE B 1 78  ? 5.704   -5.276  -2.707  1.00 21.25 ? 85  PHE B CE2 1 
ATOM   1431 C CZ  . PHE B 1 78  ? 6.696   -6.147  -3.136  1.00 20.53 ? 85  PHE B CZ  1 
ATOM   1432 N N   . PHE B 1 79  ? 3.748   -4.452  -9.214  1.00 12.02 ? 86  PHE B N   1 
ATOM   1433 C CA  . PHE B 1 79  ? 2.985   -4.580  -10.454 1.00 12.77 ? 86  PHE B CA  1 
ATOM   1434 C C   . PHE B 1 79  ? 2.993   -6.020  -10.946 1.00 12.95 ? 86  PHE B C   1 
ATOM   1435 O O   . PHE B 1 79  ? 3.997   -6.723  -10.821 1.00 12.05 ? 86  PHE B O   1 
ATOM   1436 C CB  . PHE B 1 79  ? 3.599   -3.713  -11.557 1.00 13.90 ? 86  PHE B CB  1 
ATOM   1437 C CG  . PHE B 1 79  ? 3.362   -2.246  -11.390 1.00 14.95 ? 86  PHE B CG  1 
ATOM   1438 C CD1 . PHE B 1 79  ? 2.218   -1.650  -11.917 1.00 15.02 ? 86  PHE B CD1 1 
ATOM   1439 C CD2 . PHE B 1 79  ? 4.272   -1.456  -10.691 1.00 15.21 ? 86  PHE B CD2 1 
ATOM   1440 C CE1 . PHE B 1 79  ? 1.981   -0.285  -11.747 1.00 16.17 ? 86  PHE B CE1 1 
ATOM   1441 C CE2 . PHE B 1 79  ? 4.044   -0.090  -10.519 1.00 13.65 ? 86  PHE B CE2 1 
ATOM   1442 C CZ  . PHE B 1 79  ? 2.896   0.493   -11.046 1.00 14.31 ? 86  PHE B CZ  1 
ATOM   1443 N N   . LYS B 1 80  ? 1.869   -6.460  -11.495 1.00 12.83 ? 87  LYS B N   1 
ATOM   1444 C CA  . LYS B 1 80  ? 1.796   -7.795  -12.059 1.00 13.59 ? 87  LYS B CA  1 
ATOM   1445 C C   . LYS B 1 80  ? 0.935   -7.715  -13.310 1.00 13.06 ? 87  LYS B C   1 
ATOM   1446 O O   . LYS B 1 80  ? -0.226  -7.316  -13.252 1.00 12.63 ? 87  LYS B O   1 
ATOM   1447 C CB  . LYS B 1 80  ? 1.193   -8.795  -11.075 1.00 14.11 ? 87  LYS B CB  1 
ATOM   1448 C CG  . LYS B 1 80  ? 1.378   -10.237 -11.538 1.00 16.29 ? 87  LYS B CG  1 
ATOM   1449 C CD  . LYS B 1 80  ? 0.606   -11.216 -10.679 1.00 20.12 ? 87  LYS B CD  1 
ATOM   1450 C CE  . LYS B 1 80  ? 1.014   -12.651 -11.000 1.00 23.96 ? 87  LYS B CE  1 
ATOM   1451 N NZ  . LYS B 1 80  ? 0.906   -12.963 -12.450 1.00 25.57 ? 87  LYS B NZ  1 
ATOM   1452 N N   . ASN B 1 81  ? 1.524   -8.086  -14.439 1.00 13.43 ? 88  ASN B N   1 
ATOM   1453 C CA  . ASN B 1 81  ? 0.850   -8.059  -15.727 1.00 14.09 ? 88  ASN B CA  1 
ATOM   1454 C C   . ASN B 1 81  ? 0.207   -6.713  -16.041 1.00 14.49 ? 88  ASN B C   1 
ATOM   1455 O O   . ASN B 1 81  ? -0.947  -6.640  -16.473 1.00 14.79 ? 88  ASN B O   1 
ATOM   1456 C CB  . ASN B 1 81  ? -0.182  -9.184  -15.803 1.00 13.83 ? 88  ASN B CB  1 
ATOM   1457 C CG  . ASN B 1 81  ? 0.467   -10.550 -15.862 1.00 14.53 ? 88  ASN B CG  1 
ATOM   1458 O OD1 . ASN B 1 81  ? 1.622   -10.680 -16.276 1.00 15.00 ? 88  ASN B OD1 1 
ATOM   1459 N ND2 . ASN B 1 81  ? -0.270  -11.577 -15.468 1.00 15.88 ? 88  ASN B ND2 1 
ATOM   1460 N N   . GLY B 1 82  ? 0.969   -5.646  -15.817 1.00 15.38 ? 89  GLY B N   1 
ATOM   1461 C CA  . GLY B 1 82  ? 0.497   -4.306  -16.107 1.00 15.69 ? 89  GLY B CA  1 
ATOM   1462 C C   . GLY B 1 82  ? -0.448  -3.689  -15.097 1.00 17.36 ? 89  GLY B C   1 
ATOM   1463 O O   . GLY B 1 82  ? -0.911  -2.568  -15.296 1.00 17.64 ? 89  GLY B O   1 
ATOM   1464 N N   . GLU B 1 83  ? -0.737  -4.402  -14.015 1.00 17.79 ? 90  GLU B N   1 
ATOM   1465 C CA  . GLU B 1 83  ? -1.647  -3.869  -13.007 1.00 19.09 ? 90  GLU B CA  1 
ATOM   1466 C C   . GLU B 1 83  ? -0.977  -3.609  -11.658 1.00 18.18 ? 90  GLU B C   1 
ATOM   1467 O O   . GLU B 1 83  ? -0.205  -4.430  -11.168 1.00 17.78 ? 90  GLU B O   1 
ATOM   1468 C CB  . GLU B 1 83  ? -2.814  -4.831  -12.812 1.00 21.87 ? 90  GLU B CB  1 
ATOM   1469 C CG  . GLU B 1 83  ? -3.336  -5.424  -14.109 1.00 27.13 ? 90  GLU B CG  1 
ATOM   1470 C CD  . GLU B 1 83  ? -4.540  -6.312  -13.889 1.00 30.49 ? 90  GLU B CD  1 
ATOM   1471 O OE1 . GLU B 1 83  ? -4.482  -7.177  -12.990 1.00 32.98 ? 90  GLU B OE1 1 
ATOM   1472 O OE2 . GLU B 1 83  ? -5.543  -6.147  -14.617 1.00 33.43 ? 90  GLU B OE2 1 
ATOM   1473 N N   . ARG B 1 84  ? -1.288  -2.459  -11.071 1.00 18.00 ? 91  ARG B N   1 
ATOM   1474 C CA  . ARG B 1 84  ? -0.753  -2.067  -9.773  1.00 18.92 ? 91  ARG B CA  1 
ATOM   1475 C C   . ARG B 1 84  ? -1.454  -2.932  -8.723  1.00 19.03 ? 91  ARG B C   1 
ATOM   1476 O O   . ARG B 1 84  ? -2.661  -2.814  -8.520  1.00 18.22 ? 91  ARG B O   1 
ATOM   1477 C CB  . ARG B 1 84  ? -1.043  -0.584  -9.529  1.00 20.16 ? 91  ARG B CB  1 
ATOM   1478 C CG  . ARG B 1 84  ? -0.576  -0.030  -8.189  1.00 23.50 ? 91  ARG B CG  1 
ATOM   1479 C CD  . ARG B 1 84  ? -0.973  1.439   -8.086  1.00 25.35 ? 91  ARG B CD  1 
ATOM   1480 N NE  . ARG B 1 84  ? -0.498  2.079   -6.867  1.00 27.80 ? 91  ARG B NE  1 
ATOM   1481 C CZ  . ARG B 1 84  ? -0.513  3.393   -6.668  1.00 28.40 ? 91  ARG B CZ  1 
ATOM   1482 N NH1 . ARG B 1 84  ? -0.977  4.201   -7.614  1.00 28.42 ? 91  ARG B NH1 1 
ATOM   1483 N NH2 . ARG B 1 84  ? -0.065  3.902   -5.529  1.00 28.27 ? 91  ARG B NH2 1 
ATOM   1484 N N   . LYS B 1 85  ? -0.691  -3.799  -8.066  1.00 18.34 ? 92  LYS B N   1 
ATOM   1485 C CA  . LYS B 1 85  ? -1.237  -4.710  -7.068  1.00 19.27 ? 92  LYS B CA  1 
ATOM   1486 C C   . LYS B 1 85  ? -1.256  -4.139  -5.657  1.00 20.63 ? 92  LYS B C   1 
ATOM   1487 O O   . LYS B 1 85  ? -2.244  -4.272  -4.942  1.00 19.78 ? 92  LYS B O   1 
ATOM   1488 C CB  . LYS B 1 85  ? -0.440  -6.018  -7.067  1.00 19.58 ? 92  LYS B CB  1 
ATOM   1489 C CG  . LYS B 1 85  ? -0.224  -6.619  -8.450  1.00 20.67 ? 92  LYS B CG  1 
ATOM   1490 C CD  . LYS B 1 85  ? -1.532  -7.028  -9.113  1.00 24.52 ? 92  LYS B CD  1 
ATOM   1491 C CE  . LYS B 1 85  ? -2.210  -8.162  -8.355  1.00 26.42 ? 92  LYS B CE  1 
ATOM   1492 N NZ  . LYS B 1 85  ? -3.363  -8.720  -9.117  1.00 28.90 ? 92  LYS B NZ  1 
ATOM   1493 N N   . GLU B 1 86  ? -0.157  -3.519  -5.245  1.00 20.49 ? 93  GLU B N   1 
ATOM   1494 C CA  . GLU B 1 86  ? -0.088  -2.950  -3.906  1.00 21.57 ? 93  GLU B CA  1 
ATOM   1495 C C   . GLU B 1 86  ? 0.859   -1.775  -3.830  1.00 19.25 ? 93  GLU B C   1 
ATOM   1496 O O   . GLU B 1 86  ? 1.744   -1.622  -4.675  1.00 17.97 ? 93  GLU B O   1 
ATOM   1497 C CB  . GLU B 1 86  ? 0.363   -4.003  -2.895  1.00 24.80 ? 93  GLU B CB  1 
ATOM   1498 C CG  . GLU B 1 86  ? -0.604  -5.145  -2.721  1.00 29.44 ? 93  GLU B CG  1 
ATOM   1499 C CD  . GLU B 1 86  ? -0.152  -6.115  -1.660  1.00 30.68 ? 93  GLU B CD  1 
ATOM   1500 O OE1 . GLU B 1 86  ? -0.134  -5.728  -0.476  1.00 32.98 ? 93  GLU B OE1 1 
ATOM   1501 O OE2 . GLU B 1 86  ? 0.193   -7.258  -2.010  1.00 33.59 ? 93  GLU B OE2 1 
ATOM   1502 N N   . SER B 1 87  ? 0.657   -0.953  -2.805  1.00 17.58 ? 94  SER B N   1 
ATOM   1503 C CA  . SER B 1 87  ? 1.484   0.218   -2.566  1.00 15.99 ? 94  SER B CA  1 
ATOM   1504 C C   . SER B 1 87  ? 1.991   0.178   -1.127  1.00 15.93 ? 94  SER B C   1 
ATOM   1505 O O   . SER B 1 87  ? 1.208   -0.010  -0.187  1.00 13.79 ? 94  SER B O   1 
ATOM   1506 C CB  . SER B 1 87  ? 0.671   1.501   -2.783  1.00 16.68 ? 94  SER B CB  1 
ATOM   1507 O OG  . SER B 1 87  ? 0.140   1.566   -4.098  1.00 14.94 ? 94  SER B OG  1 
ATOM   1508 N N   . ILE B 1 88  ? 3.303   0.337   -0.963  1.00 14.70 ? 95  ILE B N   1 
ATOM   1509 C CA  . ILE B 1 88  ? 3.920   0.355   0.357   1.00 14.96 ? 95  ILE B CA  1 
ATOM   1510 C C   . ILE B 1 88  ? 4.504   1.753   0.520   1.00 15.25 ? 95  ILE B C   1 
ATOM   1511 O O   . ILE B 1 88  ? 5.431   2.141   -0.200  1.00 13.58 ? 95  ILE B O   1 
ATOM   1512 C CB  . ILE B 1 88  ? 5.042   -0.689  0.481   1.00 16.12 ? 95  ILE B CB  1 
ATOM   1513 C CG1 . ILE B 1 88  ? 4.481   -2.088  0.201   1.00 17.52 ? 95  ILE B CG1 1 
ATOM   1514 C CG2 . ILE B 1 88  ? 5.653   -0.622  1.875   1.00 16.84 ? 95  ILE B CG2 1 
ATOM   1515 C CD1 . ILE B 1 88  ? 5.515   -3.192  0.294   1.00 20.85 ? 95  ILE B CD1 1 
ATOM   1516 N N   . ILE B 1 89  ? 3.945   2.503   1.465   1.00 15.67 ? 96  ILE B N   1 
ATOM   1517 C CA  . ILE B 1 89  ? 4.354   3.881   1.715   1.00 17.00 ? 96  ILE B CA  1 
ATOM   1518 C C   . ILE B 1 89  ? 5.253   4.027   2.927   1.00 17.31 ? 96  ILE B C   1 
ATOM   1519 O O   . ILE B 1 89  ? 4.955   3.497   3.996   1.00 16.29 ? 96  ILE B O   1 
ATOM   1520 C CB  . ILE B 1 89  ? 3.117   4.794   1.940   1.00 18.80 ? 96  ILE B CB  1 
ATOM   1521 C CG1 . ILE B 1 89  ? 2.100   4.586   0.816   1.00 19.85 ? 96  ILE B CG1 1 
ATOM   1522 C CG2 . ILE B 1 89  ? 3.544   6.252   2.010   1.00 19.55 ? 96  ILE B CG2 1 
ATOM   1523 C CD1 . ILE B 1 89  ? 2.661   4.811   -0.560  1.00 22.34 ? 96  ILE B CD1 1 
ATOM   1524 N N   . GLY B 1 90  ? 6.348   4.762   2.751   1.00 17.23 ? 97  GLY B N   1 
ATOM   1525 C CA  . GLY B 1 90  ? 7.274   4.994   3.843   1.00 17.95 ? 97  GLY B CA  1 
ATOM   1526 C C   . GLY B 1 90  ? 8.268   3.869   4.020   1.00 18.57 ? 97  GLY B C   1 
ATOM   1527 O O   . GLY B 1 90  ? 8.178   2.838   3.357   1.00 17.96 ? 97  GLY B O   1 
ATOM   1528 N N   . ALA B 1 91  ? 9.228   4.064   4.914   1.00 19.17 ? 98  ALA B N   1 
ATOM   1529 C CA  . ALA B 1 91  ? 10.221  3.032   5.169   1.00 19.43 ? 98  ALA B CA  1 
ATOM   1530 C C   . ALA B 1 91  ? 9.578   1.964   6.047   1.00 18.55 ? 98  ALA B C   1 
ATOM   1531 O O   . ALA B 1 91  ? 9.101   2.259   7.139   1.00 19.53 ? 98  ALA B O   1 
ATOM   1532 C CB  . ALA B 1 91  ? 11.440  3.636   5.871   1.00 19.51 ? 98  ALA B CB  1 
ATOM   1533 N N   . VAL B 1 92  ? 9.550   0.730   5.563   1.00 17.13 ? 99  VAL B N   1 
ATOM   1534 C CA  . VAL B 1 92  ? 8.969   -0.367  6.326   1.00 15.85 ? 99  VAL B CA  1 
ATOM   1535 C C   . VAL B 1 92  ? 10.040  -1.430  6.525   1.00 15.24 ? 99  VAL B C   1 
ATOM   1536 O O   . VAL B 1 92  ? 11.044  -1.445  5.814   1.00 13.48 ? 99  VAL B O   1 
ATOM   1537 C CB  . VAL B 1 92  ? 7.757   -1.003  5.590   1.00 16.39 ? 99  VAL B CB  1 
ATOM   1538 C CG1 . VAL B 1 92  ? 6.605   -0.002  5.506   1.00 16.05 ? 99  VAL B CG1 1 
ATOM   1539 C CG2 . VAL B 1 92  ? 8.175   -1.462  4.200   1.00 16.38 ? 99  VAL B CG2 1 
ATOM   1540 N N   . PRO B 1 93  ? 9.851   -2.316  7.513   1.00 13.89 ? 100 PRO B N   1 
ATOM   1541 C CA  . PRO B 1 93  ? 10.840  -3.367  7.759   1.00 14.13 ? 100 PRO B CA  1 
ATOM   1542 C C   . PRO B 1 93  ? 11.047  -4.216  6.508   1.00 13.79 ? 100 PRO B C   1 
ATOM   1543 O O   . PRO B 1 93  ? 10.141  -4.355  5.684   1.00 11.70 ? 100 PRO B O   1 
ATOM   1544 C CB  . PRO B 1 93  ? 10.216  -4.176  8.893   1.00 13.77 ? 100 PRO B CB  1 
ATOM   1545 C CG  . PRO B 1 93  ? 9.411   -3.145  9.645   1.00 15.13 ? 100 PRO B CG  1 
ATOM   1546 C CD  . PRO B 1 93  ? 8.775   -2.349  8.522   1.00 14.72 ? 100 PRO B CD  1 
ATOM   1547 N N   . LYS B 1 94  ? 12.243  -4.772  6.371   1.00 13.56 ? 101 LYS B N   1 
ATOM   1548 C CA  . LYS B 1 94  ? 12.566  -5.626  5.236   1.00 14.67 ? 101 LYS B CA  1 
ATOM   1549 C C   . LYS B 1 94  ? 11.579  -6.792  5.143   1.00 14.85 ? 101 LYS B C   1 
ATOM   1550 O O   . LYS B 1 94  ? 11.175  -7.184  4.052   1.00 14.71 ? 101 LYS B O   1 
ATOM   1551 C CB  . LYS B 1 94  ? 13.982  -6.176  5.389   1.00 16.31 ? 101 LYS B CB  1 
ATOM   1552 C CG  . LYS B 1 94  ? 14.419  -7.096  4.262   1.00 18.87 ? 101 LYS B CG  1 
ATOM   1553 C CD  . LYS B 1 94  ? 15.762  -7.739  4.583   1.00 20.78 ? 101 LYS B CD  1 
ATOM   1554 C CE  . LYS B 1 94  ? 16.204  -8.675  3.472   1.00 22.81 ? 101 LYS B CE  1 
ATOM   1555 N NZ  . LYS B 1 94  ? 17.451  -9.402  3.855   1.00 23.17 ? 101 LYS B NZ  1 
ATOM   1556 N N   . SER B 1 95  ? 11.207  -7.342  6.298   1.00 14.03 ? 102 SER B N   1 
ATOM   1557 C CA  . SER B 1 95  ? 10.278  -8.470  6.366   1.00 15.48 ? 102 SER B CA  1 
ATOM   1558 C C   . SER B 1 95  ? 8.930   -8.168  5.702   1.00 15.33 ? 102 SER B C   1 
ATOM   1559 O O   . SER B 1 95  ? 8.303   -9.061  5.131   1.00 13.96 ? 102 SER B O   1 
ATOM   1560 C CB  . SER B 1 95  ? 10.059  -8.877  7.827   1.00 16.19 ? 102 SER B CB  1 
ATOM   1561 O OG  . SER B 1 95  ? 9.575   -7.784  8.586   1.00 15.59 ? 102 SER B OG  1 
ATOM   1562 N N   . THR B 1 96  ? 8.482   -6.916  5.783   1.00 15.09 ? 103 THR B N   1 
ATOM   1563 C CA  . THR B 1 96  ? 7.218   -6.532  5.161   1.00 15.26 ? 103 THR B CA  1 
ATOM   1564 C C   . THR B 1 96  ? 7.369   -6.609  3.643   1.00 14.79 ? 103 THR B C   1 
ATOM   1565 O O   . THR B 1 96  ? 6.457   -7.046  2.943   1.00 13.56 ? 103 THR B O   1 
ATOM   1566 C CB  . THR B 1 96  ? 6.797   -5.096  5.562   1.00 16.68 ? 103 THR B CB  1 
ATOM   1567 O OG1 . THR B 1 96  ? 6.398   -5.082  6.938   1.00 17.48 ? 103 THR B OG1 1 
ATOM   1568 C CG2 . THR B 1 96  ? 5.635   -4.612  4.696   1.00 16.84 ? 103 THR B CG2 1 
ATOM   1569 N N   . LEU B 1 97  ? 8.528   -6.180  3.147   1.00 14.66 ? 104 LEU B N   1 
ATOM   1570 C CA  . LEU B 1 97  ? 8.827   -6.213  1.719   1.00 15.46 ? 104 LEU B CA  1 
ATOM   1571 C C   . LEU B 1 97  ? 8.924   -7.660  1.262   1.00 16.28 ? 104 LEU B C   1 
ATOM   1572 O O   . LEU B 1 97  ? 8.440   -8.017  0.189   1.00 17.01 ? 104 LEU B O   1 
ATOM   1573 C CB  . LEU B 1 97  ? 10.156  -5.508  1.441   1.00 15.83 ? 104 LEU B CB  1 
ATOM   1574 C CG  . LEU B 1 97  ? 10.148  -4.099  0.833   1.00 17.57 ? 104 LEU B CG  1 
ATOM   1575 C CD1 . LEU B 1 97  ? 8.986   -3.279  1.351   1.00 16.84 ? 104 LEU B CD1 1 
ATOM   1576 C CD2 . LEU B 1 97  ? 11.485  -3.431  1.143   1.00 15.64 ? 104 LEU B CD2 1 
ATOM   1577 N N   . THR B 1 98  ? 9.565   -8.486  2.087   1.00 14.33 ? 105 THR B N   1 
ATOM   1578 C CA  . THR B 1 98  ? 9.734   -9.904  1.792   1.00 15.67 ? 105 THR B CA  1 
ATOM   1579 C C   . THR B 1 98  ? 8.378   -10.603 1.739   1.00 15.36 ? 105 THR B C   1 
ATOM   1580 O O   . THR B 1 98  ? 8.078   -11.323 0.786   1.00 16.18 ? 105 THR B O   1 
ATOM   1581 C CB  . THR B 1 98  ? 10.622  -10.589 2.865   1.00 15.47 ? 105 THR B CB  1 
ATOM   1582 O OG1 . THR B 1 98  ? 11.948  -10.046 2.797   1.00 17.20 ? 105 THR B OG1 1 
ATOM   1583 C CG2 . THR B 1 98  ? 10.682  -12.093 2.637   1.00 17.46 ? 105 THR B CG2 1 
ATOM   1584 N N   . ASP B 1 99  ? 7.554   -10.378 2.758   1.00 15.16 ? 106 ASP B N   1 
ATOM   1585 C CA  . ASP B 1 99  ? 6.234   -10.997 2.814   1.00 15.15 ? 106 ASP B CA  1 
ATOM   1586 C C   . ASP B 1 99  ? 5.327   -10.603 1.646   1.00 15.02 ? 106 ASP B C   1 
ATOM   1587 O O   . ASP B 1 99  ? 4.504   -11.402 1.202   1.00 14.51 ? 106 ASP B O   1 
ATOM   1588 C CB  . ASP B 1 99  ? 5.552   -10.666 4.148   1.00 16.27 ? 106 ASP B CB  1 
ATOM   1589 C CG  . ASP B 1 99  ? 6.195   -11.393 5.326   1.00 17.18 ? 106 ASP B CG  1 
ATOM   1590 O OD1 . ASP B 1 99  ? 7.029   -12.286 5.092   1.00 17.44 ? 106 ASP B OD1 1 
ATOM   1591 O OD2 . ASP B 1 99  ? 5.860   -11.085 6.481   1.00 20.72 ? 106 ASP B OD2 1 
ATOM   1592 N N   . SER B 1 100 ? 5.480   -9.378  1.151   1.00 14.32 ? 107 SER B N   1 
ATOM   1593 C CA  . SER B 1 100 ? 4.671   -8.899  0.030   1.00 14.66 ? 107 SER B CA  1 
ATOM   1594 C C   . SER B 1 100 ? 5.143   -9.515  -1.287  1.00 15.26 ? 107 SER B C   1 
ATOM   1595 O O   . SER B 1 100 ? 4.334   -9.908  -2.131  1.00 15.40 ? 107 SER B O   1 
ATOM   1596 C CB  . SER B 1 100 ? 4.744   -7.375  -0.055  1.00 15.00 ? 107 SER B CB  1 
ATOM   1597 O OG  . SER B 1 100 ? 4.158   -6.782  1.094   1.00 15.64 ? 107 SER B OG  1 
ATOM   1598 N N   . ILE B 1 101 ? 6.453   -9.582  -1.469  1.00 14.08 ? 108 ILE B N   1 
ATOM   1599 C CA  . ILE B 1 101 ? 7.012   -10.174 -2.680  1.00 16.09 ? 108 ILE B CA  1 
ATOM   1600 C C   . ILE B 1 101 ? 6.541   -11.623 -2.792  1.00 16.83 ? 108 ILE B C   1 
ATOM   1601 O O   . ILE B 1 101 ? 6.121   -12.079 -3.854  1.00 15.90 ? 108 ILE B O   1 
ATOM   1602 C CB  . ILE B 1 101 ? 8.561   -10.164 -2.641  1.00 14.92 ? 108 ILE B CB  1 
ATOM   1603 C CG1 . ILE B 1 101 ? 9.070   -8.735  -2.827  1.00 14.53 ? 108 ILE B CG1 1 
ATOM   1604 C CG2 . ILE B 1 101 ? 9.129   -11.104 -3.718  1.00 15.44 ? 108 ILE B CG2 1 
ATOM   1605 C CD1 . ILE B 1 101 ? 10.588  -8.611  -2.702  1.00 16.25 ? 108 ILE B CD1 1 
ATOM   1606 N N   . GLU B 1 102 ? 6.594   -12.326 -1.667  1.00 18.61 ? 109 GLU B N   1 
ATOM   1607 C CA  . GLU B 1 102 ? 6.213   -13.729 -1.608  1.00 22.27 ? 109 GLU B CA  1 
ATOM   1608 C C   . GLU B 1 102 ? 4.794   -14.055 -2.043  1.00 22.74 ? 109 GLU B C   1 
ATOM   1609 O O   . GLU B 1 102 ? 4.536   -15.161 -2.510  1.00 21.83 ? 109 GLU B O   1 
ATOM   1610 C CB  . GLU B 1 102 ? 6.437   -14.269 -0.194  1.00 24.78 ? 109 GLU B CB  1 
ATOM   1611 C CG  . GLU B 1 102 ? 7.196   -15.580 -0.163  1.00 30.15 ? 109 GLU B CG  1 
ATOM   1612 C CD  . GLU B 1 102 ? 8.633   -15.414 0.290   1.00 32.52 ? 109 GLU B CD  1 
ATOM   1613 O OE1 . GLU B 1 102 ? 8.843   -15.093 1.478   1.00 34.76 ? 109 GLU B OE1 1 
ATOM   1614 O OE2 . GLU B 1 102 ? 9.553   -15.603 -0.537  1.00 34.51 ? 109 GLU B OE2 1 
ATOM   1615 N N   . LYS B 1 103 ? 3.866   -13.117 -1.894  1.00 23.94 ? 110 LYS B N   1 
ATOM   1616 C CA  . LYS B 1 103 ? 2.490   -13.398 -2.286  1.00 25.64 ? 110 LYS B CA  1 
ATOM   1617 C C   . LYS B 1 103 ? 2.289   -13.401 -3.796  1.00 27.22 ? 110 LYS B C   1 
ATOM   1618 O O   . LYS B 1 103 ? 1.285   -13.914 -4.289  1.00 26.86 ? 110 LYS B O   1 
ATOM   1619 C CB  . LYS B 1 103 ? 1.524   -12.400 -1.638  1.00 26.01 ? 110 LYS B CB  1 
ATOM   1620 C CG  . LYS B 1 103 ? 1.738   -10.970 -2.049  1.00 27.97 ? 110 LYS B CG  1 
ATOM   1621 C CD  . LYS B 1 103 ? 0.548   -10.091 -1.687  1.00 29.86 ? 110 LYS B CD  1 
ATOM   1622 C CE  . LYS B 1 103 ? 0.333   -9.968  -0.189  1.00 28.82 ? 110 LYS B CE  1 
ATOM   1623 N NZ  . LYS B 1 103 ? -0.705  -8.932  0.106   1.00 28.55 ? 110 LYS B NZ  1 
ATOM   1624 N N   . TYR B 1 104 ? 3.245   -12.844 -4.534  1.00 28.97 ? 111 TYR B N   1 
ATOM   1625 C CA  . TYR B 1 104 ? 3.131   -12.784 -5.988  1.00 32.01 ? 111 TYR B CA  1 
ATOM   1626 C C   . TYR B 1 104 ? 4.048   -13.764 -6.711  1.00 33.43 ? 111 TYR B C   1 
ATOM   1627 O O   . TYR B 1 104 ? 4.224   -13.681 -7.923  1.00 33.81 ? 111 TYR B O   1 
ATOM   1628 C CB  . TYR B 1 104 ? 3.392   -11.353 -6.470  1.00 32.53 ? 111 TYR B CB  1 
ATOM   1629 C CG  . TYR B 1 104 ? 2.362   -10.374 -5.957  1.00 33.66 ? 111 TYR B CG  1 
ATOM   1630 C CD1 . TYR B 1 104 ? 1.042   -10.428 -6.406  1.00 34.22 ? 111 TYR B CD1 1 
ATOM   1631 C CD2 . TYR B 1 104 ? 2.683   -9.446  -4.967  1.00 33.88 ? 111 TYR B CD2 1 
ATOM   1632 C CE1 . TYR B 1 104 ? 0.064   -9.592  -5.875  1.00 34.26 ? 111 TYR B CE1 1 
ATOM   1633 C CE2 . TYR B 1 104 ? 1.712   -8.603  -4.430  1.00 34.03 ? 111 TYR B CE2 1 
ATOM   1634 C CZ  . TYR B 1 104 ? 0.404   -8.685  -4.885  1.00 34.98 ? 111 TYR B CZ  1 
ATOM   1635 O OH  . TYR B 1 104 ? -0.571  -7.885  -4.333  1.00 35.19 ? 111 TYR B OH  1 
ATOM   1636 N N   . LEU B 1 105 ? 4.617   -14.701 -5.962  1.00 34.79 ? 112 LEU B N   1 
ATOM   1637 C CA  . LEU B 1 105 ? 5.507   -15.705 -6.529  1.00 36.17 ? 112 LEU B CA  1 
ATOM   1638 C C   . LEU B 1 105 ? 4.812   -17.056 -6.660  1.00 37.06 ? 112 LEU B C   1 
ATOM   1639 O O   . LEU B 1 105 ? 4.841   -17.624 -7.773  1.00 37.88 ? 112 LEU B O   1 
ATOM   1640 C CB  . LEU B 1 105 ? 6.763   -15.842 -5.663  1.00 36.12 ? 112 LEU B CB  1 
ATOM   1641 C CG  . LEU B 1 105 ? 8.011   -15.091 -6.141  1.00 36.20 ? 112 LEU B CG  1 
ATOM   1642 C CD1 . LEU B 1 105 ? 7.649   -13.691 -6.608  1.00 36.86 ? 112 LEU B CD1 1 
ATOM   1643 C CD2 . LEU B 1 105 ? 9.032   -15.051 -5.019  1.00 35.01 ? 112 LEU B CD2 1 
ATOM   1644 O OXT . LEU B 1 105 ? 4.253   -17.535 -5.647  1.00 38.18 ? 112 LEU B OXT 1 
HETATM 1645 O O   . HOH C 2 .   ? -3.151  -13.481 6.381   1.00 21.89 ? 113 HOH A O   1 
HETATM 1646 O O   . HOH C 2 .   ? -11.547 -16.587 6.045   1.00 26.10 ? 114 HOH A O   1 
HETATM 1647 O O   . HOH C 2 .   ? -1.727  -5.844  3.026   1.00 16.33 ? 115 HOH A O   1 
HETATM 1648 O O   . HOH C 2 .   ? 3.865   -4.106  12.037  1.00 41.78 ? 116 HOH A O   1 
HETATM 1649 O O   . HOH C 2 .   ? -18.458 -2.092  -0.181  1.00 13.81 ? 117 HOH A O   1 
HETATM 1650 O O   . HOH C 2 .   ? -20.552 7.743   7.240   1.00 41.74 ? 118 HOH A O   1 
HETATM 1651 O O   . HOH C 2 .   ? -2.739  -14.926 3.956   1.00 22.42 ? 119 HOH A O   1 
HETATM 1652 O O   . HOH C 2 .   ? -7.975  5.578   18.244  1.00 52.92 ? 120 HOH A O   1 
HETATM 1653 O O   . HOH C 2 .   ? 4.180   -13.811 2.545   1.00 18.59 ? 121 HOH A O   1 
HETATM 1654 O O   . HOH C 2 .   ? -3.401  -11.619 -2.889  1.00 47.48 ? 122 HOH A O   1 
HETATM 1655 O O   . HOH C 2 .   ? -12.761 -7.675  -4.130  1.00 26.24 ? 123 HOH A O   1 
HETATM 1656 O O   . HOH C 2 .   ? -25.307 -2.112  8.673   1.00 21.29 ? 124 HOH A O   1 
HETATM 1657 O O   . HOH C 2 .   ? -17.379 5.907   9.648   1.00 25.49 ? 125 HOH A O   1 
HETATM 1658 O O   . HOH C 2 .   ? -16.698 4.439   12.326  1.00 22.74 ? 126 HOH A O   1 
HETATM 1659 O O   . HOH C 2 .   ? -15.158 -9.394  -0.681  1.00 21.02 ? 127 HOH A O   1 
HETATM 1660 O O   . HOH C 2 .   ? -2.509  16.853  4.460   1.00 57.30 ? 128 HOH A O   1 
HETATM 1661 O O   . HOH C 2 .   ? -2.645  -10.508 14.466  1.00 14.03 ? 129 HOH A O   1 
HETATM 1662 O O   . HOH C 2 .   ? -23.594 -1.166  5.488   1.00 22.16 ? 130 HOH A O   1 
HETATM 1663 O O   . HOH C 2 .   ? -3.659  -13.456 13.624  1.00 20.13 ? 131 HOH A O   1 
HETATM 1664 O O   . HOH C 2 .   ? -4.862  -14.225 8.581   1.00 23.75 ? 132 HOH A O   1 
HETATM 1665 O O   . HOH C 2 .   ? -11.801 -5.929  14.995  1.00 19.29 ? 133 HOH A O   1 
HETATM 1666 O O   . HOH C 2 .   ? -22.358 -2.529  -1.531  1.00 35.75 ? 134 HOH A O   1 
HETATM 1667 O O   . HOH C 2 .   ? -2.877  -0.144  11.258  1.00 28.39 ? 135 HOH A O   1 
HETATM 1668 O O   . HOH C 2 .   ? -19.628 -11.284 8.159   1.00 22.15 ? 136 HOH A O   1 
HETATM 1669 O O   . HOH C 2 .   ? -0.144  -8.234  2.882   1.00 14.36 ? 137 HOH A O   1 
HETATM 1670 O O   . HOH C 2 .   ? 0.816   10.264  14.006  1.00 30.82 ? 138 HOH A O   1 
HETATM 1671 O O   . HOH C 2 .   ? -5.266  1.311   16.336  1.00 40.47 ? 139 HOH A O   1 
HETATM 1672 O O   . HOH C 2 .   ? -9.984  -9.071  -3.451  1.00 36.65 ? 140 HOH A O   1 
HETATM 1673 O O   . HOH C 2 .   ? -5.407  -8.298  20.631  1.00 26.71 ? 141 HOH A O   1 
HETATM 1674 O O   . HOH C 2 .   ? -17.340 -14.420 15.021  1.00 37.90 ? 142 HOH A O   1 
HETATM 1675 O O   . HOH C 2 .   ? -3.971  1.891   13.547  1.00 23.08 ? 143 HOH A O   1 
HETATM 1676 O O   . HOH C 2 .   ? -2.037  6.276   18.696  1.00 63.35 ? 144 HOH A O   1 
HETATM 1677 O O   . HOH C 2 .   ? -22.478 -9.334  8.540   1.00 23.00 ? 145 HOH A O   1 
HETATM 1678 O O   . HOH C 2 .   ? -3.748  -8.861  -0.356  1.00 23.15 ? 146 HOH A O   1 
HETATM 1679 O O   . HOH C 2 .   ? -3.727  7.590   -3.024  1.00 37.63 ? 147 HOH A O   1 
HETATM 1680 O O   . HOH C 2 .   ? -18.066 -5.400  15.059  1.00 35.74 ? 148 HOH A O   1 
HETATM 1681 O O   . HOH C 2 .   ? -20.762 3.957   -3.318  1.00 47.35 ? 149 HOH A O   1 
HETATM 1682 O O   . HOH C 2 .   ? -11.374 -15.194 12.647  1.00 40.88 ? 150 HOH A O   1 
HETATM 1683 O O   . HOH C 2 .   ? -1.094  -0.589  17.586  1.00 28.32 ? 151 HOH A O   1 
HETATM 1684 O O   . HOH C 2 .   ? -0.276  12.976  7.710   1.00 28.82 ? 152 HOH A O   1 
HETATM 1685 O O   . HOH C 2 .   ? 2.427   8.844   0.444   1.00 26.60 ? 153 HOH A O   1 
HETATM 1686 O O   . HOH C 2 .   ? 6.588   -2.964  11.257  1.00 52.18 ? 154 HOH A O   1 
HETATM 1687 O O   . HOH C 2 .   ? -19.936 -14.502 9.488   1.00 36.03 ? 155 HOH A O   1 
HETATM 1688 O O   . HOH C 2 .   ? -10.719 -3.238  16.014  1.00 18.22 ? 156 HOH A O   1 
HETATM 1689 O O   . HOH C 2 .   ? -7.250  12.110  15.686  1.00 26.56 ? 157 HOH A O   1 
HETATM 1690 O O   . HOH C 2 .   ? -16.833 8.504   8.183   1.00 20.12 ? 158 HOH A O   1 
HETATM 1691 O O   . HOH C 2 .   ? -19.848 0.552   -0.776  1.00 26.15 ? 159 HOH A O   1 
HETATM 1692 O O   . HOH C 2 .   ? -4.464  15.031  -0.355  1.00 29.16 ? 160 HOH A O   1 
HETATM 1693 O O   . HOH C 2 .   ? -0.524  14.351  4.841   1.00 29.44 ? 161 HOH A O   1 
HETATM 1694 O O   . HOH C 2 .   ? 3.076   -6.730  9.948   1.00 21.62 ? 162 HOH A O   1 
HETATM 1695 O O   . HOH C 2 .   ? -12.091 1.207   17.794  1.00 51.28 ? 163 HOH A O   1 
HETATM 1696 O O   . HOH C 2 .   ? -10.627 -4.484  18.958  1.00 38.52 ? 164 HOH A O   1 
HETATM 1697 O O   . HOH C 2 .   ? -27.783 -9.580  1.547   1.00 45.74 ? 165 HOH A O   1 
HETATM 1698 O O   . HOH C 2 .   ? -4.075  -2.115  -4.418  1.00 31.97 ? 166 HOH A O   1 
HETATM 1699 O O   . HOH C 2 .   ? -16.362 0.058   18.335  1.00 35.78 ? 167 HOH A O   1 
HETATM 1700 O O   . HOH D 2 .   ? -2.316  0.871   -3.711  1.00 27.21 ? 113 HOH B O   1 
HETATM 1701 O O   . HOH D 2 .   ? 2.717   -8.118  2.849   1.00 18.18 ? 114 HOH B O   1 
HETATM 1702 O O   . HOH D 2 .   ? 8.858   9.139   4.396   1.00 53.28 ? 115 HOH B O   1 
HETATM 1703 O O   . HOH D 2 .   ? 4.566   -9.798  -21.612 1.00 28.38 ? 116 HOH B O   1 
HETATM 1704 O O   . HOH D 2 .   ? 14.906  3.617   6.046   1.00 16.44 ? 117 HOH B O   1 
HETATM 1705 O O   . HOH D 2 .   ? 2.959   -7.319  -18.278 1.00 16.10 ? 118 HOH B O   1 
HETATM 1706 O O   . HOH D 2 .   ? 14.850  7.059   -12.308 1.00 20.66 ? 119 HOH B O   1 
HETATM 1707 O O   . HOH D 2 .   ? 3.494   -5.466  -14.829 1.00 12.21 ? 120 HOH B O   1 
HETATM 1708 O O   . HOH D 2 .   ? 12.965  4.397   -1.514  1.00 25.57 ? 121 HOH B O   1 
HETATM 1709 O O   . HOH D 2 .   ? 18.355  9.151   -0.897  1.00 38.49 ? 122 HOH B O   1 
HETATM 1710 O O   . HOH D 2 .   ? 3.247   7.611   -2.306  1.00 24.75 ? 123 HOH B O   1 
HETATM 1711 O O   . HOH D 2 .   ? 7.021   13.256  -5.709  1.00 44.59 ? 124 HOH B O   1 
HETATM 1712 O O   . HOH D 2 .   ? 15.058  -10.667 -12.124 1.00 23.75 ? 125 HOH B O   1 
HETATM 1713 O O   . HOH D 2 .   ? 6.581   7.849   2.598   1.00 41.01 ? 126 HOH B O   1 
HETATM 1714 O O   . HOH D 2 .   ? 11.174  -5.983  -17.135 1.00 35.23 ? 127 HOH B O   1 
HETATM 1715 O O   . HOH D 2 .   ? 15.851  -7.204  -11.021 1.00 19.62 ? 128 HOH B O   1 
HETATM 1716 O O   . HOH D 2 .   ? 1.156   5.960   -4.127  1.00 44.58 ? 129 HOH B O   1 
HETATM 1717 O O   . HOH D 2 .   ? 13.844  -1.580  5.874   1.00 24.83 ? 130 HOH B O   1 
HETATM 1718 O O   . HOH D 2 .   ? 0.889   -3.897  -20.036 1.00 20.87 ? 131 HOH B O   1 
HETATM 1719 O O   . HOH D 2 .   ? 15.886  -16.420 -7.226  1.00 32.36 ? 132 HOH B O   1 
HETATM 1720 O O   . HOH D 2 .   ? 13.809  13.292  3.968   1.00 40.53 ? 133 HOH B O   1 
HETATM 1721 O O   . HOH D 2 .   ? 12.634  -17.955 -12.502 1.00 47.84 ? 134 HOH B O   1 
HETATM 1722 O O   . HOH D 2 .   ? 4.277   -8.327  -14.829 1.00 19.27 ? 135 HOH B O   1 
HETATM 1723 O O   . HOH D 2 .   ? 15.997  4.356   -1.448  1.00 23.26 ? 136 HOH B O   1 
HETATM 1724 O O   . HOH D 2 .   ? 22.980  -4.413  -0.278  1.00 28.42 ? 137 HOH B O   1 
HETATM 1725 O O   . HOH D 2 .   ? 4.923   -8.905  7.222   1.00 34.44 ? 138 HOH B O   1 
HETATM 1726 O O   . HOH D 2 .   ? 5.543   3.168   6.609   1.00 18.37 ? 139 HOH B O   1 
HETATM 1727 O O   . HOH D 2 .   ? 16.830  5.784   -10.191 1.00 20.05 ? 140 HOH B O   1 
HETATM 1728 O O   . HOH D 2 .   ? 21.365  0.685   -7.584  1.00 54.27 ? 141 HOH B O   1 
HETATM 1729 O O   . HOH D 2 .   ? 6.995   -7.070  8.700   1.00 36.89 ? 142 HOH B O   1 
HETATM 1730 O O   . HOH D 2 .   ? 7.725   1.504   9.284   1.00 46.77 ? 143 HOH B O   1 
HETATM 1731 O O   . HOH D 2 .   ? 16.657  9.044   -13.880 1.00 34.40 ? 144 HOH B O   1 
HETATM 1732 O O   . HOH D 2 .   ? 8.788   2.320   -22.599 1.00 26.00 ? 145 HOH B O   1 
HETATM 1733 O O   . HOH D 2 .   ? 16.939  2.857   -3.782  1.00 29.65 ? 146 HOH B O   1 
HETATM 1734 O O   . HOH D 2 .   ? 11.144  14.597  -6.456  1.00 34.95 ? 147 HOH B O   1 
HETATM 1735 O O   . HOH D 2 .   ? 6.840   3.986   10.770  1.00 29.47 ? 148 HOH B O   1 
HETATM 1736 O O   . HOH D 2 .   ? 5.578   -0.621  9.388   1.00 29.51 ? 149 HOH B O   1 
HETATM 1737 O O   . HOH D 2 .   ? 6.801   1.910   16.476  1.00 46.57 ? 150 HOH B O   1 
HETATM 1738 O O   . HOH D 2 .   ? -1.304  9.742   -2.554  1.00 42.88 ? 151 HOH B O   1 
HETATM 1739 O O   . HOH D 2 .   ? 14.631  -16.739 -3.662  1.00 47.76 ? 152 HOH B O   1 
HETATM 1740 O O   . HOH D 2 .   ? 15.451  -9.430  -9.028  1.00 22.22 ? 153 HOH B O   1 
HETATM 1741 O O   . HOH D 2 .   ? 7.060   4.485   -20.747 1.00 38.75 ? 154 HOH B O   1 
HETATM 1742 O O   . HOH D 2 .   ? 9.905   -9.338  -19.011 1.00 29.18 ? 155 HOH B O   1 
HETATM 1743 O O   . HOH D 2 .   ? 4.587   -2.869  7.737   1.00 26.98 ? 156 HOH B O   1 
HETATM 1744 O O   . HOH D 2 .   ? 5.850   -15.450 -16.249 1.00 40.34 ? 157 HOH B O   1 
HETATM 1745 O O   . HOH D 2 .   ? 3.625   -11.837 -14.642 1.00 18.01 ? 158 HOH B O   1 
HETATM 1746 O O   . HOH D 2 .   ? 6.538   -11.263 -23.528 1.00 33.00 ? 159 HOH B O   1 
HETATM 1747 O O   . HOH D 2 .   ? 19.207  6.274   -1.571  1.00 30.92 ? 160 HOH B O   1 
HETATM 1748 O O   . HOH D 2 .   ? 6.693   -15.321 2.854   1.00 30.44 ? 161 HOH B O   1 
HETATM 1749 O O   . HOH D 2 .   ? 11.534  11.461  2.316   1.00 27.26 ? 162 HOH B O   1 
HETATM 1750 O O   . HOH D 2 .   ? 9.394   6.595   6.221   1.00 27.29 ? 163 HOH B O   1 
HETATM 1751 O O   . HOH D 2 .   ? -2.570  -5.816  0.112   1.00 31.36 ? 164 HOH B O   1 
HETATM 1752 O O   . HOH D 2 .   ? 18.746  13.389  -9.174  1.00 38.73 ? 165 HOH B O   1 
HETATM 1753 O O   . HOH D 2 .   ? -2.373  -8.755  -12.453 1.00 23.21 ? 166 HOH B O   1 
HETATM 1754 O O   . HOH D 2 .   ? 7.164   -11.878 8.618   1.00 33.80 ? 167 HOH B O   1 
HETATM 1755 O O   . HOH D 2 .   ? 8.061   -17.491 -9.694  1.00 46.83 ? 168 HOH B O   1 
HETATM 1756 O O   . HOH D 2 .   ? -0.710  -15.098 -2.496  1.00 30.19 ? 169 HOH B O   1 
HETATM 1757 O O   . HOH D 2 .   ? 21.588  1.672   -4.532  1.00 46.50 ? 170 HOH B O   1 
HETATM 1758 O O   . HOH D 2 .   ? 18.547  0.379   -4.248  1.00 31.53 ? 171 HOH B O   1 
HETATM 1759 O O   . HOH D 2 .   ? 8.657   12.285  1.102   1.00 31.96 ? 172 HOH B O   1 
HETATM 1760 O O   . HOH D 2 .   ? 10.925  -12.584 -22.869 1.00 39.39 ? 173 HOH B O   1 
HETATM 1761 O O   . HOH D 2 .   ? -0.643  1.816   -14.648 1.00 34.82 ? 174 HOH B O   1 
HETATM 1762 O O   . HOH D 2 .   ? 7.234   3.560   13.833  1.00 44.70 ? 175 HOH B O   1 
HETATM 1763 O O   . HOH D 2 .   ? 12.300  10.580  -17.044 1.00 37.48 ? 176 HOH B O   1 
HETATM 1764 O O   . HOH D 2 .   ? -6.482  -8.655  -14.659 1.00 50.26 ? 177 HOH B O   1 
HETATM 1765 O O   . HOH D 2 .   ? 17.493  -10.578 0.822   1.00 35.41 ? 178 HOH B O   1 
# 
